data_2IHU
#
_entry.id   2IHU
#
_cell.length_a   119.691
_cell.length_b   127.863
_cell.length_c   197.150
_cell.angle_alpha   90.00
_cell.angle_beta   90.00
_cell.angle_gamma   90.00
#
_symmetry.space_group_name_H-M   'P 21 21 21'
#
loop_
_entity.id
_entity.type
_entity.pdbx_description
1 polymer 'Carboxyethylarginine synthase'
2 non-polymer 'MAGNESIUM ION'
3 non-polymer 'POTASSIUM ION'
4 non-polymer '(3Z)-4-{[(4-AMINO-2-METHYLPYRIMIDIN-5-YL)METHYL]AMINO}-3-MERCAPTOPENT-3-EN-1-YL TRIHYDROGEN DIPHOSPHATE'
5 non-polymer 'D(-)-TARTARIC ACID'
6 non-polymer GLYCEROL
7 non-polymer '5-(2-{[HYDROXY(PHOSPHONOOXY)PHOSPHORYL]OXY}ETHYL)-2-[(1Z)-1-HYDROXY-3-(PHOSPHONOOXY)PROP-1-EN-1-YL]-3-{[(4Z)-4-IMINO-2- METHYL-4,5-DIHYDROPYRIMIDIN-5-YL]METHYL}-4-METHYL-1,3-THIAZOL-3-IUM'
8 water water
#
_entity_poly.entity_id   1
_entity_poly.type   'polypeptide(L)'
_entity_poly.pdbx_seq_one_letter_code
;MSRVSTAPSGKPTAAHALLSRLRDHGVGKVFGVVGREAASILFDEVEGIDFVLTRHEFTAGVAADVLARITGRPQACWAT
LGPGMTNLSTGIATSVLDRSPVIALAAQSESHDIFPNDTHQCLDSVAIVAPMSKYAVELQRPHEITDLVDSAVNAAMTEP
VGPSFISLPVDLLGSSEGIDTTVPNPPANTPAKPVGVVADGWQKAADQAAALLAEAKHPVLVVGAAAIRSGAVPAIRALA
ERLNIPVITTYIAKGVLPVGHELNYGAVTGYMDGILNFPALQTMFAPVDLVLTVGYDYAEDLRPSMWQKGIEKKTVRISP
TVNPIPRVYRPDVDVVTDVLAFVEHFETATASFGAKQRHDIEPLRARIAEFLADPETYEDGMRVHQVIDSMNTVMEEAAE
PGEGTIVSDIGFFRHYGVLFARADQPFGFLTSAGCSSFGYGIPAAIGAQMARPDQPTFLIAGDGGFHSNSSDLETIARLN
LPIVTVVVNNDTNGLIELYQNIGHHRSHDPAVKFGGVDFVALAEANGVDATRATNREELLAALRKGAELGRPFLIEVPVN
YDFQPGGFGALSI
;
_entity_poly.pdbx_strand_id   A,B,C,D
#
loop_
_chem_comp.id
_chem_comp.type
_chem_comp.name
_chem_comp.formula
GOL non-polymer GLYCEROL 'C3 H8 O3'
K non-polymer 'POTASSIUM ION' 'K 1'
MG non-polymer 'MAGNESIUM ION' 'Mg 2'
TAR non-polymer 'D(-)-TARTARIC ACID' 'C4 H6 O6'
TP8 non-polymer '5-(2-{[HYDROXY(PHOSPHONOOXY)PHOSPHORYL]OXY}ETHYL)-2-[(1Z)-1-HYDROXY-3-(PHOSPHONOOXY)PROP-1-EN-1-YL]-3-{[(4Z)-4-IMINO-2- METHYL-4,5-DIHYDROPYRIMIDIN-5-YL]METHYL}-4-METHYL-1,3-THIAZOL-3-IUM' 'C15 H21 N4 O12 P3 S -2'
TP9 non-polymer '(3Z)-4-{[(4-AMINO-2-METHYLPYRIMIDIN-5-YL)METHYL]AMINO}-3-MERCAPTOPENT-3-EN-1-YL TRIHYDROGEN DIPHOSPHATE' 'C11 H18 N4 O7 P2 S -2'
#
# COMPACT_ATOMS: atom_id res chain seq x y z
N LYS A 11 12.34 -36.56 1.38
CA LYS A 11 11.36 -36.11 2.42
C LYS A 11 10.37 -35.10 1.83
N PRO A 12 9.08 -35.19 2.21
CA PRO A 12 8.03 -34.27 1.73
C PRO A 12 8.34 -32.80 2.01
N THR A 13 8.11 -31.95 1.02
CA THR A 13 8.43 -30.53 1.12
C THR A 13 7.15 -29.69 1.33
N ALA A 14 7.31 -28.38 1.39
CA ALA A 14 6.14 -27.47 1.48
C ALA A 14 5.19 -27.64 0.28
N ALA A 15 5.74 -28.00 -0.88
CA ALA A 15 4.93 -28.30 -2.06
C ALA A 15 3.96 -29.44 -1.80
N HIS A 16 4.45 -30.48 -1.11
CA HIS A 16 3.60 -31.60 -0.71
C HIS A 16 2.55 -31.13 0.31
N ALA A 17 2.98 -30.34 1.30
CA ALA A 17 2.10 -29.86 2.36
C ALA A 17 1.00 -28.94 1.84
N LEU A 18 1.32 -28.18 0.78
CA LEU A 18 0.37 -27.26 0.16
C LEU A 18 -0.72 -28.03 -0.59
N LEU A 19 -0.32 -28.95 -1.45
CA LEU A 19 -1.27 -29.75 -2.22
C LEU A 19 -2.11 -30.62 -1.30
N SER A 20 -1.48 -31.17 -0.28
CA SER A 20 -2.16 -31.98 0.71
C SER A 20 -3.23 -31.17 1.48
N ARG A 21 -2.92 -29.92 1.84
CA ARG A 21 -3.91 -29.07 2.52
C ARG A 21 -5.05 -28.62 1.59
N LEU A 22 -4.74 -28.32 0.34
CA LEU A 22 -5.79 -28.08 -0.65
C LEU A 22 -6.75 -29.26 -0.77
N ARG A 23 -6.18 -30.48 -0.84
CA ARG A 23 -6.97 -31.70 -0.86
C ARG A 23 -7.85 -31.85 0.39
N ASP A 24 -7.32 -31.52 1.56
CA ASP A 24 -8.11 -31.50 2.81
C ASP A 24 -9.37 -30.62 2.68
N HIS A 25 -9.25 -29.54 1.90
CA HIS A 25 -10.34 -28.59 1.67
C HIS A 25 -11.24 -28.94 0.47
N GLY A 26 -11.06 -30.15 -0.06
CA GLY A 26 -11.92 -30.67 -1.13
C GLY A 26 -11.44 -30.43 -2.54
N VAL A 27 -10.30 -29.76 -2.69
CA VAL A 27 -9.77 -29.38 -4.00
C VAL A 27 -9.24 -30.61 -4.74
N GLY A 28 -9.67 -30.78 -5.98
CA GLY A 28 -9.26 -31.93 -6.78
C GLY A 28 -8.52 -31.55 -8.05
N LYS A 29 -8.51 -30.25 -8.35
CA LYS A 29 -7.88 -29.71 -9.56
C LYS A 29 -7.15 -28.41 -9.20
N VAL A 30 -5.98 -28.20 -9.82
CA VAL A 30 -5.30 -26.91 -9.76
C VAL A 30 -5.13 -26.46 -11.20
N PHE A 31 -5.75 -25.34 -11.56
CA PHE A 31 -5.64 -24.80 -12.91
C PHE A 31 -4.45 -23.86 -12.97
N GLY A 32 -3.68 -23.90 -14.06
CA GLY A 32 -2.65 -22.86 -14.23
C GLY A 32 -1.60 -23.05 -15.30
N VAL A 33 -0.53 -22.25 -15.19
CA VAL A 33 0.68 -22.39 -16.02
C VAL A 33 1.87 -22.42 -15.06
N VAL A 34 2.71 -23.45 -15.18
CA VAL A 34 3.88 -23.61 -14.29
C VAL A 34 5.14 -23.02 -14.93
N GLY A 35 5.93 -22.33 -14.12
CA GLY A 35 7.23 -21.81 -14.56
C GLY A 35 8.39 -22.54 -13.91
N ARG A 36 9.48 -21.83 -13.64
CA ARG A 36 10.71 -22.47 -13.17
C ARG A 36 10.58 -23.08 -11.77
N GLU A 37 9.51 -22.71 -11.05
CA GLU A 37 9.16 -23.34 -9.76
C GLU A 37 8.83 -24.82 -9.91
N ALA A 38 8.72 -25.29 -11.15
CA ALA A 38 8.60 -26.71 -11.47
C ALA A 38 9.74 -27.52 -10.87
N ALA A 39 10.87 -26.84 -10.62
CA ALA A 39 12.01 -27.44 -9.93
C ALA A 39 11.67 -27.78 -8.49
N SER A 40 10.71 -27.05 -7.91
CA SER A 40 10.26 -27.26 -6.52
C SER A 40 8.91 -27.96 -6.37
N ILE A 41 8.10 -27.98 -7.43
CA ILE A 41 6.77 -28.60 -7.40
C ILE A 41 6.46 -29.32 -8.73
N LEU A 42 6.15 -30.61 -8.64
CA LEU A 42 5.86 -31.44 -9.82
C LEU A 42 4.38 -31.47 -10.15
N PHE A 43 3.56 -31.56 -9.10
CA PHE A 43 2.09 -31.66 -9.14
C PHE A 43 1.54 -33.08 -9.15
N ASP A 44 2.44 -34.04 -8.90
CA ASP A 44 2.07 -35.43 -8.68
C ASP A 44 2.26 -35.83 -7.22
N GLU A 45 2.61 -34.87 -6.36
CA GLU A 45 2.95 -35.16 -4.97
C GLU A 45 1.81 -35.81 -4.20
N VAL A 46 0.58 -35.43 -4.51
CA VAL A 46 -0.60 -35.82 -3.73
C VAL A 46 -1.66 -36.46 -4.62
N GLU A 47 -2.10 -37.66 -4.24
CA GLU A 47 -3.14 -38.37 -4.98
C GLU A 47 -4.50 -37.70 -4.79
N GLY A 48 -5.22 -37.52 -5.89
CA GLY A 48 -6.56 -36.93 -5.84
C GLY A 48 -6.58 -35.47 -6.23
N ILE A 49 -5.42 -34.93 -6.59
CA ILE A 49 -5.34 -33.54 -7.03
C ILE A 49 -4.51 -33.45 -8.33
N ASP A 50 -5.14 -32.99 -9.41
CA ASP A 50 -4.53 -32.96 -10.74
C ASP A 50 -4.30 -31.53 -11.23
N PHE A 51 -3.22 -31.33 -11.96
CA PHE A 51 -2.95 -30.04 -12.58
C PHE A 51 -3.65 -29.95 -13.93
N VAL A 52 -4.25 -28.80 -14.18
CA VAL A 52 -4.93 -28.52 -15.42
C VAL A 52 -4.22 -27.35 -16.12
N LEU A 53 -3.44 -27.67 -17.14
CA LEU A 53 -2.61 -26.71 -17.86
C LEU A 53 -3.40 -25.92 -18.88
N THR A 54 -3.29 -24.60 -18.82
CA THR A 54 -3.97 -23.69 -19.74
C THR A 54 -2.92 -23.00 -20.62
N ARG A 55 -3.34 -22.28 -21.65
CA ARG A 55 -2.39 -21.55 -22.51
C ARG A 55 -2.04 -20.17 -21.93
N HIS A 56 -2.86 -19.70 -21.00
CA HIS A 56 -2.69 -18.40 -20.39
C HIS A 56 -3.23 -18.48 -18.96
N GLU A 57 -2.64 -17.72 -18.06
CA GLU A 57 -3.02 -17.75 -16.64
C GLU A 57 -4.42 -17.20 -16.37
N PHE A 58 -4.84 -16.20 -17.15
CA PHE A 58 -6.22 -15.67 -17.05
C PHE A 58 -7.26 -16.79 -17.10
N THR A 59 -7.10 -17.68 -18.08
CA THR A 59 -7.98 -18.82 -18.26
C THR A 59 -8.02 -19.71 -17.02
N ALA A 60 -6.86 -19.92 -16.40
CA ALA A 60 -6.77 -20.73 -15.19
C ALA A 60 -7.55 -20.10 -14.02
N GLY A 61 -7.38 -18.79 -13.82
CA GLY A 61 -8.06 -18.07 -12.74
C GLY A 61 -9.58 -18.05 -12.88
N VAL A 62 -10.05 -17.87 -14.11
CA VAL A 62 -11.48 -17.81 -14.39
C VAL A 62 -12.12 -19.19 -14.28
N ALA A 63 -11.41 -20.24 -14.74
CA ALA A 63 -11.94 -21.61 -14.65
C ALA A 63 -12.16 -22.01 -13.20
N ALA A 64 -11.22 -21.63 -12.33
CA ALA A 64 -11.35 -21.87 -10.88
C ALA A 64 -12.51 -21.07 -10.27
N ASP A 65 -12.66 -19.81 -10.68
CA ASP A 65 -13.76 -18.94 -10.27
C ASP A 65 -15.13 -19.58 -10.59
N VAL A 66 -15.30 -19.99 -11.84
CA VAL A 66 -16.58 -20.58 -12.27
C VAL A 66 -16.84 -21.93 -11.60
N LEU A 67 -15.82 -22.79 -11.54
CA LEU A 67 -15.93 -24.06 -10.82
C LEU A 67 -16.33 -23.83 -9.35
N ALA A 68 -15.73 -22.81 -8.74
CA ALA A 68 -16.03 -22.45 -7.36
C ALA A 68 -17.47 -21.95 -7.20
N ARG A 69 -17.94 -21.18 -8.16
CA ARG A 69 -19.32 -20.67 -8.15
C ARG A 69 -20.34 -21.80 -8.21
N ILE A 70 -20.16 -22.71 -9.17
CA ILE A 70 -21.13 -23.80 -9.38
C ILE A 70 -21.08 -24.85 -8.26
N THR A 71 -19.89 -25.24 -7.84
CA THR A 71 -19.75 -26.23 -6.75
C THR A 71 -20.04 -25.65 -5.36
N GLY A 72 -19.84 -24.34 -5.19
CA GLY A 72 -19.87 -23.72 -3.87
C GLY A 72 -18.68 -24.08 -2.96
N ARG A 73 -17.62 -24.62 -3.57
CA ARG A 73 -16.44 -25.05 -2.83
C ARG A 73 -15.20 -24.29 -3.31
N PRO A 74 -14.26 -23.98 -2.40
CA PRO A 74 -13.02 -23.31 -2.80
C PRO A 74 -12.30 -24.09 -3.90
N GLN A 75 -11.74 -23.36 -4.86
CA GLN A 75 -10.98 -23.96 -5.95
C GLN A 75 -9.60 -23.28 -6.02
N ALA A 76 -8.75 -23.72 -6.93
CA ALA A 76 -7.35 -23.28 -6.92
C ALA A 76 -6.75 -23.06 -8.29
N CYS A 77 -5.93 -22.01 -8.39
CA CYS A 77 -5.17 -21.74 -9.61
C CYS A 77 -3.72 -21.44 -9.26
N TRP A 78 -2.86 -21.46 -10.28
CA TRP A 78 -1.42 -21.44 -10.12
C TRP A 78 -0.72 -20.63 -11.20
N ALA A 79 0.21 -19.76 -10.80
CA ALA A 79 1.06 -19.07 -11.78
C ALA A 79 2.50 -18.99 -11.30
N THR A 80 3.41 -18.67 -12.22
CA THR A 80 4.81 -18.47 -11.88
C THR A 80 5.03 -17.05 -11.35
N LEU A 81 6.28 -16.71 -11.07
CA LEU A 81 6.61 -15.39 -10.52
C LEU A 81 6.46 -14.30 -11.57
N GLY A 82 6.51 -13.04 -11.13
CA GLY A 82 6.50 -11.91 -12.05
C GLY A 82 5.29 -11.93 -12.99
N PRO A 83 5.53 -12.06 -14.31
CA PRO A 83 4.43 -11.99 -15.30
C PRO A 83 3.42 -13.13 -15.22
N GLY A 84 3.79 -14.26 -14.61
CA GLY A 84 2.81 -15.30 -14.34
C GLY A 84 1.73 -14.74 -13.43
N MET A 85 2.19 -14.16 -12.32
CA MET A 85 1.35 -13.59 -11.28
C MET A 85 0.50 -12.43 -11.82
N THR A 86 1.09 -11.52 -12.61
CA THR A 86 0.31 -10.42 -13.20
C THR A 86 -0.76 -10.91 -14.19
N ASN A 87 -0.43 -11.91 -15.00
CA ASN A 87 -1.44 -12.55 -15.87
C ASN A 87 -2.56 -13.21 -15.07
N LEU A 88 -2.20 -13.93 -14.01
CA LEU A 88 -3.17 -14.53 -13.11
C LEU A 88 -4.07 -13.46 -12.47
N SER A 89 -3.51 -12.28 -12.23
CA SER A 89 -4.23 -11.23 -11.51
C SER A 89 -5.57 -10.82 -12.16
N THR A 90 -5.70 -10.96 -13.48
CA THR A 90 -7.00 -10.67 -14.14
C THR A 90 -8.06 -11.71 -13.74
N GLY A 91 -7.62 -12.95 -13.54
CA GLY A 91 -8.44 -14.00 -12.98
C GLY A 91 -8.79 -13.73 -11.52
N ILE A 92 -7.82 -13.23 -10.75
CA ILE A 92 -8.05 -12.80 -9.37
C ILE A 92 -9.05 -11.62 -9.30
N ALA A 93 -8.88 -10.62 -10.14
CA ALA A 93 -9.87 -9.53 -10.24
C ALA A 93 -11.26 -10.08 -10.60
N THR A 94 -11.31 -11.08 -11.48
CA THR A 94 -12.57 -11.74 -11.81
C THR A 94 -13.24 -12.28 -10.53
N SER A 95 -12.47 -13.00 -9.73
CA SER A 95 -12.97 -13.60 -8.49
C SER A 95 -13.40 -12.58 -7.45
N VAL A 96 -12.67 -11.47 -7.33
CA VAL A 96 -13.00 -10.49 -6.28
C VAL A 96 -14.26 -9.69 -6.64
N LEU A 97 -14.43 -9.34 -7.90
CA LEU A 97 -15.64 -8.61 -8.33
C LEU A 97 -16.87 -9.49 -8.54
N ASP A 98 -16.66 -10.72 -9.02
CA ASP A 98 -17.74 -11.68 -9.31
C ASP A 98 -18.10 -12.56 -8.10
N ARG A 99 -17.26 -12.51 -7.06
CA ARG A 99 -17.49 -13.21 -5.80
C ARG A 99 -17.39 -14.73 -5.97
N SER A 100 -16.17 -15.25 -5.90
CA SER A 100 -15.95 -16.70 -5.84
C SER A 100 -14.79 -17.00 -4.89
N PRO A 101 -14.86 -18.11 -4.13
CA PRO A 101 -13.77 -18.47 -3.22
C PRO A 101 -12.61 -19.21 -3.92
N VAL A 102 -11.68 -18.43 -4.47
CA VAL A 102 -10.56 -18.99 -5.21
C VAL A 102 -9.29 -18.84 -4.37
N ILE A 103 -8.48 -19.90 -4.34
CA ILE A 103 -7.15 -19.83 -3.74
C ILE A 103 -6.17 -19.69 -4.90
N ALA A 104 -5.61 -18.49 -5.04
CA ALA A 104 -4.66 -18.18 -6.10
C ALA A 104 -3.25 -18.29 -5.53
N LEU A 105 -2.40 -19.06 -6.21
CA LEU A 105 -1.06 -19.34 -5.74
C LEU A 105 -0.07 -18.93 -6.83
N ALA A 106 1.03 -18.29 -6.44
CA ALA A 106 2.06 -17.90 -7.41
C ALA A 106 3.45 -18.06 -6.84
N ALA A 107 4.36 -18.56 -7.66
CA ALA A 107 5.77 -18.66 -7.29
C ALA A 107 6.37 -17.27 -7.07
N GLN A 108 7.49 -17.21 -6.35
CA GLN A 108 8.25 -15.98 -6.15
C GLN A 108 9.75 -16.32 -6.21
N SER A 109 10.59 -15.31 -6.47
CA SER A 109 12.04 -15.47 -6.34
C SER A 109 12.43 -16.13 -5.01
N GLU A 110 13.59 -16.78 -5.01
CA GLU A 110 14.17 -17.34 -3.79
C GLU A 110 14.15 -16.30 -2.68
N SER A 111 13.77 -16.71 -1.48
CA SER A 111 13.51 -15.76 -0.38
C SER A 111 14.65 -14.75 -0.14
N HIS A 112 15.90 -15.23 -0.18
CA HIS A 112 17.07 -14.38 0.08
C HIS A 112 17.40 -13.44 -1.08
N ASP A 113 16.68 -13.61 -2.19
CA ASP A 113 16.95 -12.86 -3.42
C ASP A 113 15.73 -12.02 -3.88
N ILE A 114 14.81 -11.75 -2.94
CA ILE A 114 13.62 -10.96 -3.25
C ILE A 114 13.97 -9.48 -3.18
N PHE A 115 14.18 -8.89 -4.36
CA PHE A 115 14.39 -7.47 -4.53
C PHE A 115 13.45 -7.06 -5.67
N PRO A 116 12.21 -6.65 -5.33
CA PRO A 116 11.20 -6.31 -6.33
C PRO A 116 11.70 -5.27 -7.32
N ASN A 117 11.50 -5.54 -8.61
CA ASN A 117 11.90 -4.64 -9.70
C ASN A 117 13.43 -4.54 -9.90
N ASP A 118 14.18 -5.44 -9.26
CA ASP A 118 15.64 -5.56 -9.47
C ASP A 118 16.07 -6.99 -9.77
N THR A 119 15.64 -7.94 -8.96
CA THR A 119 15.87 -9.35 -9.27
C THR A 119 15.05 -9.74 -10.50
N HIS A 120 15.66 -10.52 -11.39
CA HIS A 120 15.04 -11.10 -12.57
C HIS A 120 13.66 -11.70 -12.24
N GLN A 121 12.63 -11.20 -12.92
CA GLN A 121 11.26 -11.68 -12.78
C GLN A 121 10.64 -11.41 -11.40
N CYS A 122 11.26 -10.56 -10.60
CA CYS A 122 10.80 -10.34 -9.23
C CYS A 122 9.92 -9.09 -9.11
N LEU A 123 8.66 -9.31 -8.74
CA LEU A 123 7.74 -8.22 -8.47
C LEU A 123 7.20 -8.35 -7.05
N ASP A 124 6.69 -7.25 -6.52
CA ASP A 124 6.12 -7.26 -5.20
C ASP A 124 4.69 -7.80 -5.26
N SER A 125 4.57 -9.13 -5.36
CA SER A 125 3.30 -9.81 -5.61
C SER A 125 2.23 -9.51 -4.60
N VAL A 126 2.58 -9.60 -3.32
CA VAL A 126 1.62 -9.35 -2.24
C VAL A 126 1.07 -7.92 -2.34
N ALA A 127 1.94 -6.94 -2.60
CA ALA A 127 1.50 -5.53 -2.70
C ALA A 127 0.60 -5.28 -3.92
N ILE A 128 0.87 -6.00 -5.00
CA ILE A 128 0.09 -5.89 -6.24
C ILE A 128 -1.29 -6.58 -6.10
N VAL A 129 -1.32 -7.69 -5.39
CA VAL A 129 -2.56 -8.48 -5.27
C VAL A 129 -3.45 -8.06 -4.09
N ALA A 130 -2.85 -7.56 -3.01
CA ALA A 130 -3.60 -7.21 -1.79
C ALA A 130 -4.86 -6.38 -2.05
N PRO A 131 -4.78 -5.34 -2.91
CA PRO A 131 -5.98 -4.53 -3.17
C PRO A 131 -7.12 -5.25 -3.90
N MET A 132 -6.85 -6.42 -4.48
CA MET A 132 -7.86 -7.15 -5.27
C MET A 132 -8.16 -8.52 -4.67
N SER A 133 -7.93 -8.68 -3.38
CA SER A 133 -8.14 -9.98 -2.77
C SER A 133 -8.66 -9.86 -1.34
N LYS A 134 -9.13 -10.98 -0.80
CA LYS A 134 -9.62 -11.06 0.56
C LYS A 134 -8.46 -11.20 1.56
N TYR A 135 -7.31 -11.67 1.05
CA TYR A 135 -6.19 -12.12 1.87
C TYR A 135 -5.02 -12.27 0.91
N ALA A 136 -3.82 -11.87 1.34
CA ALA A 136 -2.62 -11.98 0.52
C ALA A 136 -1.38 -12.06 1.41
N VAL A 137 -0.57 -13.10 1.22
CA VAL A 137 0.55 -13.40 2.12
C VAL A 137 1.72 -14.03 1.35
N GLU A 138 2.94 -13.84 1.86
CA GLU A 138 4.12 -14.54 1.33
C GLU A 138 4.62 -15.57 2.34
N LEU A 139 4.86 -16.79 1.85
CA LEU A 139 5.43 -17.87 2.68
C LEU A 139 6.83 -17.51 3.14
N GLN A 140 7.08 -17.73 4.43
CA GLN A 140 8.37 -17.39 5.03
C GLN A 140 9.03 -18.57 5.73
N ARG A 141 8.21 -19.44 6.32
CA ARG A 141 8.69 -20.62 7.02
C ARG A 141 7.88 -21.80 6.47
N PRO A 142 8.55 -22.73 5.74
CA PRO A 142 7.89 -23.81 4.98
C PRO A 142 6.71 -24.54 5.65
N HIS A 143 6.85 -24.90 6.93
CA HIS A 143 5.82 -25.69 7.62
C HIS A 143 4.50 -24.92 7.82
N GLU A 144 4.58 -23.59 7.76
CA GLU A 144 3.41 -22.73 7.97
C GLU A 144 2.45 -22.67 6.77
N ILE A 145 2.82 -23.29 5.65
CA ILE A 145 1.96 -23.31 4.46
C ILE A 145 0.57 -23.91 4.76
N THR A 146 0.54 -24.85 5.70
CA THR A 146 -0.73 -25.45 6.11
C THR A 146 -1.67 -24.40 6.72
N ASP A 147 -1.18 -23.61 7.67
CA ASP A 147 -2.01 -22.55 8.26
C ASP A 147 -2.29 -21.38 7.30
N LEU A 148 -1.38 -21.12 6.36
CA LEU A 148 -1.61 -20.07 5.36
C LEU A 148 -2.75 -20.45 4.42
N VAL A 149 -2.80 -21.73 4.03
CA VAL A 149 -3.94 -22.25 3.25
C VAL A 149 -5.26 -22.11 4.03
N ASP A 150 -5.23 -22.47 5.31
CA ASP A 150 -6.41 -22.37 6.16
C ASP A 150 -6.92 -20.94 6.28
N SER A 151 -6.00 -20.00 6.45
CA SER A 151 -6.34 -18.58 6.54
C SER A 151 -6.82 -18.03 5.20
N ALA A 152 -6.26 -18.54 4.10
CA ALA A 152 -6.69 -18.20 2.76
C ALA A 152 -8.14 -18.62 2.53
N VAL A 153 -8.45 -19.89 2.84
CA VAL A 153 -9.82 -20.42 2.76
C VAL A 153 -10.80 -19.68 3.68
N ASN A 154 -10.39 -19.46 4.93
CA ASN A 154 -11.15 -18.63 5.89
C ASN A 154 -11.63 -17.28 5.31
N ALA A 155 -10.69 -16.51 4.75
CA ALA A 155 -10.99 -15.20 4.17
C ALA A 155 -11.81 -15.30 2.88
N ALA A 156 -11.51 -16.30 2.07
CA ALA A 156 -12.19 -16.51 0.78
C ALA A 156 -13.67 -16.83 0.96
N MET A 157 -13.99 -17.55 2.01
CA MET A 157 -15.34 -18.07 2.27
C MET A 157 -16.12 -17.19 3.25
N THR A 158 -15.67 -15.96 3.47
CA THR A 158 -16.46 -14.99 4.21
C THR A 158 -17.04 -14.01 3.21
N GLU A 159 -18.33 -13.69 3.34
CA GLU A 159 -18.97 -12.73 2.44
C GLU A 159 -18.39 -11.33 2.64
N PRO A 160 -18.16 -10.59 1.53
CA PRO A 160 -18.36 -11.05 0.14
C PRO A 160 -17.24 -12.00 -0.29
N VAL A 161 -17.60 -13.18 -0.80
CA VAL A 161 -16.60 -14.18 -1.11
C VAL A 161 -15.65 -13.67 -2.19
N GLY A 162 -14.43 -14.17 -2.17
CA GLY A 162 -13.43 -13.69 -3.12
C GLY A 162 -12.13 -14.47 -3.03
N PRO A 163 -11.10 -14.02 -3.77
CA PRO A 163 -9.85 -14.73 -3.87
C PRO A 163 -8.89 -14.45 -2.70
N SER A 164 -8.12 -15.47 -2.34
CA SER A 164 -7.03 -15.33 -1.37
C SER A 164 -5.74 -15.75 -2.04
N PHE A 165 -4.67 -15.00 -1.81
CA PHE A 165 -3.44 -15.14 -2.57
C PHE A 165 -2.26 -15.53 -1.67
N ILE A 166 -1.51 -16.56 -2.10
CA ILE A 166 -0.27 -16.93 -1.41
C ILE A 166 0.89 -16.93 -2.40
N SER A 167 1.91 -16.13 -2.07
CA SER A 167 3.16 -16.03 -2.84
C SER A 167 4.20 -17.00 -2.27
N LEU A 168 4.86 -17.76 -3.15
CA LEU A 168 5.64 -18.93 -2.77
C LEU A 168 7.10 -18.84 -3.28
N PRO A 169 8.01 -18.28 -2.45
CA PRO A 169 9.42 -18.27 -2.88
C PRO A 169 9.88 -19.69 -3.18
N VAL A 170 10.50 -19.86 -4.35
CA VAL A 170 10.85 -21.18 -4.91
C VAL A 170 11.69 -22.06 -3.95
N ASP A 171 12.61 -21.44 -3.21
CA ASP A 171 13.46 -22.16 -2.26
C ASP A 171 12.62 -22.74 -1.10
N LEU A 172 11.68 -21.95 -0.61
CA LEU A 172 10.84 -22.36 0.53
C LEU A 172 9.83 -23.43 0.10
N LEU A 173 9.25 -23.25 -1.08
CA LEU A 173 8.33 -24.23 -1.65
C LEU A 173 8.96 -25.63 -1.74
N GLY A 174 10.23 -25.71 -2.11
CA GLY A 174 10.92 -26.99 -2.22
C GLY A 174 11.67 -27.41 -0.96
N SER A 175 11.33 -26.81 0.17
CA SER A 175 12.00 -27.11 1.44
C SER A 175 11.18 -28.03 2.33
N SER A 176 11.86 -28.98 2.99
CA SER A 176 11.22 -29.86 3.97
C SER A 176 11.41 -29.39 5.40
N GLU A 177 11.99 -28.19 5.58
CA GLU A 177 12.29 -27.69 6.93
C GLU A 177 11.03 -27.55 7.78
N GLY A 178 10.99 -28.29 8.89
CA GLY A 178 9.88 -28.24 9.85
C GLY A 178 8.63 -29.00 9.44
N ILE A 179 8.68 -29.67 8.28
CA ILE A 179 7.55 -30.44 7.76
C ILE A 179 7.57 -31.87 8.31
N ASP A 180 6.45 -32.31 8.88
CA ASP A 180 6.32 -33.70 9.36
C ASP A 180 4.98 -34.30 8.95
N THR A 181 4.99 -35.11 7.90
CA THR A 181 3.77 -35.74 7.38
C THR A 181 3.39 -37.05 8.10
N THR A 182 4.03 -37.32 9.24
CA THR A 182 3.64 -38.46 10.08
C THR A 182 2.62 -38.04 11.13
N VAL A 183 2.64 -36.74 11.47
CA VAL A 183 1.59 -36.12 12.26
C VAL A 183 0.48 -35.67 11.30
N PRO A 184 -0.76 -36.19 11.48
CA PRO A 184 -1.86 -35.81 10.57
C PRO A 184 -2.22 -34.34 10.70
N ASN A 185 -2.73 -33.78 9.61
CA ASN A 185 -3.20 -32.40 9.61
C ASN A 185 -4.41 -32.27 10.54
N PRO A 186 -4.50 -31.13 11.26
CA PRO A 186 -5.75 -30.81 11.96
C PRO A 186 -6.92 -30.80 10.98
N PRO A 187 -8.16 -30.96 11.47
CA PRO A 187 -9.32 -30.90 10.59
C PRO A 187 -9.38 -29.59 9.78
N ALA A 188 -9.73 -29.70 8.51
CA ALA A 188 -9.83 -28.54 7.62
C ALA A 188 -11.04 -27.70 7.96
N ASN A 189 -12.18 -28.35 8.19
CA ASN A 189 -13.43 -27.67 8.54
C ASN A 189 -13.81 -26.55 7.55
N THR A 190 -13.76 -26.87 6.26
CA THR A 190 -14.19 -25.97 5.21
C THR A 190 -15.66 -25.60 5.38
N PRO A 191 -15.98 -24.29 5.38
CA PRO A 191 -17.38 -23.90 5.49
C PRO A 191 -18.19 -24.50 4.33
N ALA A 192 -19.37 -25.06 4.63
CA ALA A 192 -20.25 -25.65 3.61
C ALA A 192 -20.93 -24.58 2.76
N LYS A 193 -21.12 -23.41 3.36
CA LYS A 193 -21.58 -22.23 2.62
C LYS A 193 -20.92 -21.00 3.25
N PRO A 194 -20.84 -19.88 2.50
CA PRO A 194 -20.08 -18.73 3.02
C PRO A 194 -20.52 -18.27 4.40
N VAL A 195 -19.53 -17.96 5.24
CA VAL A 195 -19.74 -17.24 6.50
C VAL A 195 -20.25 -15.84 6.17
N GLY A 196 -21.24 -15.35 6.91
CA GLY A 196 -21.81 -14.04 6.59
C GLY A 196 -21.85 -13.06 7.73
N VAL A 197 -22.00 -11.78 7.39
CA VAL A 197 -22.13 -10.72 8.38
C VAL A 197 -23.60 -10.71 8.86
N VAL A 198 -23.81 -10.60 10.18
CA VAL A 198 -25.15 -10.53 10.77
C VAL A 198 -25.21 -9.38 11.77
N ALA A 199 -26.16 -8.46 11.57
CA ALA A 199 -26.35 -7.33 12.47
C ALA A 199 -27.38 -7.66 13.54
N ASP A 200 -27.10 -7.27 14.77
CA ASP A 200 -28.05 -7.37 15.88
C ASP A 200 -29.33 -6.64 15.48
N GLY A 201 -30.48 -7.25 15.77
CA GLY A 201 -31.77 -6.63 15.47
C GLY A 201 -32.25 -6.80 14.03
N TRP A 202 -31.59 -7.67 13.28
CA TRP A 202 -31.99 -7.95 11.90
C TRP A 202 -33.41 -8.50 11.80
N GLN A 203 -33.81 -9.29 12.80
CA GLN A 203 -35.18 -9.82 12.87
C GLN A 203 -36.21 -8.70 12.90
N LYS A 204 -35.93 -7.65 13.69
CA LYS A 204 -36.78 -6.46 13.76
C LYS A 204 -36.81 -5.70 12.43
N ALA A 205 -35.65 -5.60 11.77
CA ALA A 205 -35.58 -5.06 10.42
C ALA A 205 -36.42 -5.90 9.45
N ALA A 206 -36.30 -7.22 9.51
CA ALA A 206 -37.12 -8.12 8.70
C ALA A 206 -38.63 -7.95 9.00
N ASP A 207 -38.95 -7.67 10.27
CA ASP A 207 -40.33 -7.39 10.67
C ASP A 207 -40.86 -6.10 10.04
N GLN A 208 -40.03 -5.06 10.04
CA GLN A 208 -40.37 -3.82 9.33
C GLN A 208 -40.57 -4.03 7.82
N ALA A 209 -39.73 -4.87 7.21
CA ALA A 209 -39.91 -5.27 5.81
C ALA A 209 -41.25 -5.96 5.57
N ALA A 210 -41.65 -6.84 6.50
CA ALA A 210 -42.93 -7.54 6.39
C ALA A 210 -44.10 -6.55 6.39
N ALA A 211 -44.00 -5.54 7.26
CA ALA A 211 -45.00 -4.48 7.39
C ALA A 211 -45.13 -3.70 6.09
N LEU A 212 -44.00 -3.40 5.45
CA LEU A 212 -44.00 -2.77 4.12
C LEU A 212 -44.64 -3.64 3.06
N LEU A 213 -44.40 -4.95 3.13
CA LEU A 213 -45.01 -5.89 2.18
C LEU A 213 -46.53 -5.96 2.35
N ALA A 214 -47.00 -6.04 3.60
CA ALA A 214 -48.43 -5.96 3.91
C ALA A 214 -49.09 -4.79 3.19
N GLU A 215 -48.44 -3.63 3.23
CA GLU A 215 -48.96 -2.38 2.68
C GLU A 215 -48.76 -2.21 1.15
N ALA A 216 -47.78 -2.90 0.56
CA ALA A 216 -47.50 -2.74 -0.87
C ALA A 216 -48.59 -3.30 -1.77
N LYS A 217 -48.89 -2.60 -2.85
CA LYS A 217 -49.82 -3.09 -3.87
C LYS A 217 -49.12 -3.97 -4.90
N HIS A 218 -47.96 -3.52 -5.39
CA HIS A 218 -47.18 -4.28 -6.36
C HIS A 218 -45.71 -4.46 -5.94
N PRO A 219 -45.43 -5.44 -5.08
CA PRO A 219 -44.03 -5.68 -4.69
C PRO A 219 -43.29 -6.57 -5.70
N VAL A 220 -41.97 -6.42 -5.75
CA VAL A 220 -41.12 -7.36 -6.50
C VAL A 220 -39.94 -7.85 -5.65
N LEU A 221 -39.50 -9.08 -5.93
CA LEU A 221 -38.23 -9.59 -5.44
C LEU A 221 -37.18 -9.43 -6.56
N VAL A 222 -36.12 -8.66 -6.27
CA VAL A 222 -34.97 -8.56 -7.17
C VAL A 222 -33.85 -9.42 -6.57
N VAL A 223 -33.58 -10.55 -7.21
CA VAL A 223 -32.70 -11.58 -6.64
C VAL A 223 -31.29 -11.54 -7.25
N GLY A 224 -30.27 -11.50 -6.38
CA GLY A 224 -28.88 -11.55 -6.82
C GLY A 224 -28.21 -12.88 -6.49
N ALA A 225 -26.98 -13.06 -6.99
CA ALA A 225 -26.22 -14.32 -6.81
C ALA A 225 -25.98 -14.74 -5.37
N ALA A 226 -25.82 -13.79 -4.46
CA ALA A 226 -25.65 -14.07 -3.03
C ALA A 226 -26.78 -14.92 -2.43
N ALA A 227 -28.00 -14.74 -2.94
CA ALA A 227 -29.14 -15.57 -2.52
C ALA A 227 -28.93 -17.04 -2.91
N ILE A 228 -28.32 -17.28 -4.07
CA ILE A 228 -28.01 -18.64 -4.52
C ILE A 228 -26.95 -19.31 -3.63
N ARG A 229 -25.89 -18.56 -3.31
CA ARG A 229 -24.80 -19.04 -2.44
C ARG A 229 -25.28 -19.44 -1.05
N SER A 230 -26.25 -18.70 -0.53
CA SER A 230 -26.88 -18.96 0.76
C SER A 230 -27.71 -20.26 0.77
N GLY A 231 -27.97 -20.80 -0.41
CA GLY A 231 -28.83 -21.97 -0.57
C GLY A 231 -30.31 -21.61 -0.43
N ALA A 232 -30.67 -20.41 -0.85
CA ALA A 232 -32.01 -19.84 -0.62
C ALA A 232 -32.96 -19.91 -1.83
N VAL A 233 -32.55 -20.52 -2.94
CA VAL A 233 -33.42 -20.60 -4.13
C VAL A 233 -34.78 -21.30 -3.86
N PRO A 234 -34.80 -22.55 -3.33
CA PRO A 234 -36.10 -23.16 -3.02
C PRO A 234 -36.99 -22.36 -2.05
N ALA A 235 -36.40 -21.77 -1.01
CA ALA A 235 -37.14 -20.98 -0.04
C ALA A 235 -37.71 -19.69 -0.64
N ILE A 236 -36.95 -19.05 -1.53
CA ILE A 236 -37.40 -17.84 -2.22
C ILE A 236 -38.55 -18.16 -3.20
N ARG A 237 -38.41 -19.25 -3.94
CA ARG A 237 -39.45 -19.69 -4.87
C ARG A 237 -40.77 -19.97 -4.14
N ALA A 238 -40.69 -20.71 -3.03
CA ALA A 238 -41.88 -21.02 -2.22
C ALA A 238 -42.56 -19.76 -1.69
N LEU A 239 -41.76 -18.78 -1.28
CA LEU A 239 -42.29 -17.50 -0.77
C LEU A 239 -43.00 -16.72 -1.87
N ALA A 240 -42.33 -16.59 -3.02
CA ALA A 240 -42.87 -15.87 -4.17
C ALA A 240 -44.16 -16.53 -4.67
N GLU A 241 -44.16 -17.86 -4.76
CA GLU A 241 -45.35 -18.59 -5.21
C GLU A 241 -46.55 -18.43 -4.25
N ARG A 242 -46.30 -18.51 -2.95
CA ARG A 242 -47.35 -18.31 -1.96
C ARG A 242 -47.96 -16.90 -2.00
N LEU A 243 -47.11 -15.88 -2.08
CA LEU A 243 -47.56 -14.50 -2.02
C LEU A 243 -47.77 -13.85 -3.39
N ASN A 244 -47.53 -14.62 -4.46
CA ASN A 244 -47.69 -14.14 -5.84
C ASN A 244 -46.80 -12.92 -6.13
N ILE A 245 -45.55 -12.97 -5.67
CA ILE A 245 -44.60 -11.87 -5.86
C ILE A 245 -43.66 -12.19 -7.03
N PRO A 246 -43.61 -11.29 -8.04
CA PRO A 246 -42.73 -11.47 -9.18
C PRO A 246 -41.25 -11.48 -8.79
N VAL A 247 -40.48 -12.27 -9.53
CA VAL A 247 -39.05 -12.40 -9.32
C VAL A 247 -38.31 -11.87 -10.54
N ILE A 248 -37.49 -10.86 -10.30
CA ILE A 248 -36.63 -10.22 -11.30
C ILE A 248 -35.19 -10.50 -10.85
N THR A 249 -34.30 -10.76 -11.79
CA THR A 249 -32.93 -11.17 -11.43
C THR A 249 -31.85 -10.27 -12.01
N THR A 250 -30.65 -10.33 -11.41
CA THR A 250 -29.42 -9.81 -12.01
C THR A 250 -29.03 -10.77 -13.15
N TYR A 251 -27.93 -10.50 -13.86
CA TYR A 251 -27.47 -11.37 -14.96
C TYR A 251 -27.29 -12.83 -14.57
N ILE A 252 -26.61 -13.08 -13.45
CA ILE A 252 -26.24 -14.46 -13.15
C ILE A 252 -27.20 -15.18 -12.19
N ALA A 253 -28.22 -14.46 -11.73
CA ALA A 253 -29.27 -15.10 -10.94
C ALA A 253 -30.44 -15.58 -11.83
N LYS A 254 -30.27 -15.48 -13.15
CA LYS A 254 -31.24 -16.07 -14.07
C LYS A 254 -31.36 -17.57 -13.77
N GLY A 255 -32.59 -18.07 -13.75
CA GLY A 255 -32.84 -19.48 -13.52
C GLY A 255 -33.20 -19.84 -12.09
N VAL A 256 -33.32 -18.83 -11.22
CA VAL A 256 -33.84 -19.07 -9.87
C VAL A 256 -35.30 -19.59 -9.88
N LEU A 257 -36.02 -19.27 -10.95
CA LEU A 257 -37.29 -19.90 -11.29
C LEU A 257 -37.14 -20.48 -12.70
N PRO A 258 -37.80 -21.62 -12.98
CA PRO A 258 -37.67 -22.28 -14.28
C PRO A 258 -38.14 -21.40 -15.44
N VAL A 259 -37.70 -21.71 -16.66
CA VAL A 259 -38.19 -21.03 -17.85
C VAL A 259 -39.71 -21.29 -17.93
N GLY A 260 -40.49 -20.24 -18.14
CA GLY A 260 -41.93 -20.43 -18.29
C GLY A 260 -42.75 -20.21 -17.03
N HIS A 261 -42.09 -20.14 -15.87
CA HIS A 261 -42.76 -19.86 -14.60
C HIS A 261 -43.39 -18.47 -14.67
N GLU A 262 -44.64 -18.35 -14.23
CA GLU A 262 -45.38 -17.08 -14.36
C GLU A 262 -44.79 -15.91 -13.57
N LEU A 263 -44.09 -16.22 -12.48
CA LEU A 263 -43.42 -15.19 -11.65
C LEU A 263 -42.01 -14.85 -12.12
N ASN A 264 -41.55 -15.52 -13.17
CA ASN A 264 -40.26 -15.25 -13.80
C ASN A 264 -40.41 -14.01 -14.68
N TYR A 265 -40.13 -12.85 -14.11
CA TYR A 265 -40.30 -11.59 -14.81
C TYR A 265 -39.04 -11.17 -15.58
N GLY A 266 -38.03 -12.03 -15.58
CA GLY A 266 -36.81 -11.83 -16.37
C GLY A 266 -35.67 -11.11 -15.67
N ALA A 267 -34.62 -10.85 -16.43
CA ALA A 267 -33.42 -10.17 -15.92
C ALA A 267 -33.37 -8.73 -16.40
N VAL A 268 -32.67 -7.91 -15.63
CA VAL A 268 -32.47 -6.50 -15.94
C VAL A 268 -31.07 -6.26 -16.49
N THR A 269 -31.01 -5.48 -17.56
CA THR A 269 -29.77 -4.89 -18.04
C THR A 269 -30.07 -3.44 -18.41
N GLY A 270 -29.13 -2.54 -18.10
CA GLY A 270 -29.29 -1.11 -18.45
C GLY A 270 -29.47 -0.86 -19.94
N TYR A 271 -29.06 -1.84 -20.74
CA TYR A 271 -29.11 -1.78 -22.20
C TYR A 271 -30.46 -2.22 -22.80
N MET A 272 -31.39 -2.69 -21.95
CA MET A 272 -32.61 -3.34 -22.46
C MET A 272 -33.55 -2.45 -23.29
N ASP A 273 -33.71 -1.19 -22.89
CA ASP A 273 -34.56 -0.26 -23.62
C ASP A 273 -34.02 -0.05 -25.03
N GLY A 274 -32.71 0.20 -25.11
CA GLY A 274 -32.03 0.44 -26.38
C GLY A 274 -32.04 -0.75 -27.31
N ILE A 275 -31.79 -1.94 -26.77
CA ILE A 275 -31.80 -3.17 -27.57
C ILE A 275 -33.21 -3.51 -28.09
N LEU A 276 -34.23 -3.32 -27.24
CA LEU A 276 -35.60 -3.70 -27.58
C LEU A 276 -36.35 -2.58 -28.31
N ASN A 277 -35.79 -1.37 -28.27
CA ASN A 277 -36.45 -0.18 -28.80
C ASN A 277 -37.86 -0.05 -28.20
N PHE A 278 -37.90 -0.02 -26.87
CA PHE A 278 -39.12 -0.21 -26.10
C PHE A 278 -38.89 0.32 -24.68
N PRO A 279 -39.95 0.88 -24.03
CA PRO A 279 -39.79 1.29 -22.63
C PRO A 279 -39.81 0.09 -21.68
N ALA A 280 -38.75 -0.73 -21.76
CA ALA A 280 -38.68 -2.00 -21.03
C ALA A 280 -38.56 -1.82 -19.51
N LEU A 281 -37.68 -0.91 -19.08
CA LEU A 281 -37.49 -0.65 -17.66
C LEU A 281 -38.73 0.01 -17.03
N GLN A 282 -39.36 0.93 -17.76
CA GLN A 282 -40.62 1.55 -17.34
C GLN A 282 -41.73 0.50 -17.19
N THR A 283 -41.90 -0.38 -18.18
CA THR A 283 -42.86 -1.48 -18.10
C THR A 283 -42.62 -2.37 -16.88
N MET A 284 -41.36 -2.74 -16.68
CA MET A 284 -40.96 -3.61 -15.58
CA MET A 284 -40.97 -3.61 -15.59
C MET A 284 -41.20 -3.00 -14.21
N PHE A 285 -40.86 -1.71 -14.06
CA PHE A 285 -40.83 -1.09 -12.73
C PHE A 285 -41.83 0.02 -12.40
N ALA A 286 -42.43 0.67 -13.41
CA ALA A 286 -43.26 1.86 -13.15
C ALA A 286 -44.33 1.72 -12.04
N PRO A 287 -45.16 0.65 -12.07
CA PRO A 287 -46.21 0.53 -11.03
C PRO A 287 -45.77 -0.13 -9.71
N VAL A 288 -44.52 -0.55 -9.62
CA VAL A 288 -43.98 -1.20 -8.43
C VAL A 288 -43.85 -0.19 -7.29
N ASP A 289 -44.33 -0.56 -6.10
CA ASP A 289 -44.21 0.35 -4.94
C ASP A 289 -43.22 -0.14 -3.87
N LEU A 290 -42.78 -1.39 -3.99
CA LEU A 290 -41.83 -2.00 -3.05
C LEU A 290 -40.83 -2.91 -3.77
N VAL A 291 -39.53 -2.64 -3.58
CA VAL A 291 -38.45 -3.42 -4.18
C VAL A 291 -37.66 -4.11 -3.06
N LEU A 292 -37.68 -5.43 -3.03
CA LEU A 292 -36.86 -6.18 -2.08
C LEU A 292 -35.66 -6.76 -2.78
N THR A 293 -34.49 -6.16 -2.55
CA THR A 293 -33.26 -6.63 -3.18
C THR A 293 -32.66 -7.75 -2.33
N VAL A 294 -32.95 -8.99 -2.73
CA VAL A 294 -32.62 -10.17 -1.95
C VAL A 294 -31.23 -10.63 -2.33
N GLY A 295 -30.28 -10.43 -1.42
CA GLY A 295 -28.88 -10.75 -1.69
C GLY A 295 -28.23 -9.71 -2.58
N TYR A 296 -28.51 -8.43 -2.29
CA TYR A 296 -28.05 -7.34 -3.13
C TYR A 296 -26.52 -7.17 -3.18
N ASP A 297 -26.01 -6.99 -4.40
CA ASP A 297 -24.60 -6.69 -4.59
C ASP A 297 -24.49 -5.73 -5.77
N TYR A 298 -24.02 -4.51 -5.47
CA TYR A 298 -23.81 -3.47 -6.47
C TYR A 298 -22.92 -3.93 -7.61
N ALA A 299 -21.97 -4.81 -7.30
CA ALA A 299 -21.04 -5.35 -8.29
C ALA A 299 -21.73 -6.02 -9.45
N GLU A 300 -22.89 -6.65 -9.20
CA GLU A 300 -23.68 -7.31 -10.25
C GLU A 300 -24.24 -6.34 -11.28
N ASP A 301 -24.18 -5.06 -10.94
CA ASP A 301 -24.53 -3.98 -11.87
C ASP A 301 -26.03 -3.77 -12.14
N LEU A 302 -26.88 -4.29 -11.27
CA LEU A 302 -28.26 -3.85 -11.26
C LEU A 302 -28.30 -2.73 -10.22
N ARG A 303 -28.31 -1.49 -10.72
CA ARG A 303 -28.18 -0.29 -9.90
C ARG A 303 -29.55 0.24 -9.51
N PRO A 304 -29.64 0.97 -8.38
CA PRO A 304 -30.91 1.63 -7.98
C PRO A 304 -31.58 2.45 -9.09
N SER A 305 -30.80 3.16 -9.88
CA SER A 305 -31.36 4.04 -10.92
C SER A 305 -32.17 3.23 -11.95
N MET A 306 -31.92 1.94 -12.03
CA MET A 306 -32.60 1.07 -12.98
C MET A 306 -34.03 0.69 -12.54
N TRP A 307 -34.26 0.54 -11.24
CA TRP A 307 -35.61 0.30 -10.76
C TRP A 307 -36.37 1.58 -10.41
N GLN A 308 -35.67 2.71 -10.46
CA GLN A 308 -36.29 3.98 -10.09
C GLN A 308 -37.05 4.56 -11.28
N LYS A 309 -38.12 3.85 -11.68
CA LYS A 309 -39.00 4.25 -12.79
C LYS A 309 -40.41 4.43 -12.26
N GLY A 310 -41.13 5.41 -12.80
CA GLY A 310 -42.52 5.66 -12.42
C GLY A 310 -42.70 6.19 -11.02
N ILE A 311 -43.56 5.52 -10.25
CA ILE A 311 -43.87 5.97 -8.89
C ILE A 311 -42.68 5.76 -7.94
N GLU A 312 -42.70 6.48 -6.81
CA GLU A 312 -41.69 6.33 -5.78
C GLU A 312 -41.84 4.97 -5.14
N LYS A 313 -40.71 4.32 -4.84
CA LYS A 313 -40.69 3.00 -4.23
C LYS A 313 -40.05 3.02 -2.85
N LYS A 314 -40.49 2.11 -1.98
CA LYS A 314 -39.75 1.76 -0.79
C LYS A 314 -38.85 0.58 -1.14
N THR A 315 -37.73 0.46 -0.43
CA THR A 315 -36.73 -0.59 -0.71
C THR A 315 -36.33 -1.32 0.56
N VAL A 316 -36.14 -2.64 0.42
CA VAL A 316 -35.57 -3.46 1.48
C VAL A 316 -34.32 -4.11 0.90
N ARG A 317 -33.19 -3.90 1.57
CA ARG A 317 -31.93 -4.57 1.24
C ARG A 317 -31.72 -5.75 2.19
N ILE A 318 -31.50 -6.93 1.61
CA ILE A 318 -31.10 -8.09 2.39
C ILE A 318 -29.75 -8.54 1.83
N SER A 319 -28.76 -8.60 2.71
CA SER A 319 -27.41 -8.98 2.32
C SER A 319 -26.63 -9.49 3.53
N PRO A 320 -25.75 -10.49 3.32
CA PRO A 320 -24.88 -10.92 4.41
C PRO A 320 -23.65 -10.04 4.54
N THR A 321 -23.81 -8.74 4.25
CA THR A 321 -22.73 -7.76 4.34
C THR A 321 -23.32 -6.42 4.75
N VAL A 322 -22.50 -5.62 5.43
CA VAL A 322 -22.86 -4.24 5.73
C VAL A 322 -22.84 -3.47 4.41
N ASN A 323 -23.79 -2.55 4.23
CA ASN A 323 -23.92 -1.76 3.01
C ASN A 323 -22.64 -0.98 2.71
N PRO A 324 -21.92 -1.33 1.61
CA PRO A 324 -20.69 -0.61 1.29
C PRO A 324 -20.87 0.70 0.52
N ILE A 325 -22.09 0.94 0.03
CA ILE A 325 -22.36 2.06 -0.89
C ILE A 325 -23.54 2.96 -0.47
N PRO A 326 -23.54 3.48 0.78
CA PRO A 326 -24.67 4.29 1.17
C PRO A 326 -24.79 5.61 0.37
N ARG A 327 -23.73 6.02 -0.34
CA ARG A 327 -23.81 7.15 -1.29
C ARG A 327 -24.82 6.89 -2.41
N VAL A 328 -24.97 5.62 -2.79
CA VAL A 328 -25.75 5.22 -3.97
C VAL A 328 -27.06 4.56 -3.57
N TYR A 329 -27.00 3.69 -2.56
CA TYR A 329 -28.17 2.90 -2.14
C TYR A 329 -28.40 3.10 -0.64
N ARG A 330 -29.47 3.84 -0.34
CA ARG A 330 -29.96 4.07 1.02
C ARG A 330 -31.28 3.35 1.20
N PRO A 331 -31.26 2.05 1.52
CA PRO A 331 -32.55 1.36 1.56
C PRO A 331 -33.41 1.82 2.74
N ASP A 332 -34.73 1.77 2.57
CA ASP A 332 -35.64 2.14 3.66
C ASP A 332 -35.46 1.18 4.83
N VAL A 333 -35.29 -0.11 4.53
CA VAL A 333 -35.02 -1.14 5.52
C VAL A 333 -33.77 -1.92 5.10
N ASP A 334 -32.79 -2.01 6.01
CA ASP A 334 -31.55 -2.76 5.76
C ASP A 334 -31.49 -4.00 6.67
N VAL A 335 -31.58 -5.18 6.06
CA VAL A 335 -31.53 -6.44 6.79
C VAL A 335 -30.17 -7.09 6.53
N VAL A 336 -29.25 -6.97 7.48
CA VAL A 336 -27.90 -7.51 7.35
C VAL A 336 -27.89 -8.87 8.02
N THR A 337 -27.99 -9.91 7.19
CA THR A 337 -28.06 -11.28 7.68
C THR A 337 -27.87 -12.27 6.54
N ASP A 338 -27.86 -13.57 6.87
CA ASP A 338 -27.82 -14.63 5.87
C ASP A 338 -29.14 -14.63 5.08
N VAL A 339 -29.06 -14.72 3.76
CA VAL A 339 -30.25 -14.63 2.92
C VAL A 339 -31.28 -15.72 3.29
N LEU A 340 -30.84 -16.97 3.46
CA LEU A 340 -31.76 -18.05 3.87
C LEU A 340 -32.39 -17.78 5.25
N ALA A 341 -31.58 -17.38 6.22
CA ALA A 341 -32.07 -17.02 7.55
C ALA A 341 -33.20 -16.01 7.45
N PHE A 342 -32.99 -14.97 6.65
CA PHE A 342 -34.02 -13.95 6.39
C PHE A 342 -35.33 -14.55 5.83
N VAL A 343 -35.24 -15.34 4.77
CA VAL A 343 -36.43 -15.88 4.11
C VAL A 343 -37.22 -16.75 5.09
N GLU A 344 -36.52 -17.55 5.89
CA GLU A 344 -37.17 -18.40 6.87
C GLU A 344 -37.88 -17.59 7.95
N HIS A 345 -37.23 -16.53 8.43
CA HIS A 345 -37.86 -15.60 9.35
C HIS A 345 -39.04 -14.89 8.69
N PHE A 346 -38.85 -14.52 7.43
CA PHE A 346 -39.84 -13.75 6.67
C PHE A 346 -41.08 -14.59 6.37
N GLU A 347 -40.89 -15.89 6.14
CA GLU A 347 -42.01 -16.81 6.01
C GLU A 347 -42.92 -16.79 7.25
N THR A 348 -42.30 -16.78 8.43
CA THR A 348 -43.04 -16.72 9.70
C THR A 348 -43.77 -15.39 9.89
N ALA A 349 -43.08 -14.30 9.56
CA ALA A 349 -43.62 -12.94 9.70
C ALA A 349 -44.81 -12.64 8.78
N THR A 350 -44.87 -13.35 7.64
CA THR A 350 -45.85 -13.07 6.60
C THR A 350 -46.78 -14.27 6.37
N ALA A 351 -46.80 -15.21 7.30
CA ALA A 351 -47.53 -16.47 7.14
C ALA A 351 -49.03 -16.30 6.85
N SER A 352 -49.60 -15.24 7.40
CA SER A 352 -51.05 -15.00 7.36
C SER A 352 -51.43 -13.95 6.32
N PHE A 353 -50.44 -13.46 5.58
CA PHE A 353 -50.66 -12.49 4.50
C PHE A 353 -51.43 -13.13 3.36
N GLY A 354 -52.34 -12.37 2.77
CA GLY A 354 -53.00 -12.80 1.55
C GLY A 354 -52.10 -12.55 0.35
N ALA A 355 -52.22 -13.37 -0.68
CA ALA A 355 -51.42 -13.22 -1.89
C ALA A 355 -51.62 -11.83 -2.51
N LYS A 356 -50.56 -11.30 -3.12
CA LYS A 356 -50.62 -9.97 -3.72
C LYS A 356 -51.18 -10.05 -5.14
N GLN A 357 -51.54 -8.90 -5.68
CA GLN A 357 -51.93 -8.80 -7.07
C GLN A 357 -50.71 -8.26 -7.79
N ARG A 358 -50.07 -9.11 -8.58
CA ARG A 358 -48.87 -8.69 -9.31
C ARG A 358 -49.20 -7.81 -10.51
N HIS A 359 -48.25 -6.93 -10.85
CA HIS A 359 -48.43 -6.00 -11.95
C HIS A 359 -48.14 -6.65 -13.30
N ASP A 360 -48.61 -5.99 -14.34
CA ASP A 360 -48.50 -6.43 -15.71
C ASP A 360 -47.14 -6.08 -16.33
N ILE A 361 -46.47 -7.08 -16.90
CA ILE A 361 -45.33 -6.82 -17.80
C ILE A 361 -45.49 -7.47 -19.19
N GLU A 362 -46.72 -7.83 -19.55
CA GLU A 362 -46.98 -8.52 -20.82
C GLU A 362 -46.53 -7.78 -22.08
N PRO A 363 -46.62 -6.43 -22.12
CA PRO A 363 -46.09 -5.76 -23.31
C PRO A 363 -44.58 -5.97 -23.49
N LEU A 364 -43.85 -6.06 -22.38
CA LEU A 364 -42.43 -6.35 -22.40
C LEU A 364 -42.18 -7.80 -22.83
N ARG A 365 -42.93 -8.73 -22.24
CA ARG A 365 -42.83 -10.15 -22.60
C ARG A 365 -43.11 -10.37 -24.09
N ALA A 366 -44.13 -9.68 -24.60
CA ALA A 366 -44.51 -9.76 -26.01
C ALA A 366 -43.40 -9.21 -26.91
N ARG A 367 -42.80 -8.10 -26.49
CA ARG A 367 -41.67 -7.51 -27.22
C ARG A 367 -40.44 -8.44 -27.27
N ILE A 368 -40.12 -9.05 -26.14
CA ILE A 368 -39.02 -10.02 -26.08
C ILE A 368 -39.31 -11.24 -26.97
N ALA A 369 -40.55 -11.77 -26.89
CA ALA A 369 -40.98 -12.91 -27.72
C ALA A 369 -40.90 -12.60 -29.21
N GLU A 370 -41.25 -11.36 -29.57
CA GLU A 370 -41.19 -10.89 -30.93
C GLU A 370 -39.76 -10.91 -31.48
N PHE A 371 -38.82 -10.45 -30.65
CA PHE A 371 -37.40 -10.46 -31.01
C PHE A 371 -36.89 -11.88 -31.23
N LEU A 372 -37.18 -12.78 -30.30
CA LEU A 372 -36.77 -14.17 -30.41
C LEU A 372 -37.31 -14.87 -31.65
N ALA A 373 -38.49 -14.46 -32.11
CA ALA A 373 -39.16 -15.12 -33.23
C ALA A 373 -38.88 -14.47 -34.59
N ASP A 374 -38.17 -13.34 -34.59
CA ASP A 374 -37.79 -12.61 -35.81
C ASP A 374 -37.49 -13.53 -37.00
N PRO A 375 -38.39 -13.55 -38.00
CA PRO A 375 -38.29 -14.45 -39.15
C PRO A 375 -37.54 -13.87 -40.35
N GLU A 376 -37.14 -12.60 -40.25
CA GLU A 376 -36.48 -11.92 -41.36
C GLU A 376 -35.08 -12.49 -41.66
N THR A 377 -34.70 -12.36 -42.92
CA THR A 377 -33.36 -12.71 -43.40
C THR A 377 -32.65 -11.42 -43.79
N TYR A 378 -31.55 -11.15 -43.11
CA TYR A 378 -30.81 -9.91 -43.29
C TYR A 378 -29.67 -10.11 -44.29
N GLU A 379 -29.31 -9.04 -45.00
CA GLU A 379 -28.30 -9.12 -46.05
C GLU A 379 -26.90 -9.18 -45.44
N ASP A 380 -26.72 -8.46 -44.34
CA ASP A 380 -25.45 -8.35 -43.63
C ASP A 380 -25.46 -9.15 -42.32
N GLY A 381 -25.33 -10.48 -42.45
CA GLY A 381 -25.31 -11.38 -41.29
C GLY A 381 -26.61 -11.53 -40.51
N MET A 382 -26.61 -12.47 -39.55
CA MET A 382 -27.74 -12.68 -38.66
C MET A 382 -27.85 -11.55 -37.64
N ARG A 383 -28.93 -11.58 -36.86
CA ARG A 383 -29.05 -10.69 -35.71
C ARG A 383 -28.92 -11.52 -34.44
N VAL A 384 -28.30 -10.95 -33.41
CA VAL A 384 -27.94 -11.72 -32.21
C VAL A 384 -29.15 -12.40 -31.52
N HIS A 385 -30.29 -11.71 -31.49
CA HIS A 385 -31.51 -12.31 -30.91
C HIS A 385 -31.94 -13.59 -31.63
N GLN A 386 -31.71 -13.64 -32.95
CA GLN A 386 -31.96 -14.86 -33.74
C GLN A 386 -30.95 -15.95 -33.40
N VAL A 387 -29.72 -15.55 -33.09
CA VAL A 387 -28.67 -16.49 -32.70
C VAL A 387 -29.01 -17.12 -31.36
N ILE A 388 -29.39 -16.31 -30.40
CA ILE A 388 -29.73 -16.81 -29.07
C ILE A 388 -31.00 -17.69 -29.08
N ASP A 389 -31.98 -17.27 -29.88
CA ASP A 389 -33.18 -18.08 -30.07
C ASP A 389 -32.83 -19.50 -30.55
N SER A 390 -31.94 -19.58 -31.53
CA SER A 390 -31.49 -20.87 -32.07
C SER A 390 -30.74 -21.69 -31.01
N MET A 391 -29.91 -21.01 -30.23
CA MET A 391 -29.19 -21.66 -29.12
C MET A 391 -30.14 -22.19 -28.06
N ASN A 392 -31.16 -21.39 -27.72
CA ASN A 392 -32.20 -21.78 -26.77
C ASN A 392 -32.92 -23.05 -27.18
N THR A 393 -33.28 -23.12 -28.45
CA THR A 393 -34.01 -24.26 -29.02
C THR A 393 -33.21 -25.56 -28.88
N VAL A 394 -31.96 -25.52 -29.30
CA VAL A 394 -31.12 -26.72 -29.27
C VAL A 394 -30.73 -27.08 -27.83
N MET A 395 -30.51 -26.07 -26.98
CA MET A 395 -30.22 -26.33 -25.57
C MET A 395 -31.38 -27.07 -24.90
N GLU A 396 -32.60 -26.59 -25.15
CA GLU A 396 -33.81 -27.25 -24.64
C GLU A 396 -33.93 -28.69 -25.12
N GLU A 397 -33.55 -28.93 -26.38
CA GLU A 397 -33.49 -30.28 -26.95
C GLU A 397 -32.40 -31.13 -26.30
N ALA A 398 -31.19 -30.55 -26.15
CA ALA A 398 -30.03 -31.30 -25.63
C ALA A 398 -30.07 -31.59 -24.14
N ALA A 399 -30.57 -30.64 -23.35
CA ALA A 399 -30.50 -30.73 -21.89
C ALA A 399 -31.71 -31.43 -21.28
N GLU A 400 -31.49 -32.12 -20.16
CA GLU A 400 -32.57 -32.58 -19.31
C GLU A 400 -33.26 -31.37 -18.70
N PRO A 401 -34.55 -31.51 -18.30
CA PRO A 401 -35.22 -30.40 -17.62
C PRO A 401 -34.43 -29.95 -16.40
N GLY A 402 -34.27 -28.64 -16.25
CA GLY A 402 -33.51 -28.08 -15.13
C GLY A 402 -32.00 -28.24 -15.25
N GLU A 403 -31.52 -28.53 -16.44
CA GLU A 403 -30.08 -28.72 -16.68
C GLU A 403 -29.59 -27.92 -17.90
N GLY A 404 -28.27 -27.86 -18.10
CA GLY A 404 -27.69 -27.09 -19.18
C GLY A 404 -27.11 -25.76 -18.71
N THR A 405 -26.09 -25.30 -19.42
CA THR A 405 -25.48 -23.99 -19.17
C THR A 405 -25.21 -23.26 -20.47
N ILE A 406 -25.60 -21.99 -20.51
CA ILE A 406 -25.21 -21.11 -21.60
C ILE A 406 -24.27 -20.07 -21.01
N VAL A 407 -23.07 -20.00 -21.56
CA VAL A 407 -22.05 -19.08 -21.09
C VAL A 407 -21.93 -17.94 -22.10
N SER A 408 -21.74 -16.73 -21.61
CA SER A 408 -21.54 -15.59 -22.49
C SER A 408 -20.25 -14.86 -22.12
N ASP A 409 -19.43 -14.60 -23.14
CA ASP A 409 -18.29 -13.69 -23.02
C ASP A 409 -18.84 -12.26 -22.91
N ILE A 410 -17.99 -11.27 -23.12
CA ILE A 410 -18.31 -9.86 -22.90
C ILE A 410 -18.40 -9.13 -24.24
N GLY A 411 -19.38 -8.25 -24.34
CA GLY A 411 -19.60 -7.43 -25.53
C GLY A 411 -21.06 -7.04 -25.62
N PHE A 412 -21.44 -6.42 -26.72
CA PHE A 412 -22.83 -6.00 -26.91
C PHE A 412 -23.78 -7.19 -26.88
N PHE A 413 -23.37 -8.29 -27.50
CA PHE A 413 -24.16 -9.52 -27.57
C PHE A 413 -24.49 -10.09 -26.18
N ARG A 414 -23.64 -9.80 -25.19
CA ARG A 414 -23.81 -10.34 -23.83
C ARG A 414 -25.13 -9.87 -23.26
N HIS A 415 -25.52 -8.64 -23.57
CA HIS A 415 -26.76 -8.07 -23.08
C HIS A 415 -28.00 -8.66 -23.77
N TYR A 416 -27.84 -9.08 -25.01
CA TYR A 416 -28.81 -9.95 -25.67
C TYR A 416 -28.94 -11.26 -24.91
N GLY A 417 -27.80 -11.84 -24.49
CA GLY A 417 -27.78 -13.03 -23.66
C GLY A 417 -28.59 -12.86 -22.38
N VAL A 418 -28.36 -11.75 -21.69
CA VAL A 418 -29.09 -11.42 -20.45
C VAL A 418 -30.61 -11.41 -20.67
N LEU A 419 -31.06 -10.74 -21.73
CA LEU A 419 -32.48 -10.64 -22.07
C LEU A 419 -33.08 -11.95 -22.59
N PHE A 420 -32.32 -12.68 -23.41
CA PHE A 420 -32.89 -13.70 -24.27
C PHE A 420 -32.49 -15.14 -23.97
N ALA A 421 -31.34 -15.33 -23.30
CA ALA A 421 -30.81 -16.68 -23.08
C ALA A 421 -31.61 -17.50 -22.08
N ARG A 422 -31.81 -18.76 -22.46
CA ARG A 422 -32.46 -19.76 -21.63
C ARG A 422 -31.63 -20.04 -20.37
N ALA A 423 -32.29 -20.03 -19.21
CA ALA A 423 -31.69 -20.48 -17.96
C ALA A 423 -32.74 -21.24 -17.15
N ASP A 424 -32.61 -22.56 -17.10
CA ASP A 424 -33.61 -23.38 -16.45
C ASP A 424 -33.14 -23.92 -15.09
N GLN A 425 -32.10 -23.29 -14.53
CA GLN A 425 -31.54 -23.63 -13.22
C GLN A 425 -30.66 -22.48 -12.77
N PRO A 426 -30.43 -22.33 -11.44
CA PRO A 426 -29.47 -21.32 -11.00
C PRO A 426 -28.10 -21.52 -11.67
N PHE A 427 -27.50 -20.42 -12.11
CA PHE A 427 -26.25 -20.43 -12.87
C PHE A 427 -26.41 -21.17 -14.22
N GLY A 428 -27.63 -21.21 -14.74
CA GLY A 428 -27.91 -21.77 -16.06
C GLY A 428 -27.48 -20.83 -17.17
N PHE A 429 -27.38 -19.54 -16.86
CA PHE A 429 -26.74 -18.57 -17.73
C PHE A 429 -25.58 -17.96 -16.96
N LEU A 430 -24.37 -18.09 -17.51
CA LEU A 430 -23.16 -17.61 -16.85
C LEU A 430 -22.51 -16.49 -17.63
N THR A 431 -22.25 -15.39 -16.94
CA THR A 431 -21.42 -14.33 -17.50
C THR A 431 -20.72 -13.64 -16.33
N SER A 432 -19.84 -12.70 -16.66
CA SER A 432 -19.06 -11.97 -15.66
C SER A 432 -19.68 -10.60 -15.42
N ALA A 433 -20.41 -10.47 -14.32
CA ALA A 433 -21.19 -9.26 -14.03
C ALA A 433 -20.37 -8.17 -13.35
N GLY A 434 -19.45 -8.57 -12.49
CA GLY A 434 -18.66 -7.63 -11.69
C GLY A 434 -17.40 -7.14 -12.39
N CYS A 435 -16.58 -8.07 -12.87
CA CYS A 435 -15.32 -7.72 -13.53
C CYS A 435 -15.48 -7.46 -15.03
N SER A 436 -16.23 -8.33 -15.70
CA SER A 436 -16.48 -8.21 -17.15
C SER A 436 -15.22 -8.10 -18.03
N SER A 437 -14.27 -9.02 -17.82
CA SER A 437 -13.12 -9.12 -18.71
C SER A 437 -13.53 -9.83 -19.98
N PHE A 438 -13.27 -9.22 -21.13
CA PHE A 438 -13.47 -9.95 -22.37
C PHE A 438 -12.49 -11.14 -22.41
N GLY A 439 -12.85 -12.20 -23.14
CA GLY A 439 -12.06 -13.45 -23.11
C GLY A 439 -12.53 -14.42 -22.04
N TYR A 440 -13.46 -13.97 -21.21
CA TYR A 440 -14.08 -14.74 -20.14
C TYR A 440 -14.69 -16.06 -20.59
N GLY A 441 -15.22 -16.10 -21.82
CA GLY A 441 -16.08 -17.20 -22.28
C GLY A 441 -15.46 -18.59 -22.18
N ILE A 442 -14.32 -18.78 -22.85
CA ILE A 442 -13.64 -20.08 -22.83
C ILE A 442 -13.39 -20.66 -21.43
N PRO A 443 -12.68 -19.91 -20.55
CA PRO A 443 -12.49 -20.46 -19.20
C PRO A 443 -13.77 -20.72 -18.39
N ALA A 444 -14.78 -19.87 -18.56
CA ALA A 444 -16.06 -20.06 -17.87
C ALA A 444 -16.79 -21.32 -18.37
N ALA A 445 -16.72 -21.56 -19.68
CA ALA A 445 -17.26 -22.78 -20.27
C ALA A 445 -16.48 -24.01 -19.81
N ILE A 446 -15.16 -23.89 -19.70
CA ILE A 446 -14.34 -24.96 -19.12
C ILE A 446 -14.80 -25.27 -17.70
N GLY A 447 -14.91 -24.24 -16.85
CA GLY A 447 -15.36 -24.40 -15.47
C GLY A 447 -16.75 -25.00 -15.36
N ALA A 448 -17.66 -24.51 -16.21
CA ALA A 448 -19.05 -25.00 -16.26
C ALA A 448 -19.15 -26.46 -16.68
N GLN A 449 -18.45 -26.81 -17.76
CA GLN A 449 -18.47 -28.17 -18.27
C GLN A 449 -17.87 -29.16 -17.27
N MET A 450 -16.83 -28.74 -16.55
CA MET A 450 -16.22 -29.57 -15.52
C MET A 450 -17.11 -29.68 -14.28
N ALA A 451 -17.84 -28.60 -13.97
CA ALA A 451 -18.77 -28.63 -12.83
C ALA A 451 -20.01 -29.47 -13.15
N ARG A 452 -20.35 -29.55 -14.43
CA ARG A 452 -21.58 -30.21 -14.90
C ARG A 452 -21.25 -31.18 -16.04
N PRO A 453 -20.47 -32.24 -15.75
CA PRO A 453 -19.90 -33.08 -16.82
C PRO A 453 -20.91 -33.77 -17.74
N ASP A 454 -22.11 -34.02 -17.25
CA ASP A 454 -23.14 -34.74 -18.02
C ASP A 454 -24.20 -33.81 -18.65
N GLN A 455 -23.97 -32.49 -18.60
CA GLN A 455 -24.92 -31.50 -19.11
C GLN A 455 -24.34 -30.75 -20.30
N PRO A 456 -25.20 -30.27 -21.23
CA PRO A 456 -24.68 -29.51 -22.37
C PRO A 456 -24.21 -28.12 -21.94
N THR A 457 -23.15 -27.64 -22.58
CA THR A 457 -22.55 -26.35 -22.27
C THR A 457 -22.32 -25.63 -23.58
N PHE A 458 -23.05 -24.54 -23.78
CA PHE A 458 -22.93 -23.70 -24.96
C PHE A 458 -22.23 -22.41 -24.54
N LEU A 459 -21.39 -21.88 -25.44
CA LEU A 459 -20.74 -20.59 -25.22
C LEU A 459 -21.11 -19.69 -26.38
N ILE A 460 -21.48 -18.46 -26.09
CA ILE A 460 -21.51 -17.41 -27.10
C ILE A 460 -20.44 -16.38 -26.77
N ALA A 461 -19.69 -15.98 -27.80
CA ALA A 461 -18.70 -14.91 -27.64
C ALA A 461 -18.64 -14.11 -28.92
N GLY A 462 -18.19 -12.86 -28.82
CA GLY A 462 -18.00 -11.99 -29.98
C GLY A 462 -16.57 -12.13 -30.47
N ASP A 463 -16.29 -11.61 -31.66
CA ASP A 463 -14.93 -11.73 -32.24
C ASP A 463 -13.86 -11.00 -31.43
N GLY A 464 -14.22 -9.85 -30.84
CA GLY A 464 -13.28 -9.05 -30.05
C GLY A 464 -12.82 -9.77 -28.80
N GLY A 465 -13.77 -10.13 -27.94
CA GLY A 465 -13.48 -10.84 -26.70
C GLY A 465 -12.99 -12.25 -26.94
N PHE A 466 -13.61 -12.95 -27.88
CA PHE A 466 -13.21 -14.34 -28.12
C PHE A 466 -11.74 -14.45 -28.53
N HIS A 467 -11.32 -13.59 -29.46
CA HIS A 467 -9.96 -13.66 -29.96
C HIS A 467 -8.92 -13.14 -28.96
N SER A 468 -9.36 -12.34 -27.99
CA SER A 468 -8.45 -11.88 -26.93
C SER A 468 -7.88 -13.07 -26.15
N ASN A 469 -8.63 -14.18 -26.12
CA ASN A 469 -8.29 -15.34 -25.30
C ASN A 469 -8.56 -16.68 -26.02
N SER A 470 -8.44 -16.69 -27.34
CA SER A 470 -8.82 -17.85 -28.17
C SER A 470 -7.84 -19.02 -28.17
N SER A 471 -6.61 -18.79 -27.71
CA SER A 471 -5.59 -19.84 -27.70
C SER A 471 -5.95 -21.00 -26.81
N ASP A 472 -6.80 -20.75 -25.83
CA ASP A 472 -7.25 -21.82 -24.96
C ASP A 472 -8.31 -22.74 -25.62
N LEU A 473 -8.57 -22.55 -26.91
CA LEU A 473 -9.28 -23.57 -27.70
C LEU A 473 -8.53 -24.91 -27.63
N GLU A 474 -7.20 -24.85 -27.66
CA GLU A 474 -6.37 -26.03 -27.57
C GLU A 474 -6.61 -26.80 -26.26
N THR A 475 -6.79 -26.06 -25.15
CA THR A 475 -7.11 -26.67 -23.86
C THR A 475 -8.44 -27.44 -23.90
N ILE A 476 -9.47 -26.84 -24.49
CA ILE A 476 -10.77 -27.50 -24.66
C ILE A 476 -10.60 -28.82 -25.43
N ALA A 477 -9.85 -28.76 -26.53
CA ALA A 477 -9.51 -29.93 -27.33
C ALA A 477 -8.75 -30.97 -26.51
N ARG A 478 -7.70 -30.53 -25.81
CA ARG A 478 -6.88 -31.40 -24.96
C ARG A 478 -7.66 -32.06 -23.82
N LEU A 479 -8.57 -31.31 -23.20
CA LEU A 479 -9.38 -31.86 -22.11
C LEU A 479 -10.61 -32.62 -22.65
N ASN A 480 -10.82 -32.54 -23.97
CA ASN A 480 -11.99 -33.10 -24.66
C ASN A 480 -13.33 -32.72 -24.01
N LEU A 481 -13.47 -31.43 -23.72
CA LEU A 481 -14.69 -30.90 -23.11
C LEU A 481 -15.66 -30.55 -24.23
N PRO A 482 -16.84 -31.21 -24.27
CA PRO A 482 -17.74 -31.14 -25.44
C PRO A 482 -18.54 -29.85 -25.48
N ILE A 483 -17.84 -28.73 -25.25
CA ILE A 483 -18.42 -27.39 -25.29
C ILE A 483 -18.74 -27.02 -26.73
N VAL A 484 -19.95 -26.49 -26.96
CA VAL A 484 -20.33 -25.94 -28.26
C VAL A 484 -20.23 -24.41 -28.24
N THR A 485 -19.33 -23.87 -29.04
CA THR A 485 -19.06 -22.44 -29.07
C THR A 485 -19.65 -21.76 -30.30
N VAL A 486 -20.34 -20.65 -30.08
CA VAL A 486 -20.82 -19.80 -31.15
C VAL A 486 -20.05 -18.49 -31.09
N VAL A 487 -19.30 -18.18 -32.15
CA VAL A 487 -18.63 -16.89 -32.26
C VAL A 487 -19.44 -15.98 -33.17
N VAL A 488 -19.97 -14.90 -32.60
CA VAL A 488 -20.67 -13.89 -33.38
C VAL A 488 -19.70 -12.80 -33.81
N ASN A 489 -19.49 -12.73 -35.14
CA ASN A 489 -18.40 -11.95 -35.71
C ASN A 489 -18.91 -10.76 -36.51
N ASN A 490 -18.44 -9.57 -36.14
CA ASN A 490 -18.68 -8.38 -36.95
C ASN A 490 -17.41 -7.54 -37.17
N ASP A 491 -16.24 -8.18 -36.99
CA ASP A 491 -14.92 -7.57 -37.23
C ASP A 491 -14.72 -6.25 -36.48
N THR A 492 -15.30 -6.17 -35.28
CA THR A 492 -15.36 -4.94 -34.51
C THR A 492 -15.51 -5.27 -33.02
N ASN A 493 -14.96 -4.38 -32.19
CA ASN A 493 -15.32 -4.28 -30.78
C ASN A 493 -16.63 -3.50 -30.75
N GLY A 494 -17.72 -4.21 -30.99
CA GLY A 494 -19.03 -3.60 -31.30
C GLY A 494 -19.57 -2.69 -30.22
N LEU A 495 -19.61 -3.19 -28.99
CA LEU A 495 -20.06 -2.39 -27.85
C LEU A 495 -19.29 -1.07 -27.76
N ILE A 496 -18.00 -1.10 -28.03
CA ILE A 496 -17.16 0.10 -27.91
C ILE A 496 -17.49 1.11 -29.01
N GLU A 497 -17.81 0.62 -30.22
CA GLU A 497 -18.29 1.50 -31.29
C GLU A 497 -19.61 2.15 -30.89
N LEU A 498 -20.47 1.41 -30.19
CA LEU A 498 -21.70 1.99 -29.65
C LEU A 498 -21.38 3.17 -28.72
N TYR A 499 -20.45 2.96 -27.79
CA TYR A 499 -20.04 4.03 -26.86
C TYR A 499 -19.45 5.25 -27.56
N GLN A 500 -18.67 5.04 -28.62
CA GLN A 500 -18.15 6.13 -29.43
C GLN A 500 -19.30 6.98 -29.94
N ASN A 501 -20.33 6.33 -30.48
CA ASN A 501 -21.50 7.01 -31.01
C ASN A 501 -22.36 7.71 -29.95
N ILE A 502 -22.53 7.08 -28.79
CA ILE A 502 -23.19 7.71 -27.64
C ILE A 502 -22.46 8.99 -27.19
N GLY A 503 -21.14 8.93 -27.10
CA GLY A 503 -20.35 10.06 -26.63
C GLY A 503 -20.02 11.15 -27.64
N HIS A 504 -19.88 10.78 -28.91
CA HIS A 504 -19.32 11.67 -29.92
C HIS A 504 -20.20 11.83 -31.18
N HIS A 505 -21.26 11.02 -31.27
CA HIS A 505 -22.17 10.99 -32.42
C HIS A 505 -21.52 10.54 -33.73
N ARG A 506 -20.41 9.82 -33.60
CA ARG A 506 -19.70 9.22 -34.74
C ARG A 506 -18.71 8.15 -34.25
N SER A 507 -18.26 7.32 -35.18
CA SER A 507 -17.29 6.27 -34.90
C SER A 507 -15.88 6.77 -35.17
N HIS A 508 -14.89 6.02 -34.66
CA HIS A 508 -13.50 6.20 -35.03
C HIS A 508 -12.92 4.79 -35.17
N ASP A 509 -12.81 4.34 -36.41
CA ASP A 509 -12.43 2.95 -36.73
C ASP A 509 -11.10 2.44 -36.14
N PRO A 510 -10.04 3.29 -36.13
CA PRO A 510 -8.75 2.85 -35.54
C PRO A 510 -8.83 2.32 -34.09
N ALA A 511 -9.86 2.72 -33.35
CA ALA A 511 -10.01 2.31 -31.94
C ALA A 511 -10.91 1.09 -31.73
N VAL A 512 -11.61 0.65 -32.78
CA VAL A 512 -12.61 -0.44 -32.67
C VAL A 512 -12.60 -1.53 -33.74
N LYS A 513 -12.04 -1.23 -34.92
CA LYS A 513 -12.17 -2.12 -36.08
C LYS A 513 -11.00 -3.10 -36.29
N PHE A 514 -11.36 -4.35 -36.53
CA PHE A 514 -10.40 -5.39 -36.87
C PHE A 514 -10.49 -5.77 -38.35
N GLY A 515 -9.49 -6.52 -38.80
CA GLY A 515 -9.56 -7.20 -40.07
C GLY A 515 -10.19 -8.56 -39.89
N GLY A 516 -10.17 -9.35 -40.95
CA GLY A 516 -10.82 -10.63 -40.94
C GLY A 516 -10.04 -11.65 -40.16
N VAL A 517 -10.75 -12.39 -39.31
CA VAL A 517 -10.23 -13.61 -38.69
C VAL A 517 -11.20 -14.71 -39.06
N ASP A 518 -10.67 -15.82 -39.57
CA ASP A 518 -11.47 -16.99 -39.88
C ASP A 518 -11.50 -17.90 -38.66
N PHE A 519 -12.58 -17.82 -37.89
CA PHE A 519 -12.68 -18.55 -36.64
C PHE A 519 -12.93 -20.05 -36.82
N VAL A 520 -13.51 -20.42 -37.96
CA VAL A 520 -13.65 -21.85 -38.30
C VAL A 520 -12.23 -22.44 -38.46
N ALA A 521 -11.42 -21.78 -39.28
CA ALA A 521 -10.01 -22.17 -39.48
C ALA A 521 -9.20 -22.11 -38.18
N LEU A 522 -9.43 -21.08 -37.37
CA LEU A 522 -8.76 -20.94 -36.07
C LEU A 522 -9.03 -22.14 -35.16
N ALA A 523 -10.31 -22.51 -35.05
CA ALA A 523 -10.70 -23.65 -34.21
C ALA A 523 -10.07 -24.93 -34.73
N GLU A 524 -10.07 -25.11 -36.04
CA GLU A 524 -9.48 -26.31 -36.63
C GLU A 524 -7.97 -26.41 -36.42
N ALA A 525 -7.27 -25.26 -36.51
CA ALA A 525 -5.84 -25.20 -36.19
C ALA A 525 -5.54 -25.67 -34.77
N ASN A 526 -6.53 -25.51 -33.88
CA ASN A 526 -6.43 -25.91 -32.47
C ASN A 526 -6.98 -27.31 -32.20
N GLY A 527 -7.44 -27.98 -33.26
CA GLY A 527 -7.94 -29.35 -33.15
C GLY A 527 -9.41 -29.44 -32.76
N VAL A 528 -10.16 -28.37 -32.99
CA VAL A 528 -11.58 -28.31 -32.67
C VAL A 528 -12.36 -28.22 -33.98
N ASP A 529 -13.23 -29.20 -34.24
CA ASP A 529 -14.06 -29.17 -35.44
C ASP A 529 -14.97 -27.94 -35.44
N ALA A 530 -15.19 -27.37 -36.62
CA ALA A 530 -15.91 -26.11 -36.71
C ALA A 530 -16.63 -25.96 -38.05
N THR A 531 -17.64 -25.10 -38.06
CA THR A 531 -18.37 -24.78 -39.28
C THR A 531 -18.85 -23.33 -39.22
N ARG A 532 -19.24 -22.80 -40.37
CA ARG A 532 -19.79 -21.45 -40.47
C ARG A 532 -21.30 -21.54 -40.74
N ALA A 533 -22.08 -20.74 -40.01
CA ALA A 533 -23.53 -20.68 -40.18
C ALA A 533 -24.01 -19.24 -40.38
N THR A 534 -24.82 -19.02 -41.43
CA THR A 534 -25.23 -17.67 -41.86
C THR A 534 -26.74 -17.38 -41.74
N ASN A 535 -27.52 -18.37 -41.33
CA ASN A 535 -28.94 -18.18 -41.11
C ASN A 535 -29.46 -19.17 -40.06
N ARG A 536 -30.72 -19.03 -39.67
CA ARG A 536 -31.30 -19.87 -38.63
C ARG A 536 -31.20 -21.36 -38.99
N GLU A 537 -31.48 -21.69 -40.26
CA GLU A 537 -31.45 -23.08 -40.72
C GLU A 537 -30.05 -23.67 -40.54
N GLU A 538 -29.05 -22.94 -41.01
CA GLU A 538 -27.65 -23.36 -40.88
C GLU A 538 -27.19 -23.42 -39.42
N LEU A 539 -27.64 -22.46 -38.62
CA LEU A 539 -27.27 -22.40 -37.20
C LEU A 539 -27.85 -23.55 -36.38
N LEU A 540 -29.15 -23.82 -36.53
CA LEU A 540 -29.78 -24.94 -35.84
C LEU A 540 -29.12 -26.28 -36.18
N ALA A 541 -28.81 -26.46 -37.47
CA ALA A 541 -28.13 -27.67 -37.93
C ALA A 541 -26.74 -27.80 -37.30
N ALA A 542 -25.99 -26.70 -37.28
CA ALA A 542 -24.66 -26.67 -36.65
C ALA A 542 -24.71 -26.95 -35.14
N LEU A 543 -25.69 -26.35 -34.46
CA LEU A 543 -25.84 -26.53 -33.02
C LEU A 543 -26.21 -27.96 -32.64
N ARG A 544 -27.12 -28.55 -33.41
CA ARG A 544 -27.55 -29.92 -33.18
C ARG A 544 -26.42 -30.91 -33.45
N LYS A 545 -25.63 -30.64 -34.48
CA LYS A 545 -24.41 -31.41 -34.76
C LYS A 545 -23.42 -31.31 -33.60
N GLY A 546 -23.17 -30.10 -33.12
CA GLY A 546 -22.26 -29.87 -32.02
C GLY A 546 -22.72 -30.56 -30.75
N ALA A 547 -24.01 -30.44 -30.44
CA ALA A 547 -24.56 -30.96 -29.19
C ALA A 547 -24.49 -32.48 -29.10
N GLU A 548 -24.48 -33.15 -30.25
CA GLU A 548 -24.43 -34.61 -30.32
C GLU A 548 -23.02 -35.16 -30.60
N LEU A 549 -22.05 -34.26 -30.77
CA LEU A 549 -20.73 -34.62 -31.29
C LEU A 549 -19.83 -35.42 -30.34
N GLY A 550 -19.98 -35.19 -29.04
CA GLY A 550 -19.10 -35.85 -28.05
C GLY A 550 -17.66 -35.33 -28.09
N ARG A 551 -17.49 -34.16 -28.71
CA ARG A 551 -16.21 -33.47 -28.85
C ARG A 551 -16.60 -32.00 -28.89
N PRO A 552 -15.66 -31.10 -28.55
CA PRO A 552 -15.96 -29.67 -28.73
C PRO A 552 -16.30 -29.34 -30.19
N PHE A 553 -17.02 -28.23 -30.38
CA PHE A 553 -17.42 -27.79 -31.71
C PHE A 553 -17.52 -26.28 -31.69
N LEU A 554 -17.07 -25.64 -32.77
CA LEU A 554 -17.18 -24.18 -32.88
C LEU A 554 -18.00 -23.79 -34.11
N ILE A 555 -18.83 -22.76 -33.94
CA ILE A 555 -19.67 -22.24 -35.02
C ILE A 555 -19.46 -20.74 -35.14
N GLU A 556 -19.02 -20.29 -36.31
CA GLU A 556 -18.89 -18.87 -36.57
C GLU A 556 -20.15 -18.33 -37.26
N VAL A 557 -20.68 -17.23 -36.74
CA VAL A 557 -21.85 -16.58 -37.31
C VAL A 557 -21.56 -15.11 -37.57
N PRO A 558 -21.67 -14.68 -38.85
CA PRO A 558 -21.61 -13.24 -39.15
C PRO A 558 -22.83 -12.52 -38.60
N VAL A 559 -22.61 -11.38 -37.93
CA VAL A 559 -23.70 -10.60 -37.38
C VAL A 559 -23.48 -9.13 -37.68
N ASN A 560 -24.53 -8.33 -37.51
CA ASN A 560 -24.41 -6.87 -37.47
C ASN A 560 -25.41 -6.31 -36.46
N TYR A 561 -25.17 -5.07 -36.02
CA TYR A 561 -26.00 -4.47 -34.98
C TYR A 561 -26.94 -3.35 -35.46
N ASP A 562 -26.40 -2.36 -36.16
CA ASP A 562 -27.16 -1.13 -36.47
C ASP A 562 -27.89 -0.62 -35.21
N PHE A 563 -27.15 0.06 -34.35
CA PHE A 563 -27.71 0.52 -33.08
C PHE A 563 -28.32 1.93 -33.17
N GLN A 564 -29.23 2.23 -32.24
CA GLN A 564 -29.79 3.58 -32.09
C GLN A 564 -29.24 4.23 -30.81
N PRO A 565 -28.12 5.00 -30.94
CA PRO A 565 -27.43 5.62 -29.80
C PRO A 565 -28.33 6.47 -28.89
N GLY A 566 -29.41 7.00 -29.45
CA GLY A 566 -30.38 7.80 -28.68
C GLY A 566 -31.18 6.98 -27.68
N GLY A 567 -31.22 5.67 -27.88
CA GLY A 567 -32.03 4.77 -27.04
C GLY A 567 -31.37 4.26 -25.77
N PHE A 568 -30.16 4.74 -25.47
CA PHE A 568 -29.37 4.20 -24.37
C PHE A 568 -29.17 5.15 -23.18
N GLY A 569 -30.12 6.06 -23.00
CA GLY A 569 -30.11 7.02 -21.89
C GLY A 569 -30.10 6.39 -20.49
N ALA A 570 -30.62 5.16 -20.38
CA ALA A 570 -30.64 4.44 -19.10
C ALA A 570 -29.24 4.13 -18.54
N LEU A 571 -28.22 4.27 -19.39
CA LEU A 571 -26.83 4.01 -19.00
C LEU A 571 -26.20 5.18 -18.22
N SER A 572 -26.83 6.35 -18.26
CA SER A 572 -26.38 7.52 -17.49
C SER A 572 -26.33 7.28 -16.00
N LYS B 11 -16.48 21.98 -26.79
CA LYS B 11 -15.23 22.48 -26.12
C LYS B 11 -14.26 21.33 -25.83
N PRO B 12 -12.94 21.55 -26.02
CA PRO B 12 -11.91 20.54 -25.72
C PRO B 12 -11.93 20.03 -24.27
N THR B 13 -11.87 18.71 -24.12
CA THR B 13 -11.94 18.08 -22.80
C THR B 13 -10.55 17.61 -22.31
N ALA B 14 -10.50 17.01 -21.13
CA ALA B 14 -9.27 16.39 -20.62
C ALA B 14 -8.70 15.36 -21.60
N ALA B 15 -9.58 14.72 -22.39
CA ALA B 15 -9.14 13.76 -23.41
C ALA B 15 -8.26 14.45 -24.46
N HIS B 16 -8.73 15.59 -24.95
CA HIS B 16 -7.93 16.42 -25.84
C HIS B 16 -6.63 16.89 -25.19
N ALA B 17 -6.72 17.36 -23.93
CA ALA B 17 -5.53 17.88 -23.25
C ALA B 17 -4.48 16.78 -22.98
N LEU B 18 -4.95 15.56 -22.69
CA LEU B 18 -4.08 14.39 -22.51
C LEU B 18 -3.31 14.02 -23.80
N LEU B 19 -4.05 13.82 -24.89
CA LEU B 19 -3.44 13.51 -26.19
C LEU B 19 -2.49 14.62 -26.64
N SER B 20 -2.87 15.86 -26.39
CA SER B 20 -2.06 16.98 -26.81
C SER B 20 -0.73 17.06 -26.04
N ARG B 21 -0.77 16.70 -24.76
CA ARG B 21 0.44 16.73 -23.96
C ARG B 21 1.36 15.56 -24.31
N LEU B 22 0.77 14.41 -24.59
CA LEU B 22 1.53 13.27 -25.11
C LEU B 22 2.24 13.65 -26.41
N ARG B 23 1.52 14.31 -27.32
CA ARG B 23 2.11 14.82 -28.58
C ARG B 23 3.27 15.79 -28.31
N ASP B 24 3.11 16.68 -27.33
CA ASP B 24 4.19 17.59 -26.90
C ASP B 24 5.47 16.86 -26.49
N HIS B 25 5.30 15.69 -25.87
CA HIS B 25 6.44 14.86 -25.48
C HIS B 25 6.91 13.92 -26.62
N GLY B 26 6.42 14.15 -27.83
CA GLY B 26 6.89 13.44 -29.02
C GLY B 26 6.16 12.16 -29.37
N VAL B 27 5.11 11.84 -28.62
CA VAL B 27 4.35 10.61 -28.82
C VAL B 27 3.47 10.74 -30.07
N GLY B 28 3.57 9.76 -30.95
CA GLY B 28 2.79 9.74 -32.19
C GLY B 28 1.84 8.56 -32.27
N LYS B 29 2.01 7.59 -31.36
CA LYS B 29 1.17 6.38 -31.33
C LYS B 29 0.70 6.07 -29.92
N VAL B 30 -0.55 5.62 -29.79
CA VAL B 30 -1.04 5.05 -28.54
C VAL B 30 -1.52 3.62 -28.80
N PHE B 31 -0.84 2.65 -28.21
CA PHE B 31 -1.20 1.24 -28.34
C PHE B 31 -2.20 0.87 -27.26
N GLY B 32 -3.27 0.16 -27.61
CA GLY B 32 -4.15 -0.34 -26.57
C GLY B 32 -5.42 -1.04 -27.02
N VAL B 33 -6.32 -1.23 -26.06
CA VAL B 33 -7.67 -1.67 -26.28
C VAL B 33 -8.59 -0.68 -25.54
N VAL B 34 -9.54 -0.10 -26.27
CA VAL B 34 -10.47 0.88 -25.67
C VAL B 34 -11.75 0.20 -25.19
N GLY B 35 -12.23 0.65 -24.03
CA GLY B 35 -13.49 0.20 -23.47
C GLY B 35 -14.52 1.33 -23.49
N ARG B 36 -15.47 1.25 -22.56
CA ARG B 36 -16.59 2.19 -22.52
C ARG B 36 -16.18 3.66 -22.39
N GLU B 37 -14.93 3.90 -22.00
CA GLU B 37 -14.36 5.26 -21.98
C GLU B 37 -14.30 5.90 -23.36
N ALA B 38 -14.56 5.11 -24.41
CA ALA B 38 -14.70 5.62 -25.78
C ALA B 38 -15.78 6.71 -25.89
N ALA B 39 -16.75 6.68 -24.96
CA ALA B 39 -17.72 7.77 -24.84
C ALA B 39 -17.06 9.09 -24.47
N SER B 40 -15.89 9.02 -23.84
CA SER B 40 -15.15 10.22 -23.39
C SER B 40 -13.95 10.60 -24.26
N ILE B 41 -13.38 9.61 -24.96
CA ILE B 41 -12.17 9.82 -25.77
C ILE B 41 -12.26 9.03 -27.07
N LEU B 42 -12.17 9.75 -28.19
CA LEU B 42 -12.36 9.14 -29.50
C LEU B 42 -11.05 8.66 -30.08
N PHE B 43 -10.00 9.46 -29.84
CA PHE B 43 -8.61 9.26 -30.32
C PHE B 43 -8.31 9.91 -31.66
N ASP B 44 -9.22 10.78 -32.10
CA ASP B 44 -8.97 11.64 -33.27
C ASP B 44 -8.87 13.10 -32.86
N GLU B 45 -8.85 13.36 -31.55
CA GLU B 45 -8.85 14.73 -31.01
C GLU B 45 -7.65 15.56 -31.44
N VAL B 46 -6.50 14.89 -31.59
CA VAL B 46 -5.23 15.58 -31.80
C VAL B 46 -4.53 15.00 -33.04
N GLU B 47 -4.23 15.89 -33.99
CA GLU B 47 -3.48 15.52 -35.18
C GLU B 47 -2.06 15.14 -34.81
N GLY B 48 -1.59 14.03 -35.36
CA GLY B 48 -0.22 13.57 -35.13
C GLY B 48 -0.10 12.37 -34.19
N ILE B 49 -1.19 12.02 -33.53
CA ILE B 49 -1.18 10.89 -32.61
C ILE B 49 -2.28 9.89 -33.01
N ASP B 50 -1.86 8.64 -33.29
CA ASP B 50 -2.75 7.60 -33.83
C ASP B 50 -2.93 6.46 -32.83
N PHE B 51 -4.15 5.95 -32.74
CA PHE B 51 -4.39 4.77 -31.94
C PHE B 51 -4.01 3.50 -32.70
N VAL B 52 -3.33 2.60 -31.99
CA VAL B 52 -2.95 1.29 -32.52
C VAL B 52 -3.67 0.19 -31.72
N LEU B 53 -4.74 -0.35 -32.30
CA LEU B 53 -5.57 -1.35 -31.61
C LEU B 53 -4.95 -2.75 -31.64
N THR B 54 -4.81 -3.34 -30.46
CA THR B 54 -4.29 -4.71 -30.30
C THR B 54 -5.44 -5.63 -29.90
N ARG B 55 -5.19 -6.94 -29.92
CA ARG B 55 -6.18 -7.95 -29.51
C ARG B 55 -6.20 -8.19 -28.01
N HIS B 56 -5.10 -7.83 -27.35
CA HIS B 56 -4.93 -7.96 -25.91
C HIS B 56 -4.04 -6.81 -25.42
N GLU B 57 -4.27 -6.35 -24.20
CA GLU B 57 -3.57 -5.19 -23.64
C GLU B 57 -2.07 -5.43 -23.38
N PHE B 58 -1.71 -6.68 -23.09
CA PHE B 58 -0.30 -7.06 -22.90
C PHE B 58 0.51 -6.69 -24.13
N THR B 59 0.00 -7.03 -25.30
CA THR B 59 0.62 -6.68 -26.58
C THR B 59 0.83 -5.17 -26.71
N ALA B 60 -0.17 -4.39 -26.33
CA ALA B 60 -0.08 -2.93 -26.34
C ALA B 60 1.04 -2.39 -25.43
N GLY B 61 1.11 -2.89 -24.20
CA GLY B 61 2.12 -2.44 -23.24
C GLY B 61 3.53 -2.80 -23.68
N VAL B 62 3.71 -4.02 -24.17
CA VAL B 62 5.03 -4.47 -24.65
C VAL B 62 5.50 -3.77 -25.92
N ALA B 63 4.57 -3.51 -26.85
CA ALA B 63 4.89 -2.77 -28.07
C ALA B 63 5.38 -1.36 -27.74
N ALA B 64 4.71 -0.70 -26.79
CA ALA B 64 5.14 0.61 -26.31
C ALA B 64 6.52 0.56 -25.64
N ASP B 65 6.76 -0.47 -24.83
CA ASP B 65 8.07 -0.72 -24.18
C ASP B 65 9.22 -0.80 -25.20
N VAL B 66 9.03 -1.64 -26.21
CA VAL B 66 10.07 -1.89 -27.21
C VAL B 66 10.28 -0.65 -28.10
N LEU B 67 9.19 0.02 -28.45
CA LEU B 67 9.29 1.26 -29.23
C LEU B 67 10.05 2.34 -28.44
N ALA B 68 9.78 2.42 -27.14
CA ALA B 68 10.51 3.34 -26.24
C ALA B 68 11.99 2.96 -26.12
N ARG B 69 12.28 1.67 -26.03
CA ARG B 69 13.65 1.19 -25.96
C ARG B 69 14.46 1.58 -27.20
N ILE B 70 13.89 1.38 -28.38
CA ILE B 70 14.64 1.62 -29.62
C ILE B 70 14.73 3.11 -29.94
N THR B 71 13.64 3.85 -29.75
CA THR B 71 13.64 5.29 -29.99
C THR B 71 14.36 6.10 -28.91
N GLY B 72 14.38 5.60 -27.67
CA GLY B 72 14.91 6.36 -26.55
C GLY B 72 13.96 7.46 -26.09
N ARG B 73 12.69 7.37 -26.49
CA ARG B 73 11.69 8.39 -26.23
CA ARG B 73 11.70 8.39 -26.20
C ARG B 73 10.50 7.78 -25.50
N PRO B 74 9.82 8.58 -24.64
CA PRO B 74 8.63 8.02 -24.00
C PRO B 74 7.58 7.59 -25.02
N GLN B 75 6.90 6.48 -24.72
CA GLN B 75 5.83 5.96 -25.57
C GLN B 75 4.60 5.71 -24.69
N ALA B 76 3.45 5.40 -25.30
CA ALA B 76 2.19 5.33 -24.55
C ALA B 76 1.32 4.11 -24.88
N CYS B 77 0.67 3.57 -23.85
CA CYS B 77 -0.28 2.47 -24.02
C CYS B 77 -1.57 2.73 -23.23
N TRP B 78 -2.64 2.00 -23.58
CA TRP B 78 -3.99 2.34 -23.12
C TRP B 78 -4.82 1.10 -22.79
N ALA B 79 -5.53 1.14 -21.67
CA ALA B 79 -6.50 0.09 -21.36
C ALA B 79 -7.75 0.67 -20.71
N THR B 80 -8.82 -0.12 -20.68
CA THR B 80 -10.03 0.25 -19.96
C THR B 80 -9.90 -0.01 -18.45
N LEU B 81 -10.97 0.26 -17.72
CA LEU B 81 -10.98 0.08 -16.28
C LEU B 81 -10.92 -1.39 -15.90
N GLY B 82 -10.59 -1.67 -14.65
CA GLY B 82 -10.70 -3.03 -14.13
C GLY B 82 -9.77 -3.99 -14.86
N PRO B 83 -10.34 -5.02 -15.52
CA PRO B 83 -9.55 -6.07 -16.18
C PRO B 83 -8.72 -5.57 -17.37
N GLY B 84 -9.10 -4.43 -17.94
CA GLY B 84 -8.26 -3.78 -18.94
C GLY B 84 -6.91 -3.44 -18.29
N MET B 85 -6.99 -2.69 -17.19
CA MET B 85 -5.82 -2.26 -16.42
C MET B 85 -4.99 -3.47 -15.94
N THR B 86 -5.65 -4.51 -15.43
CA THR B 86 -4.90 -5.69 -14.96
C THR B 86 -4.21 -6.44 -16.11
N ASN B 87 -4.87 -6.53 -17.26
CA ASN B 87 -4.23 -7.07 -18.47
C ASN B 87 -3.02 -6.25 -18.90
N LEU B 88 -3.16 -4.93 -18.84
CA LEU B 88 -2.07 -4.02 -19.19
C LEU B 88 -0.89 -4.11 -18.23
N SER B 89 -1.17 -4.49 -16.97
CA SER B 89 -0.14 -4.52 -15.94
C SER B 89 1.01 -5.51 -16.19
N THR B 90 0.78 -6.57 -16.97
CA THR B 90 1.89 -7.43 -17.41
C THR B 90 2.83 -6.70 -18.39
N GLY B 91 2.27 -5.81 -19.19
CA GLY B 91 3.07 -4.91 -20.04
C GLY B 91 3.79 -3.85 -19.22
N ILE B 92 3.10 -3.31 -18.20
CA ILE B 92 3.72 -2.40 -17.23
C ILE B 92 4.89 -3.09 -16.48
N ALA B 93 4.67 -4.32 -16.01
CA ALA B 93 5.71 -5.13 -15.40
C ALA B 93 6.92 -5.35 -16.32
N THR B 94 6.67 -5.56 -17.61
CA THR B 94 7.72 -5.66 -18.64
C THR B 94 8.55 -4.38 -18.65
N SER B 95 7.88 -3.23 -18.67
CA SER B 95 8.56 -1.93 -18.68
C SER B 95 9.35 -1.62 -17.40
N VAL B 96 8.86 -2.03 -16.23
CA VAL B 96 9.54 -1.72 -14.96
C VAL B 96 10.82 -2.57 -14.78
N LEU B 97 10.73 -3.84 -15.17
CA LEU B 97 11.85 -4.77 -15.03
C LEU B 97 12.84 -4.70 -16.20
N ASP B 98 12.34 -4.55 -17.43
CA ASP B 98 13.23 -4.45 -18.61
C ASP B 98 13.74 -3.03 -18.83
N ARG B 99 13.15 -2.06 -18.13
CA ARG B 99 13.55 -0.64 -18.17
C ARG B 99 13.24 0.07 -19.47
N SER B 100 12.08 0.73 -19.52
CA SER B 100 11.71 1.57 -20.66
C SER B 100 10.73 2.62 -20.17
N PRO B 101 10.82 3.85 -20.71
CA PRO B 101 9.95 4.95 -20.34
C PRO B 101 8.58 4.88 -21.03
N VAL B 102 7.62 4.21 -20.38
CA VAL B 102 6.29 4.01 -20.93
C VAL B 102 5.31 4.82 -20.08
N ILE B 103 4.42 5.54 -20.74
CA ILE B 103 3.29 6.18 -20.07
C ILE B 103 2.09 5.25 -20.25
N ALA B 104 1.68 4.61 -19.16
CA ALA B 104 0.55 3.66 -19.18
C ALA B 104 -0.69 4.37 -18.65
N LEU B 105 -1.76 4.29 -19.43
CA LEU B 105 -2.99 5.02 -19.15
C LEU B 105 -4.14 4.03 -19.08
N ALA B 106 -4.94 4.12 -18.03
CA ALA B 106 -6.13 3.29 -17.93
C ALA B 106 -7.33 4.09 -17.46
N ALA B 107 -8.49 3.76 -18.01
CA ALA B 107 -9.73 4.37 -17.60
C ALA B 107 -10.09 3.90 -16.18
N GLN B 108 -10.98 4.64 -15.53
CA GLN B 108 -11.49 4.27 -14.22
C GLN B 108 -12.98 4.62 -14.14
N SER B 109 -13.69 3.96 -13.22
CA SER B 109 -15.06 4.34 -12.85
C SER B 109 -15.19 5.84 -12.67
N GLU B 110 -16.39 6.36 -12.92
CA GLU B 110 -16.73 7.76 -12.67
C GLU B 110 -16.30 8.14 -11.25
N SER B 111 -15.73 9.32 -11.09
CA SER B 111 -15.05 9.71 -9.86
C SER B 111 -15.88 9.57 -8.59
N HIS B 112 -17.15 10.00 -8.65
CA HIS B 112 -18.08 9.92 -7.53
C HIS B 112 -18.57 8.49 -7.26
N ASP B 113 -18.18 7.55 -8.13
CA ASP B 113 -18.68 6.16 -8.07
C ASP B 113 -17.52 5.16 -7.90
N ILE B 114 -16.38 5.68 -7.46
CA ILE B 114 -15.19 4.83 -7.22
C ILE B 114 -15.31 4.12 -5.88
N PHE B 115 -15.70 2.86 -5.96
CA PHE B 115 -15.79 1.97 -4.82
C PHE B 115 -15.11 0.67 -5.22
N PRO B 116 -13.77 0.59 -5.05
CA PRO B 116 -13.01 -0.57 -5.52
C PRO B 116 -13.59 -1.88 -4.98
N ASN B 117 -13.75 -2.86 -5.85
CA ASN B 117 -14.31 -4.18 -5.50
C ASN B 117 -15.81 -4.18 -5.16
N ASP B 118 -16.49 -3.08 -5.45
CA ASP B 118 -17.95 -2.95 -5.25
C ASP B 118 -18.65 -2.37 -6.47
N THR B 119 -18.13 -1.26 -6.99
CA THR B 119 -18.63 -0.79 -8.27
C THR B 119 -18.23 -1.76 -9.38
N HIS B 120 -19.16 -1.98 -10.32
CA HIS B 120 -18.89 -2.75 -11.53
C HIS B 120 -17.58 -2.32 -12.21
N GLN B 121 -16.68 -3.29 -12.40
CA GLN B 121 -15.38 -3.10 -13.08
C GLN B 121 -14.42 -2.15 -12.35
N CYS B 122 -14.69 -1.88 -11.08
CA CYS B 122 -13.87 -0.94 -10.32
C CYS B 122 -12.83 -1.63 -9.44
N LEU B 123 -11.57 -1.45 -9.79
CA LEU B 123 -10.44 -1.92 -9.00
C LEU B 123 -9.64 -0.73 -8.50
N ASP B 124 -8.88 -0.91 -7.42
CA ASP B 124 -7.99 0.15 -6.94
C ASP B 124 -6.73 0.17 -7.80
N SER B 125 -6.85 0.81 -8.96
CA SER B 125 -5.78 0.81 -9.97
C SER B 125 -4.44 1.36 -9.49
N VAL B 126 -4.45 2.50 -8.82
CA VAL B 126 -3.21 3.10 -8.30
C VAL B 126 -2.51 2.16 -7.29
N ALA B 127 -3.27 1.55 -6.38
CA ALA B 127 -2.67 0.63 -5.40
C ALA B 127 -2.06 -0.63 -6.05
N ILE B 128 -2.73 -1.13 -7.07
CA ILE B 128 -2.31 -2.32 -7.81
C ILE B 128 -1.04 -2.06 -8.63
N VAL B 129 -0.95 -0.87 -9.24
CA VAL B 129 0.14 -0.54 -10.17
C VAL B 129 1.33 0.19 -9.50
N ALA B 130 1.08 0.90 -8.41
CA ALA B 130 2.15 1.60 -7.67
C ALA B 130 3.42 0.76 -7.41
N PRO B 131 3.27 -0.52 -6.95
CA PRO B 131 4.48 -1.32 -6.69
C PRO B 131 5.30 -1.72 -7.92
N MET B 132 4.74 -1.58 -9.13
CA MET B 132 5.44 -1.95 -10.36
C MET B 132 5.65 -0.77 -11.30
N SER B 133 5.82 0.43 -10.75
CA SER B 133 5.91 1.63 -11.58
C SER B 133 6.74 2.72 -10.93
N LYS B 134 7.12 3.69 -11.74
CA LYS B 134 7.91 4.83 -11.27
C LYS B 134 7.05 5.87 -10.59
N TYR B 135 5.77 5.84 -10.92
CA TYR B 135 4.84 6.93 -10.63
C TYR B 135 3.46 6.40 -10.97
N ALA B 136 2.49 6.65 -10.09
CA ALA B 136 1.13 6.20 -10.28
C ALA B 136 0.18 7.16 -9.60
N VAL B 137 -0.85 7.59 -10.34
CA VAL B 137 -1.72 8.66 -9.88
C VAL B 137 -3.10 8.53 -10.54
N GLU B 138 -4.13 9.03 -9.86
CA GLU B 138 -5.47 9.12 -10.42
C GLU B 138 -5.86 10.58 -10.63
N LEU B 139 -6.32 10.89 -11.85
CA LEU B 139 -6.83 12.22 -12.19
C LEU B 139 -8.00 12.65 -11.28
N GLN B 140 -7.93 13.86 -10.74
CA GLN B 140 -9.00 14.38 -9.87
C GLN B 140 -9.63 15.67 -10.38
N ARG B 141 -8.82 16.56 -10.96
CA ARG B 141 -9.29 17.84 -11.52
C ARG B 141 -8.84 17.87 -12.98
N PRO B 142 -9.80 17.86 -13.93
CA PRO B 142 -9.51 17.69 -15.37
C PRO B 142 -8.32 18.47 -15.95
N HIS B 143 -8.16 19.73 -15.58
CA HIS B 143 -7.12 20.58 -16.21
C HIS B 143 -5.71 20.19 -15.79
N GLU B 144 -5.61 19.44 -14.69
CA GLU B 144 -4.33 18.98 -14.17
C GLU B 144 -3.71 17.83 -14.95
N ILE B 145 -4.44 17.26 -15.92
CA ILE B 145 -3.89 16.14 -16.70
C ILE B 145 -2.55 16.47 -17.38
N THR B 146 -2.40 17.72 -17.78
CA THR B 146 -1.16 18.20 -18.37
C THR B 146 0.04 18.07 -17.40
N ASP B 147 -0.12 18.51 -16.14
CA ASP B 147 0.97 18.32 -15.17
C ASP B 147 1.16 16.85 -14.74
N LEU B 148 0.09 16.06 -14.82
CA LEU B 148 0.21 14.64 -14.48
C LEU B 148 1.03 13.89 -15.53
N VAL B 149 0.78 14.20 -16.80
CA VAL B 149 1.62 13.70 -17.91
C VAL B 149 3.08 14.11 -17.74
N ASP B 150 3.32 15.36 -17.39
CA ASP B 150 4.69 15.85 -17.20
C ASP B 150 5.41 15.12 -16.07
N SER B 151 4.74 14.95 -14.93
CA SER B 151 5.33 14.27 -13.79
C SER B 151 5.56 12.79 -14.10
N ALA B 152 4.64 12.20 -14.88
CA ALA B 152 4.74 10.82 -15.34
C ALA B 152 5.99 10.63 -16.20
N VAL B 153 6.20 11.59 -17.11
CA VAL B 153 7.34 11.57 -18.02
C VAL B 153 8.64 11.80 -17.25
N ASN B 154 8.61 12.75 -16.33
CA ASN B 154 9.76 13.02 -15.46
C ASN B 154 10.24 11.75 -14.73
N ALA B 155 9.30 10.99 -14.19
CA ALA B 155 9.62 9.81 -13.39
C ALA B 155 10.04 8.63 -14.27
N ALA B 156 9.35 8.46 -15.40
CA ALA B 156 9.66 7.44 -16.40
C ALA B 156 11.09 7.58 -16.92
N MET B 157 11.53 8.83 -17.12
CA MET B 157 12.83 9.11 -17.74
C MET B 157 13.95 9.39 -16.74
N THR B 158 13.78 8.92 -15.50
CA THR B 158 14.85 8.94 -14.51
C THR B 158 15.30 7.50 -14.29
N GLU B 159 16.61 7.25 -14.31
CA GLU B 159 17.12 5.89 -14.12
C GLU B 159 16.80 5.38 -12.71
N PRO B 160 16.41 4.08 -12.59
CA PRO B 160 16.20 3.17 -13.72
C PRO B 160 14.88 3.50 -14.40
N VAL B 161 14.92 3.66 -15.73
CA VAL B 161 13.73 4.06 -16.45
C VAL B 161 12.65 2.98 -16.33
N GLY B 162 11.41 3.42 -16.41
CA GLY B 162 10.31 2.52 -16.24
C GLY B 162 9.00 3.21 -16.54
N PRO B 163 7.88 2.52 -16.30
CA PRO B 163 6.56 3.02 -16.66
C PRO B 163 5.96 3.94 -15.57
N SER B 164 5.20 4.93 -16.01
CA SER B 164 4.41 5.76 -15.11
C SER B 164 2.94 5.60 -15.47
N PHE B 165 2.08 5.51 -14.47
CA PHE B 165 0.67 5.16 -14.66
C PHE B 165 -0.25 6.32 -14.28
N ILE B 166 -1.23 6.60 -15.14
CA ILE B 166 -2.31 7.55 -14.82
C ILE B 166 -3.67 6.89 -14.95
N SER B 167 -4.43 6.90 -13.86
CA SER B 167 -5.80 6.40 -13.83
C SER B 167 -6.77 7.53 -14.14
N LEU B 168 -7.72 7.29 -15.04
CA LEU B 168 -8.53 8.34 -15.66
C LEU B 168 -10.03 8.09 -15.50
N PRO B 169 -10.65 8.65 -14.43
CA PRO B 169 -12.08 8.44 -14.28
C PRO B 169 -12.82 9.00 -15.50
N VAL B 170 -13.72 8.18 -16.05
CA VAL B 170 -14.40 8.45 -17.34
C VAL B 170 -15.10 9.81 -17.39
N ASP B 171 -15.74 10.20 -16.28
CA ASP B 171 -16.41 11.50 -16.20
C ASP B 171 -15.42 12.67 -16.32
N LEU B 172 -14.26 12.57 -15.67
CA LEU B 172 -13.27 13.64 -15.72
C LEU B 172 -12.52 13.67 -17.04
N LEU B 173 -12.28 12.49 -17.61
CA LEU B 173 -11.71 12.38 -18.94
C LEU B 173 -12.55 13.13 -19.99
N GLY B 174 -13.87 13.05 -19.86
CA GLY B 174 -14.77 13.73 -20.78
C GLY B 174 -15.17 15.14 -20.36
N SER B 175 -14.46 15.71 -19.39
CA SER B 175 -14.82 17.03 -18.86
C SER B 175 -13.93 18.13 -19.41
N SER B 176 -14.53 19.30 -19.64
CA SER B 176 -13.80 20.49 -20.07
C SER B 176 -13.59 21.49 -18.93
N GLU B 177 -14.01 21.13 -17.72
CA GLU B 177 -13.88 22.01 -16.56
C GLU B 177 -12.44 22.46 -16.32
N GLY B 178 -12.22 23.77 -16.42
CA GLY B 178 -10.91 24.38 -16.18
C GLY B 178 -9.93 24.25 -17.33
N ILE B 179 -10.37 23.66 -18.43
CA ILE B 179 -9.52 23.49 -19.60
C ILE B 179 -9.71 24.65 -20.57
N ASP B 180 -8.61 25.32 -20.85
CA ASP B 180 -8.57 26.49 -21.73
C ASP B 180 -7.44 26.25 -22.73
N THR B 181 -7.81 25.86 -23.94
CA THR B 181 -6.84 25.50 -24.97
C THR B 181 -6.33 26.70 -25.78
N THR B 182 -6.79 27.90 -25.45
CA THR B 182 -6.29 29.13 -26.09
C THR B 182 -4.99 29.60 -25.43
N VAL B 183 -4.80 29.19 -24.17
CA VAL B 183 -3.54 29.39 -23.45
C VAL B 183 -2.60 28.23 -23.84
N PRO B 184 -1.49 28.53 -24.56
CA PRO B 184 -0.62 27.44 -25.03
C PRO B 184 0.04 26.69 -23.87
N ASN B 185 0.27 25.39 -24.06
CA ASN B 185 0.98 24.57 -23.08
C ASN B 185 2.39 25.12 -22.84
N PRO B 186 2.87 25.05 -21.58
CA PRO B 186 4.28 25.35 -21.33
C PRO B 186 5.21 24.34 -22.03
N PRO B 187 6.49 24.69 -22.23
CA PRO B 187 7.38 23.73 -22.90
C PRO B 187 7.39 22.38 -22.19
N ALA B 188 7.44 21.30 -22.97
CA ALA B 188 7.49 19.94 -22.44
C ALA B 188 8.83 19.63 -21.79
N ASN B 189 9.91 20.10 -22.43
CA ASN B 189 11.28 19.86 -21.97
C ASN B 189 11.57 18.38 -21.71
N THR B 190 11.15 17.51 -22.63
CA THR B 190 11.37 16.06 -22.51
C THR B 190 12.88 15.77 -22.44
N PRO B 191 13.31 14.99 -21.44
CA PRO B 191 14.74 14.68 -21.37
C PRO B 191 15.24 14.01 -22.65
N ALA B 192 16.39 14.48 -23.15
CA ALA B 192 17.01 13.93 -24.37
C ALA B 192 17.44 12.47 -24.17
N LYS B 193 17.91 12.15 -22.96
CA LYS B 193 18.22 10.79 -22.53
C LYS B 193 17.89 10.68 -21.04
N PRO B 194 17.89 9.45 -20.48
CA PRO B 194 17.50 9.33 -19.08
C PRO B 194 18.31 10.18 -18.09
N VAL B 195 17.59 10.83 -17.18
CA VAL B 195 18.19 11.54 -16.06
C VAL B 195 18.84 10.49 -15.17
N GLY B 196 20.06 10.75 -14.73
CA GLY B 196 20.81 9.78 -13.94
C GLY B 196 21.08 10.22 -12.51
N VAL B 197 21.37 9.25 -11.66
CA VAL B 197 21.82 9.51 -10.31
C VAL B 197 23.36 9.68 -10.38
N VAL B 198 23.89 10.65 -9.65
CA VAL B 198 25.32 10.93 -9.67
C VAL B 198 25.83 11.16 -8.25
N ALA B 199 26.85 10.41 -7.85
CA ALA B 199 27.44 10.55 -6.52
C ALA B 199 28.58 11.55 -6.52
N ASP B 200 28.66 12.36 -5.46
CA ASP B 200 29.82 13.23 -5.25
C ASP B 200 31.08 12.37 -5.23
N GLY B 201 32.12 12.84 -5.90
CA GLY B 201 33.40 12.14 -5.93
C GLY B 201 33.47 10.98 -6.91
N TRP B 202 32.49 10.90 -7.82
CA TRP B 202 32.51 9.84 -8.83
C TRP B 202 33.77 9.91 -9.71
N GLN B 203 34.27 11.12 -9.96
CA GLN B 203 35.50 11.28 -10.76
C GLN B 203 36.71 10.60 -10.06
N LYS B 204 36.80 10.76 -8.74
CA LYS B 204 37.84 10.08 -7.95
C LYS B 204 37.67 8.55 -7.97
N ALA B 205 36.44 8.06 -7.90
CA ALA B 205 36.16 6.63 -8.10
C ALA B 205 36.56 6.16 -9.51
N ALA B 206 36.26 6.97 -10.52
CA ALA B 206 36.68 6.67 -11.90
C ALA B 206 38.21 6.64 -12.05
N ASP B 207 38.88 7.55 -11.36
CA ASP B 207 40.34 7.55 -11.26
C ASP B 207 40.89 6.28 -10.60
N GLN B 208 40.23 5.81 -9.54
CA GLN B 208 40.56 4.53 -8.91
C GLN B 208 40.41 3.37 -9.91
N ALA B 209 39.33 3.40 -10.70
CA ALA B 209 39.10 2.42 -11.76
C ALA B 209 40.24 2.43 -12.79
N ALA B 210 40.67 3.62 -13.19
CA ALA B 210 41.80 3.81 -14.10
C ALA B 210 43.11 3.22 -13.53
N ALA B 211 43.34 3.42 -12.24
CA ALA B 211 44.50 2.83 -11.56
C ALA B 211 44.46 1.28 -11.56
N LEU B 212 43.27 0.72 -11.31
CA LEU B 212 43.08 -0.73 -11.42
C LEU B 212 43.38 -1.21 -12.85
N LEU B 213 42.85 -0.50 -13.85
CA LEU B 213 43.10 -0.84 -15.25
C LEU B 213 44.60 -0.81 -15.59
N ALA B 214 45.29 0.22 -15.10
CA ALA B 214 46.73 0.36 -15.29
C ALA B 214 47.48 -0.92 -14.90
N GLU B 215 47.15 -1.49 -13.75
CA GLU B 215 47.79 -2.69 -13.21
C GLU B 215 47.33 -3.99 -13.85
N ALA B 216 46.16 -3.98 -14.46
CA ALA B 216 45.49 -5.19 -14.93
C ALA B 216 46.18 -5.83 -16.13
N LYS B 217 46.23 -7.15 -16.14
CA LYS B 217 46.70 -7.91 -17.30
C LYS B 217 45.59 -8.13 -18.33
N HIS B 218 44.45 -8.62 -17.88
CA HIS B 218 43.33 -8.98 -18.75
C HIS B 218 42.00 -8.38 -18.27
N PRO B 219 41.76 -7.09 -18.55
CA PRO B 219 40.46 -6.48 -18.21
C PRO B 219 39.37 -6.83 -19.23
N VAL B 220 38.11 -6.76 -18.80
CA VAL B 220 36.96 -6.84 -19.71
C VAL B 220 35.92 -5.76 -19.41
N LEU B 221 35.22 -5.36 -20.44
CA LEU B 221 34.03 -4.53 -20.29
C LEU B 221 32.83 -5.45 -20.41
N VAL B 222 32.01 -5.47 -19.35
CA VAL B 222 30.71 -6.14 -19.37
C VAL B 222 29.62 -5.06 -19.51
N VAL B 223 29.02 -4.98 -20.69
CA VAL B 223 28.16 -3.86 -21.04
C VAL B 223 26.67 -4.22 -20.95
N GLY B 224 25.91 -3.40 -20.22
CA GLY B 224 24.46 -3.55 -20.11
C GLY B 224 23.73 -2.47 -20.90
N ALA B 225 22.41 -2.61 -21.02
CA ALA B 225 21.57 -1.70 -21.81
C ALA B 225 21.62 -0.24 -21.38
N ALA B 226 21.83 0.02 -20.10
CA ALA B 226 21.93 1.39 -19.58
C ALA B 226 22.99 2.22 -20.29
N ALA B 227 24.07 1.56 -20.71
CA ALA B 227 25.14 2.21 -21.49
C ALA B 227 24.62 2.68 -22.85
N ILE B 228 23.72 1.91 -23.46
CA ILE B 228 23.10 2.27 -24.73
C ILE B 228 22.16 3.48 -24.55
N ARG B 229 21.31 3.42 -23.52
CA ARG B 229 20.41 4.55 -23.19
C ARG B 229 21.18 5.85 -22.99
N SER B 230 22.35 5.74 -22.37
CA SER B 230 23.22 6.88 -22.12
C SER B 230 23.82 7.48 -23.41
N GLY B 231 23.69 6.78 -24.53
CA GLY B 231 24.32 7.17 -25.79
C GLY B 231 25.82 6.91 -25.79
N ALA B 232 26.25 5.86 -25.07
CA ALA B 232 27.67 5.60 -24.85
C ALA B 232 28.32 4.55 -25.76
N VAL B 233 27.54 3.95 -26.67
CA VAL B 233 28.05 2.88 -27.55
C VAL B 233 29.30 3.28 -28.38
N PRO B 234 29.22 4.38 -29.17
CA PRO B 234 30.43 4.80 -29.90
C PRO B 234 31.64 5.05 -28.99
N ALA B 235 31.43 5.75 -27.87
CA ALA B 235 32.49 6.04 -26.90
C ALA B 235 33.11 4.79 -26.28
N ILE B 236 32.26 3.81 -25.96
CA ILE B 236 32.72 2.52 -25.42
C ILE B 236 33.52 1.74 -26.47
N ARG B 237 33.03 1.74 -27.71
CA ARG B 237 33.73 1.09 -28.81
C ARG B 237 35.13 1.70 -29.03
N ALA B 238 35.22 3.02 -29.08
CA ALA B 238 36.52 3.72 -29.25
C ALA B 238 37.50 3.44 -28.11
N LEU B 239 36.99 3.34 -26.88
CA LEU B 239 37.81 2.99 -25.72
C LEU B 239 38.35 1.56 -25.81
N ALA B 240 37.46 0.61 -26.08
CA ALA B 240 37.81 -0.80 -26.18
C ALA B 240 38.84 -1.03 -27.29
N GLU B 241 38.64 -0.37 -28.42
CA GLU B 241 39.55 -0.53 -29.58
C GLU B 241 40.94 0.01 -29.30
N ARG B 242 41.01 1.20 -28.68
CA ARG B 242 42.29 1.82 -28.33
C ARG B 242 43.09 0.99 -27.32
N LEU B 243 42.43 0.50 -26.28
CA LEU B 243 43.11 -0.23 -25.22
C LEU B 243 43.11 -1.74 -25.37
N ASN B 244 42.51 -2.24 -26.45
CA ASN B 244 42.40 -3.68 -26.71
C ASN B 244 41.67 -4.45 -25.58
N ILE B 245 40.54 -3.89 -25.13
CA ILE B 245 39.73 -4.51 -24.09
C ILE B 245 38.51 -5.23 -24.67
N PRO B 246 38.42 -6.56 -24.44
CA PRO B 246 37.25 -7.32 -24.88
C PRO B 246 35.94 -6.75 -24.34
N VAL B 247 34.88 -6.87 -25.14
CA VAL B 247 33.54 -6.45 -24.76
C VAL B 247 32.62 -7.66 -24.71
N ILE B 248 32.08 -7.89 -23.52
CA ILE B 248 31.10 -8.93 -23.25
C ILE B 248 29.79 -8.23 -22.85
N THR B 249 28.66 -8.79 -23.27
CA THR B 249 27.38 -8.12 -23.06
C THR B 249 26.34 -8.98 -22.33
N THR B 250 25.32 -8.31 -21.81
CA THR B 250 24.07 -8.96 -21.37
C THR B 250 23.26 -9.41 -22.62
N TYR B 251 22.12 -10.08 -22.42
CA TYR B 251 21.24 -10.56 -23.54
C TYR B 251 20.83 -9.41 -24.42
N ILE B 252 20.64 -8.26 -23.79
CA ILE B 252 19.96 -7.12 -24.36
C ILE B 252 20.93 -6.09 -24.98
N ALA B 253 22.21 -6.20 -24.63
CA ALA B 253 23.25 -5.30 -25.18
C ALA B 253 24.06 -5.92 -26.32
N LYS B 254 23.60 -7.06 -26.85
CA LYS B 254 24.21 -7.61 -28.06
C LYS B 254 24.16 -6.57 -29.18
N GLY B 255 25.28 -6.43 -29.88
CA GLY B 255 25.36 -5.53 -31.02
C GLY B 255 25.99 -4.20 -30.71
N VAL B 256 26.51 -4.04 -29.49
CA VAL B 256 27.30 -2.84 -29.15
C VAL B 256 28.61 -2.78 -29.96
N LEU B 257 29.08 -3.96 -30.39
CA LEU B 257 30.12 -4.10 -31.41
C LEU B 257 29.54 -4.91 -32.56
N PRO B 258 29.92 -4.59 -33.82
CA PRO B 258 29.40 -5.34 -34.99
C PRO B 258 29.75 -6.83 -34.95
N VAL B 259 28.99 -7.62 -35.69
CA VAL B 259 29.33 -9.03 -35.88
C VAL B 259 30.70 -9.11 -36.54
N GLY B 260 31.57 -9.95 -36.01
CA GLY B 260 32.90 -10.13 -36.59
C GLY B 260 33.99 -9.31 -35.94
N HIS B 261 33.62 -8.23 -35.24
CA HIS B 261 34.57 -7.41 -34.50
C HIS B 261 35.38 -8.31 -33.58
N GLU B 262 36.69 -8.11 -33.61
CA GLU B 262 37.63 -8.93 -32.84
CA GLU B 262 37.62 -8.92 -32.85
C GLU B 262 37.43 -8.83 -31.33
N LEU B 263 36.85 -7.72 -30.86
CA LEU B 263 36.63 -7.52 -29.42
C LEU B 263 35.22 -7.92 -28.96
N ASN B 264 34.43 -8.38 -29.92
CA ASN B 264 33.09 -8.85 -29.66
C ASN B 264 33.16 -10.27 -29.10
N TYR B 265 33.24 -10.37 -27.77
CA TYR B 265 33.39 -11.65 -27.08
C TYR B 265 32.08 -12.37 -26.79
N GLY B 266 30.96 -11.75 -27.14
CA GLY B 266 29.65 -12.38 -27.03
C GLY B 266 28.88 -12.06 -25.76
N ALA B 267 27.66 -12.57 -25.71
CA ALA B 267 26.78 -12.43 -24.56
C ALA B 267 26.92 -13.62 -23.62
N VAL B 268 26.57 -13.38 -22.35
CA VAL B 268 26.54 -14.40 -21.30
C VAL B 268 25.09 -14.82 -21.05
N THR B 269 24.87 -16.12 -20.88
CA THR B 269 23.66 -16.65 -20.29
C THR B 269 24.12 -17.72 -19.32
N GLY B 270 23.44 -17.84 -18.18
CA GLY B 270 23.80 -18.87 -17.20
C GLY B 270 23.69 -20.29 -17.72
N TYR B 271 22.96 -20.47 -18.82
CA TYR B 271 22.72 -21.78 -19.44
C TYR B 271 23.82 -22.18 -20.40
N MET B 272 24.77 -21.28 -20.68
CA MET B 272 25.71 -21.46 -21.79
C MET B 272 26.62 -22.70 -21.70
N ASP B 273 27.13 -23.00 -20.50
CA ASP B 273 27.98 -24.18 -20.28
C ASP B 273 27.21 -25.45 -20.65
N GLY B 274 25.98 -25.54 -20.14
CA GLY B 274 25.11 -26.69 -20.36
C GLY B 274 24.70 -26.87 -21.80
N ILE B 275 24.22 -25.79 -22.43
CA ILE B 275 23.85 -25.83 -23.85
C ILE B 275 25.02 -26.29 -24.73
N LEU B 276 26.21 -25.75 -24.49
CA LEU B 276 27.37 -26.03 -25.35
C LEU B 276 28.16 -27.29 -24.97
N ASN B 277 27.85 -27.88 -23.80
CA ASN B 277 28.71 -28.90 -23.16
C ASN B 277 30.18 -28.50 -23.23
N PHE B 278 30.47 -27.31 -22.70
CA PHE B 278 31.76 -26.66 -22.87
C PHE B 278 32.01 -25.79 -21.63
N PRO B 279 33.28 -25.65 -21.20
CA PRO B 279 33.59 -24.67 -20.14
C PRO B 279 33.54 -23.21 -20.66
N ALA B 280 32.35 -22.74 -21.02
CA ALA B 280 32.23 -21.43 -21.66
C ALA B 280 32.55 -20.26 -20.72
N LEU B 281 31.93 -20.26 -19.54
CA LEU B 281 32.13 -19.19 -18.56
C LEU B 281 33.59 -19.13 -18.07
N GLN B 282 34.21 -20.29 -17.85
CA GLN B 282 35.63 -20.36 -17.52
C GLN B 282 36.49 -19.77 -18.64
N THR B 283 36.22 -20.15 -19.88
CA THR B 283 36.98 -19.64 -21.02
C THR B 283 36.85 -18.11 -21.12
N MET B 284 35.63 -17.61 -20.90
CA MET B 284 35.34 -16.18 -20.95
CA MET B 284 35.36 -16.18 -20.96
C MET B 284 36.02 -15.40 -19.82
N PHE B 285 35.94 -15.93 -18.61
CA PHE B 285 36.33 -15.17 -17.42
C PHE B 285 37.54 -15.62 -16.60
N ALA B 286 37.98 -16.89 -16.73
CA ALA B 286 39.04 -17.41 -15.84
C ALA B 286 40.34 -16.58 -15.74
N PRO B 287 40.91 -16.14 -16.89
CA PRO B 287 42.13 -15.33 -16.80
C PRO B 287 41.93 -13.82 -16.58
N VAL B 288 40.68 -13.37 -16.49
CA VAL B 288 40.36 -11.95 -16.31
C VAL B 288 40.68 -11.53 -14.88
N ASP B 289 41.36 -10.39 -14.73
CA ASP B 289 41.67 -9.85 -13.39
C ASP B 289 40.92 -8.57 -13.03
N LEU B 290 40.23 -7.97 -14.01
CA LEU B 290 39.45 -6.76 -13.78
C LEU B 290 38.16 -6.78 -14.61
N VAL B 291 37.02 -6.69 -13.93
CA VAL B 291 35.71 -6.69 -14.59
C VAL B 291 35.05 -5.32 -14.39
N LEU B 292 34.87 -4.60 -15.49
CA LEU B 292 34.16 -3.33 -15.46
C LEU B 292 32.75 -3.53 -15.99
N THR B 293 31.80 -3.52 -15.07
CA THR B 293 30.40 -3.71 -15.39
C THR B 293 29.83 -2.34 -15.75
N VAL B 294 29.83 -2.07 -17.05
CA VAL B 294 29.49 -0.76 -17.60
C VAL B 294 27.98 -0.65 -17.82
N GLY B 295 27.32 0.14 -16.99
CA GLY B 295 25.86 0.28 -16.98
C GLY B 295 25.20 -0.95 -16.38
N TYR B 296 25.77 -1.44 -15.27
CA TYR B 296 25.28 -2.66 -14.64
C TYR B 296 23.84 -2.58 -14.13
N ASP B 297 23.07 -3.63 -14.40
CA ASP B 297 21.72 -3.80 -13.88
C ASP B 297 21.48 -5.29 -13.62
N TYR B 298 21.28 -5.64 -12.36
CA TYR B 298 20.97 -7.01 -11.94
C TYR B 298 19.76 -7.60 -12.65
N ALA B 299 18.84 -6.74 -13.07
CA ALA B 299 17.60 -7.18 -13.74
C ALA B 299 17.85 -7.80 -15.12
N GLU B 300 18.96 -7.42 -15.76
CA GLU B 300 19.38 -8.05 -17.04
C GLU B 300 19.82 -9.50 -16.85
N ASP B 301 20.06 -9.88 -15.61
CA ASP B 301 20.34 -11.27 -15.20
C ASP B 301 21.74 -11.83 -15.52
N LEU B 302 22.70 -10.95 -15.78
CA LEU B 302 24.10 -11.33 -15.75
C LEU B 302 24.55 -11.04 -14.31
N ARG B 303 24.68 -12.11 -13.54
CA ARG B 303 24.89 -12.04 -12.10
C ARG B 303 26.38 -12.22 -11.76
N PRO B 304 26.85 -11.60 -10.67
CA PRO B 304 28.26 -11.71 -10.27
C PRO B 304 28.83 -13.13 -10.28
N SER B 305 28.04 -14.12 -9.87
CA SER B 305 28.51 -15.50 -9.81
C SER B 305 28.96 -16.03 -11.18
N MET B 306 28.45 -15.41 -12.24
CA MET B 306 28.77 -15.83 -13.61
C MET B 306 30.17 -15.42 -14.05
N TRP B 307 30.69 -14.31 -13.55
CA TRP B 307 32.07 -13.89 -13.87
C TRP B 307 33.10 -14.35 -12.84
N GLN B 308 32.63 -14.90 -11.73
CA GLN B 308 33.51 -15.30 -10.65
C GLN B 308 34.07 -16.71 -10.92
N LYS B 309 34.93 -16.76 -11.93
CA LYS B 309 35.55 -18.00 -12.43
C LYS B 309 37.07 -17.82 -12.44
N GLY B 310 37.80 -18.86 -12.05
CA GLY B 310 39.27 -18.82 -12.14
C GLY B 310 39.91 -17.87 -11.14
N ILE B 311 40.78 -16.99 -11.62
CA ILE B 311 41.56 -16.12 -10.72
C ILE B 311 40.66 -15.09 -10.01
N GLU B 312 41.12 -14.62 -8.85
CA GLU B 312 40.43 -13.55 -8.12
C GLU B 312 40.43 -12.27 -8.95
N LYS B 313 39.32 -11.55 -8.93
CA LYS B 313 39.15 -10.37 -9.77
C LYS B 313 38.71 -9.16 -8.97
N LYS B 314 39.12 -8.00 -9.45
CA LYS B 314 38.58 -6.74 -8.97
C LYS B 314 37.42 -6.35 -9.87
N THR B 315 36.42 -5.68 -9.31
CA THR B 315 35.26 -5.24 -10.08
C THR B 315 35.08 -3.74 -9.97
N VAL B 316 34.65 -3.14 -11.07
CA VAL B 316 34.24 -1.76 -11.11
C VAL B 316 32.79 -1.67 -11.58
N ARG B 317 31.91 -1.12 -10.75
CA ARG B 317 30.52 -0.88 -11.15
C ARG B 317 30.37 0.56 -11.66
N ILE B 318 29.74 0.70 -12.81
CA ILE B 318 29.36 2.01 -13.35
C ILE B 318 27.86 2.01 -13.66
N SER B 319 27.11 2.84 -12.94
CA SER B 319 25.66 2.90 -13.10
C SER B 319 25.13 4.28 -12.73
N PRO B 320 24.11 4.76 -13.45
CA PRO B 320 23.42 6.00 -13.06
C PRO B 320 22.40 5.77 -11.93
N THR B 321 22.66 4.79 -11.08
CA THR B 321 21.83 4.48 -9.91
C THR B 321 22.75 4.09 -8.76
N VAL B 322 22.30 4.30 -7.54
CA VAL B 322 22.95 3.74 -6.36
C VAL B 322 22.71 2.20 -6.36
N ASN B 323 23.73 1.45 -5.94
CA ASN B 323 23.67 -0.01 -5.87
C ASN B 323 22.47 -0.52 -5.04
N PRO B 324 21.46 -1.10 -5.72
CA PRO B 324 20.29 -1.61 -5.01
C PRO B 324 20.48 -2.99 -4.37
N ILE B 325 21.59 -3.66 -4.68
CA ILE B 325 21.79 -5.05 -4.25
C ILE B 325 23.14 -5.37 -3.57
N PRO B 326 23.53 -4.59 -2.52
CA PRO B 326 24.81 -4.90 -1.85
C PRO B 326 24.90 -6.30 -1.22
N ARG B 327 23.76 -6.97 -1.03
CA ARG B 327 23.76 -8.37 -0.59
C ARG B 327 24.44 -9.27 -1.63
N VAL B 328 24.29 -8.91 -2.89
CA VAL B 328 24.72 -9.72 -4.02
C VAL B 328 26.00 -9.20 -4.68
N TYR B 329 26.12 -7.88 -4.80
CA TYR B 329 27.22 -7.29 -5.55
C TYR B 329 27.84 -6.18 -4.73
N ARG B 330 29.08 -6.41 -4.31
CA ARG B 330 29.87 -5.37 -3.64
C ARG B 330 31.09 -5.07 -4.48
N PRO B 331 30.95 -4.14 -5.45
CA PRO B 331 32.08 -3.82 -6.33
C PRO B 331 33.24 -3.22 -5.54
N ASP B 332 34.48 -3.50 -5.98
CA ASP B 332 35.65 -2.91 -5.34
C ASP B 332 35.63 -1.40 -5.53
N VAL B 333 35.14 -0.96 -6.68
CA VAL B 333 34.99 0.45 -6.98
C VAL B 333 33.59 0.67 -7.59
N ASP B 334 32.83 1.57 -6.99
CA ASP B 334 31.47 1.86 -7.45
C ASP B 334 31.42 3.29 -7.95
N VAL B 335 31.20 3.43 -9.25
CA VAL B 335 31.13 4.74 -9.90
C VAL B 335 29.67 5.03 -10.24
N VAL B 336 29.07 5.93 -9.46
CA VAL B 336 27.66 6.25 -9.63
C VAL B 336 27.56 7.55 -10.42
N THR B 337 27.23 7.40 -11.70
CA THR B 337 27.22 8.51 -12.64
C THR B 337 26.63 8.06 -13.99
N ASP B 338 26.36 9.01 -14.86
CA ASP B 338 25.97 8.75 -16.23
C ASP B 338 27.08 8.00 -16.96
N VAL B 339 26.72 6.94 -17.66
CA VAL B 339 27.71 6.08 -18.32
C VAL B 339 28.61 6.86 -19.30
N LEU B 340 28.04 7.71 -20.15
CA LEU B 340 28.84 8.47 -21.12
C LEU B 340 29.82 9.41 -20.42
N ALA B 341 29.31 10.14 -19.42
CA ALA B 341 30.14 10.96 -18.54
C ALA B 341 31.32 10.19 -17.99
N PHE B 342 31.07 8.98 -17.48
CA PHE B 342 32.14 8.11 -17.01
C PHE B 342 33.16 7.82 -18.11
N VAL B 343 32.68 7.41 -19.28
CA VAL B 343 33.57 6.98 -20.38
C VAL B 343 34.45 8.15 -20.84
N GLU B 344 33.86 9.34 -20.94
CA GLU B 344 34.61 10.54 -21.33
C GLU B 344 35.66 10.93 -20.29
N HIS B 345 35.31 10.84 -19.01
CA HIS B 345 36.29 11.07 -17.95
C HIS B 345 37.39 10.02 -17.98
N PHE B 346 36.99 8.77 -18.26
CA PHE B 346 37.89 7.62 -18.27
C PHE B 346 38.88 7.70 -19.42
N GLU B 347 38.44 8.21 -20.56
CA GLU B 347 39.30 8.45 -21.71
C GLU B 347 40.42 9.43 -21.39
N THR B 348 40.07 10.53 -20.72
CA THR B 348 41.06 11.51 -20.26
C THR B 348 42.05 10.89 -19.28
N ALA B 349 41.54 10.14 -18.31
CA ALA B 349 42.38 9.47 -17.30
C ALA B 349 43.33 8.44 -17.91
N THR B 350 42.87 7.74 -18.94
CA THR B 350 43.65 6.64 -19.54
C THR B 350 44.27 7.01 -20.90
N ALA B 351 44.25 8.30 -21.24
CA ALA B 351 44.76 8.77 -22.54
C ALA B 351 46.18 8.32 -22.82
N SER B 352 47.01 8.28 -21.77
CA SER B 352 48.43 7.93 -21.92
C SER B 352 48.69 6.43 -21.93
N PHE B 353 47.67 5.63 -21.56
CA PHE B 353 47.72 4.17 -21.53
C PHE B 353 47.87 3.58 -22.93
N GLY B 354 48.54 2.44 -23.02
CA GLY B 354 48.66 1.67 -24.27
C GLY B 354 47.77 0.44 -24.24
N ALA B 355 47.78 -0.31 -25.33
CA ALA B 355 46.93 -1.50 -25.47
C ALA B 355 47.37 -2.70 -24.61
N LYS B 356 46.38 -3.32 -23.97
CA LYS B 356 46.59 -4.57 -23.24
C LYS B 356 46.74 -5.73 -24.23
N GLN B 357 47.22 -6.85 -23.73
CA GLN B 357 47.09 -8.10 -24.44
C GLN B 357 45.81 -8.75 -23.94
N ARG B 358 44.93 -9.14 -24.86
CA ARG B 358 43.65 -9.74 -24.46
C ARG B 358 43.78 -11.26 -24.33
N HIS B 359 42.95 -11.85 -23.47
CA HIS B 359 42.96 -13.29 -23.27
C HIS B 359 42.27 -14.03 -24.43
N ASP B 360 42.59 -15.31 -24.55
CA ASP B 360 42.25 -16.14 -25.70
C ASP B 360 40.97 -16.92 -25.46
N ILE B 361 39.97 -16.68 -26.31
CA ILE B 361 38.69 -17.39 -26.25
C ILE B 361 38.37 -18.17 -27.54
N GLU B 362 39.38 -18.36 -28.40
CA GLU B 362 39.22 -19.15 -29.63
C GLU B 362 38.61 -20.55 -29.45
N PRO B 363 39.00 -21.30 -28.38
CA PRO B 363 38.32 -22.59 -28.16
C PRO B 363 36.79 -22.47 -28.01
N LEU B 364 36.33 -21.41 -27.35
CA LEU B 364 34.90 -21.12 -27.22
C LEU B 364 34.28 -20.71 -28.57
N ARG B 365 34.95 -19.82 -29.29
CA ARG B 365 34.51 -19.40 -30.62
C ARG B 365 34.40 -20.59 -31.58
N ALA B 366 35.36 -21.52 -31.48
CA ALA B 366 35.35 -22.74 -32.29
C ALA B 366 34.14 -23.59 -31.98
N ARG B 367 33.83 -23.76 -30.69
CA ARG B 367 32.66 -24.52 -30.25
C ARG B 367 31.33 -23.91 -30.69
N ILE B 368 31.22 -22.59 -30.60
CA ILE B 368 30.04 -21.87 -31.05
C ILE B 368 29.87 -22.03 -32.58
N ALA B 369 30.96 -21.87 -33.33
CA ALA B 369 30.94 -22.01 -34.79
C ALA B 369 30.55 -23.42 -35.24
N GLU B 370 30.96 -24.41 -34.45
CA GLU B 370 30.64 -25.82 -34.71
C GLU B 370 29.14 -26.12 -34.56
N PHE B 371 28.51 -25.52 -33.54
CA PHE B 371 27.06 -25.60 -33.34
C PHE B 371 26.32 -25.01 -34.53
N LEU B 372 26.65 -23.76 -34.86
CA LEU B 372 26.01 -23.06 -35.97
C LEU B 372 26.10 -23.81 -37.31
N ALA B 373 27.22 -24.50 -37.53
CA ALA B 373 27.44 -25.22 -38.78
C ALA B 373 26.85 -26.63 -38.81
N ASP B 374 26.42 -27.14 -37.65
CA ASP B 374 25.89 -28.53 -37.49
C ASP B 374 25.15 -29.02 -38.74
N PRO B 375 25.77 -29.96 -39.49
CA PRO B 375 25.23 -30.40 -40.77
C PRO B 375 24.25 -31.56 -40.70
N GLU B 376 24.07 -32.16 -39.52
CA GLU B 376 23.20 -33.33 -39.37
C GLU B 376 21.73 -33.03 -39.69
N THR B 377 21.07 -34.00 -40.33
CA THR B 377 19.64 -33.93 -40.58
C THR B 377 18.96 -34.87 -39.61
N TYR B 378 18.26 -34.30 -38.64
CA TYR B 378 17.67 -35.08 -37.55
C TYR B 378 16.30 -35.61 -37.96
N GLU B 379 15.97 -36.81 -37.47
CA GLU B 379 14.72 -37.48 -37.84
C GLU B 379 13.55 -36.88 -37.09
N ASP B 380 13.81 -36.38 -35.89
CA ASP B 380 12.78 -35.87 -34.98
C ASP B 380 12.71 -34.34 -34.90
N GLY B 381 12.85 -33.69 -36.06
CA GLY B 381 12.80 -32.24 -36.15
C GLY B 381 14.16 -31.59 -36.12
N MET B 382 14.21 -30.31 -36.48
CA MET B 382 15.45 -29.54 -36.44
C MET B 382 15.94 -29.27 -35.02
N ARG B 383 17.19 -28.84 -34.90
CA ARG B 383 17.73 -28.38 -33.62
C ARG B 383 17.78 -26.86 -33.65
N VAL B 384 17.58 -26.23 -32.49
CA VAL B 384 17.40 -24.78 -32.46
C VAL B 384 18.63 -24.02 -32.99
N HIS B 385 19.83 -24.52 -32.69
CA HIS B 385 21.03 -23.87 -33.22
C HIS B 385 21.02 -23.80 -34.75
N GLN B 386 20.50 -24.84 -35.39
CA GLN B 386 20.33 -24.88 -36.86
C GLN B 386 19.31 -23.87 -37.36
N VAL B 387 18.24 -23.68 -36.58
CA VAL B 387 17.21 -22.70 -36.90
C VAL B 387 17.78 -21.28 -36.87
N ILE B 388 18.51 -20.98 -35.79
CA ILE B 388 19.11 -19.66 -35.62
C ILE B 388 20.20 -19.38 -36.68
N ASP B 389 21.01 -20.39 -36.98
CA ASP B 389 22.00 -20.26 -38.04
C ASP B 389 21.34 -19.86 -39.36
N SER B 390 20.21 -20.50 -39.67
CA SER B 390 19.44 -20.21 -40.89
C SER B 390 18.89 -18.79 -40.85
N MET B 391 18.32 -18.41 -39.70
CA MET B 391 17.86 -17.03 -39.49
C MET B 391 18.97 -16.00 -39.67
N ASN B 392 20.15 -16.28 -39.14
CA ASN B 392 21.33 -15.39 -39.29
C ASN B 392 21.67 -15.16 -40.76
N THR B 393 21.75 -16.26 -41.51
CA THR B 393 22.09 -16.24 -42.93
C THR B 393 21.17 -15.33 -43.73
N VAL B 394 19.86 -15.53 -43.61
CA VAL B 394 18.91 -14.73 -44.37
C VAL B 394 18.81 -13.29 -43.85
N MET B 395 18.97 -13.10 -42.54
CA MET B 395 19.00 -11.74 -41.96
C MET B 395 20.16 -10.93 -42.54
N GLU B 396 21.35 -11.52 -42.54
CA GLU B 396 22.52 -10.90 -43.19
C GLU B 396 22.28 -10.61 -44.67
N GLU B 397 21.62 -11.53 -45.39
CA GLU B 397 21.21 -11.29 -46.77
C GLU B 397 20.24 -10.12 -46.92
N ALA B 398 19.17 -10.13 -46.12
CA ALA B 398 18.08 -9.16 -46.24
C ALA B 398 18.40 -7.76 -45.73
N ALA B 399 19.15 -7.67 -44.64
CA ALA B 399 19.43 -6.39 -43.97
C ALA B 399 20.64 -5.68 -44.58
N GLU B 400 20.60 -4.35 -44.61
CA GLU B 400 21.80 -3.56 -44.88
C GLU B 400 22.78 -3.78 -43.72
N PRO B 401 24.10 -3.54 -43.95
CA PRO B 401 25.04 -3.67 -42.84
C PRO B 401 24.64 -2.77 -41.67
N GLY B 402 24.79 -3.30 -40.46
CA GLY B 402 24.44 -2.56 -39.25
C GLY B 402 22.95 -2.42 -39.02
N GLU B 403 22.14 -3.19 -39.75
CA GLU B 403 20.68 -3.13 -39.63
C GLU B 403 20.03 -4.49 -39.37
N GLY B 404 18.71 -4.47 -39.17
CA GLY B 404 17.95 -5.68 -38.90
C GLY B 404 17.72 -5.92 -37.42
N THR B 405 16.66 -6.65 -37.10
CA THR B 405 16.34 -7.04 -35.72
C THR B 405 15.91 -8.50 -35.69
N ILE B 406 16.50 -9.27 -34.80
CA ILE B 406 15.99 -10.58 -34.46
C ILE B 406 15.37 -10.48 -33.07
N VAL B 407 14.12 -10.91 -32.97
CA VAL B 407 13.39 -10.87 -31.72
C VAL B 407 13.23 -12.29 -31.21
N SER B 408 13.36 -12.47 -29.90
CA SER B 408 13.12 -13.77 -29.31
C SER B 408 12.06 -13.67 -28.19
N ASP B 409 11.08 -14.58 -28.23
CA ASP B 409 10.14 -14.80 -27.12
C ASP B 409 10.92 -15.59 -26.05
N ILE B 410 10.19 -16.19 -25.10
CA ILE B 410 10.78 -16.76 -23.89
C ILE B 410 10.64 -18.28 -23.93
N GLY B 411 11.70 -18.98 -23.51
CA GLY B 411 11.74 -20.44 -23.55
C GLY B 411 13.16 -20.93 -23.58
N PHE B 412 13.35 -22.24 -23.62
CA PHE B 412 14.69 -22.82 -23.73
C PHE B 412 15.42 -22.30 -24.97
N PHE B 413 14.71 -22.25 -26.10
CA PHE B 413 15.21 -21.70 -27.36
C PHE B 413 15.80 -20.29 -27.27
N ARG B 414 15.29 -19.48 -26.33
CA ARG B 414 15.73 -18.08 -26.15
C ARG B 414 17.23 -17.99 -25.82
N HIS B 415 17.72 -18.94 -25.04
CA HIS B 415 19.13 -18.96 -24.67
C HIS B 415 20.04 -19.37 -25.81
N TYR B 416 19.49 -20.11 -26.77
CA TYR B 416 20.16 -20.35 -28.05
C TYR B 416 20.24 -19.03 -28.83
N GLY B 417 19.16 -18.26 -28.80
CA GLY B 417 19.16 -16.92 -29.39
C GLY B 417 20.23 -16.02 -28.80
N VAL B 418 20.34 -16.03 -27.47
CA VAL B 418 21.36 -15.23 -26.77
C VAL B 418 22.77 -15.57 -27.23
N LEU B 419 23.07 -16.86 -27.33
CA LEU B 419 24.38 -17.35 -27.75
C LEU B 419 24.65 -17.22 -29.25
N PHE B 420 23.62 -17.39 -30.08
CA PHE B 420 23.82 -17.66 -31.52
C PHE B 420 23.24 -16.62 -32.47
N ALA B 421 22.26 -15.84 -32.01
CA ALA B 421 21.61 -14.88 -32.90
C ALA B 421 22.49 -13.69 -33.25
N ARG B 422 22.43 -13.32 -34.53
CA ARG B 422 23.15 -12.18 -35.07
C ARG B 422 22.57 -10.86 -34.56
N ALA B 423 23.47 -9.94 -34.19
CA ALA B 423 23.09 -8.59 -33.83
C ALA B 423 24.18 -7.65 -34.33
N ASP B 424 23.87 -6.89 -35.38
CA ASP B 424 24.84 -6.01 -36.02
C ASP B 424 24.67 -4.55 -35.62
N GLN B 425 23.80 -4.30 -34.63
CA GLN B 425 23.59 -2.96 -34.09
C GLN B 425 23.05 -3.05 -32.66
N PRO B 426 23.16 -1.96 -31.87
CA PRO B 426 22.50 -1.97 -30.57
C PRO B 426 21.00 -2.28 -30.72
N PHE B 427 20.50 -3.15 -29.86
CA PHE B 427 19.13 -3.70 -29.92
C PHE B 427 18.83 -4.48 -31.20
N GLY B 428 19.89 -5.03 -31.82
CA GLY B 428 19.78 -5.86 -33.01
C GLY B 428 19.25 -7.24 -32.66
N PHE B 429 19.43 -7.63 -31.38
CA PHE B 429 18.74 -8.80 -30.81
C PHE B 429 17.87 -8.32 -29.62
N LEU B 430 16.59 -8.66 -29.66
CA LEU B 430 15.64 -8.20 -28.64
C LEU B 430 15.00 -9.36 -27.93
N THR B 431 15.03 -9.32 -26.61
CA THR B 431 14.26 -10.25 -25.79
C THR B 431 13.95 -9.58 -24.43
N SER B 432 13.16 -10.25 -23.60
CA SER B 432 12.82 -9.69 -22.29
C SER B 432 13.70 -10.33 -21.21
N ALA B 433 14.66 -9.55 -20.71
CA ALA B 433 15.63 -10.06 -19.73
C ALA B 433 15.17 -9.95 -18.27
N GLY B 434 14.46 -8.88 -17.94
CA GLY B 434 14.07 -8.67 -16.55
C GLY B 434 12.74 -9.31 -16.21
N CYS B 435 11.77 -9.12 -17.09
CA CYS B 435 10.43 -9.62 -16.83
C CYS B 435 10.22 -11.01 -17.41
N SER B 436 10.59 -11.21 -18.67
CA SER B 436 10.54 -12.53 -19.31
C SER B 436 9.14 -13.18 -19.34
N SER B 437 8.14 -12.38 -19.71
CA SER B 437 6.81 -12.91 -19.97
C SER B 437 6.82 -13.63 -21.30
N PHE B 438 6.30 -14.86 -21.31
CA PHE B 438 6.07 -15.52 -22.59
C PHE B 438 4.95 -14.79 -23.34
N GLY B 439 4.96 -14.88 -24.67
CA GLY B 439 4.06 -14.07 -25.48
C GLY B 439 4.67 -12.74 -25.91
N TYR B 440 5.86 -12.46 -25.35
CA TYR B 440 6.63 -11.23 -25.61
C TYR B 440 6.97 -11.00 -27.08
N GLY B 441 7.18 -12.08 -27.83
CA GLY B 441 7.67 -11.99 -29.19
C GLY B 441 6.87 -11.10 -30.14
N ILE B 442 5.57 -11.39 -30.28
CA ILE B 442 4.74 -10.64 -31.21
C ILE B 442 4.76 -9.12 -30.95
N PRO B 443 4.40 -8.68 -29.72
CA PRO B 443 4.48 -7.23 -29.47
C PRO B 443 5.87 -6.63 -29.66
N ALA B 444 6.92 -7.36 -29.32
CA ALA B 444 8.27 -6.85 -29.50
C ALA B 444 8.62 -6.70 -30.99
N ALA B 445 8.22 -7.69 -31.80
CA ALA B 445 8.38 -7.59 -33.25
C ALA B 445 7.58 -6.41 -33.81
N ILE B 446 6.35 -6.22 -33.32
CA ILE B 446 5.54 -5.05 -33.70
C ILE B 446 6.29 -3.76 -33.38
N GLY B 447 6.73 -3.61 -32.13
CA GLY B 447 7.47 -2.40 -31.73
C GLY B 447 8.74 -2.19 -32.55
N ALA B 448 9.51 -3.26 -32.72
CA ALA B 448 10.76 -3.22 -33.50
C ALA B 448 10.53 -2.84 -34.97
N GLN B 449 9.53 -3.44 -35.61
CA GLN B 449 9.24 -3.14 -37.01
C GLN B 449 8.78 -1.70 -37.21
N MET B 450 7.94 -1.20 -36.31
CA MET B 450 7.50 0.21 -36.31
C MET B 450 8.64 1.21 -36.05
N ALA B 451 9.56 0.84 -35.16
CA ALA B 451 10.74 1.66 -34.89
C ALA B 451 11.71 1.68 -36.08
N ARG B 452 11.76 0.57 -36.82
CA ARG B 452 12.70 0.40 -37.94
C ARG B 452 11.94 -0.04 -39.20
N PRO B 453 11.12 0.87 -39.76
CA PRO B 453 10.17 0.52 -40.83
C PRO B 453 10.80 -0.13 -42.07
N ASP B 454 12.05 0.24 -42.36
CA ASP B 454 12.74 -0.20 -43.58
C ASP B 454 13.73 -1.33 -43.35
N GLN B 455 13.73 -1.91 -42.15
CA GLN B 455 14.66 -2.98 -41.82
C GLN B 455 13.91 -4.30 -41.65
N PRO B 456 14.58 -5.42 -41.94
CA PRO B 456 13.98 -6.75 -41.73
C PRO B 456 13.82 -7.05 -40.24
N THR B 457 12.68 -7.63 -39.87
CA THR B 457 12.41 -8.02 -38.49
C THR B 457 12.02 -9.50 -38.46
N PHE B 458 12.87 -10.32 -37.86
CA PHE B 458 12.59 -11.74 -37.67
C PHE B 458 12.21 -11.97 -36.21
N LEU B 459 11.25 -12.85 -35.99
CA LEU B 459 10.89 -13.28 -34.64
C LEU B 459 11.07 -14.79 -34.52
N ILE B 460 11.68 -15.24 -33.43
CA ILE B 460 11.65 -16.65 -33.06
C ILE B 460 10.85 -16.80 -31.76
N ALA B 461 9.96 -17.79 -31.74
CA ALA B 461 9.13 -18.08 -30.58
C ALA B 461 8.87 -19.58 -30.44
N GLY B 462 8.74 -20.05 -29.21
CA GLY B 462 8.36 -21.44 -28.97
C GLY B 462 6.85 -21.57 -29.01
N ASP B 463 6.35 -22.79 -29.10
CA ASP B 463 4.90 -23.02 -29.18
C ASP B 463 4.13 -22.60 -27.92
N GLY B 464 4.71 -22.86 -26.74
CA GLY B 464 4.09 -22.48 -25.47
C GLY B 464 3.93 -20.99 -25.35
N GLY B 465 5.04 -20.25 -25.48
CA GLY B 465 5.03 -18.81 -25.39
C GLY B 465 4.29 -18.14 -26.54
N PHE B 466 4.55 -18.60 -27.76
CA PHE B 466 3.87 -18.02 -28.91
C PHE B 466 2.35 -18.13 -28.79
N HIS B 467 1.84 -19.32 -28.47
CA HIS B 467 0.40 -19.51 -28.44
C HIS B 467 -0.28 -18.78 -27.27
N SER B 468 0.45 -18.48 -26.21
CA SER B 468 -0.07 -17.65 -25.12
C SER B 468 -0.57 -16.30 -25.60
N ASN B 469 0.00 -15.81 -26.70
CA ASN B 469 -0.30 -14.48 -27.20
C ASN B 469 -0.42 -14.43 -28.73
N SER B 470 -0.85 -15.53 -29.33
CA SER B 470 -0.85 -15.64 -30.80
C SER B 470 -1.94 -14.83 -31.51
N SER B 471 -2.94 -14.37 -30.77
CA SER B 471 -4.10 -13.72 -31.37
C SER B 471 -3.74 -12.43 -32.09
N ASP B 472 -2.68 -11.78 -31.64
CA ASP B 472 -2.20 -10.53 -32.23
C ASP B 472 -1.45 -10.72 -33.56
N LEU B 473 -1.42 -11.96 -34.06
CA LEU B 473 -1.15 -12.18 -35.49
C LEU B 473 -2.06 -11.32 -36.37
N GLU B 474 -3.31 -11.11 -35.96
CA GLU B 474 -4.26 -10.30 -36.73
C GLU B 474 -3.83 -8.83 -36.75
N THR B 475 -3.26 -8.35 -35.65
CA THR B 475 -2.71 -6.98 -35.59
C THR B 475 -1.55 -6.80 -36.57
N ILE B 476 -0.68 -7.80 -36.66
CA ILE B 476 0.43 -7.80 -37.60
C ILE B 476 -0.10 -7.74 -39.04
N ALA B 477 -1.12 -8.55 -39.35
CA ALA B 477 -1.79 -8.54 -40.64
C ALA B 477 -2.45 -7.18 -40.93
N ARG B 478 -3.21 -6.69 -39.96
CA ARG B 478 -3.94 -5.41 -40.09
C ARG B 478 -3.03 -4.20 -40.32
N LEU B 479 -1.93 -4.13 -39.58
CA LEU B 479 -0.95 -3.05 -39.76
C LEU B 479 0.02 -3.32 -40.93
N ASN B 480 -0.09 -4.50 -41.53
CA ASN B 480 0.81 -4.98 -42.58
C ASN B 480 2.29 -4.75 -42.26
N LEU B 481 2.69 -5.28 -41.10
CA LEU B 481 4.08 -5.22 -40.66
C LEU B 481 4.78 -6.47 -41.20
N PRO B 482 5.79 -6.29 -42.08
CA PRO B 482 6.37 -7.42 -42.81
C PRO B 482 7.32 -8.30 -41.97
N ILE B 483 6.91 -8.57 -40.75
CA ILE B 483 7.65 -9.41 -39.81
C ILE B 483 7.63 -10.86 -40.27
N VAL B 484 8.81 -11.49 -40.25
CA VAL B 484 8.92 -12.92 -40.51
C VAL B 484 9.04 -13.64 -39.17
N THR B 485 8.12 -14.56 -38.89
CA THR B 485 8.06 -15.28 -37.62
C THR B 485 8.42 -16.74 -37.79
N VAL B 486 9.33 -17.23 -36.96
CA VAL B 486 9.62 -18.66 -36.89
C VAL B 486 9.10 -19.19 -35.57
N VAL B 487 8.17 -20.15 -35.64
CA VAL B 487 7.68 -20.83 -34.45
C VAL B 487 8.34 -22.19 -34.34
N VAL B 488 9.16 -22.37 -33.30
CA VAL B 488 9.80 -23.66 -33.03
C VAL B 488 8.92 -24.48 -32.09
N ASN B 489 8.37 -25.55 -32.64
CA ASN B 489 7.31 -26.31 -31.98
C ASN B 489 7.78 -27.68 -31.49
N ASN B 490 7.57 -27.93 -30.20
CA ASN B 490 7.70 -29.27 -29.65
C ASN B 490 6.53 -29.73 -28.77
N ASP B 491 5.37 -29.06 -28.91
CA ASP B 491 4.14 -29.36 -28.15
C ASP B 491 4.35 -29.35 -26.63
N THR B 492 5.25 -28.48 -26.14
CA THR B 492 5.65 -28.51 -24.74
C THR B 492 6.09 -27.12 -24.30
N ASN B 493 5.85 -26.81 -23.04
CA ASN B 493 6.57 -25.76 -22.34
C ASN B 493 7.94 -26.38 -21.98
N GLY B 494 8.87 -26.31 -22.93
CA GLY B 494 10.11 -27.10 -22.90
C GLY B 494 11.05 -26.77 -21.75
N LEU B 495 11.34 -25.49 -21.57
CA LEU B 495 12.20 -25.05 -20.47
C LEU B 495 11.67 -25.57 -19.12
N ILE B 496 10.36 -25.58 -18.99
CA ILE B 496 9.71 -26.00 -17.75
C ILE B 496 9.87 -27.50 -17.49
N GLU B 497 9.84 -28.30 -18.56
CA GLU B 497 10.15 -29.72 -18.46
C GLU B 497 11.62 -29.95 -18.03
N LEU B 498 12.52 -29.09 -18.54
CA LEU B 498 13.92 -29.11 -18.10
C LEU B 498 14.01 -28.86 -16.60
N TYR B 499 13.32 -27.83 -16.12
CA TYR B 499 13.28 -27.53 -14.69
C TYR B 499 12.70 -28.66 -13.85
N GLN B 500 11.68 -29.34 -14.36
CA GLN B 500 11.12 -30.52 -13.67
C GLN B 500 12.19 -31.59 -13.45
N ASN B 501 12.97 -31.87 -14.50
CA ASN B 501 14.05 -32.86 -14.44
C ASN B 501 15.23 -32.42 -13.58
N ILE B 502 15.57 -31.13 -13.60
CA ILE B 502 16.62 -30.59 -12.73
C ILE B 502 16.26 -30.82 -11.26
N GLY B 503 15.02 -30.50 -10.88
CA GLY B 503 14.59 -30.56 -9.48
C GLY B 503 14.08 -31.90 -8.98
N HIS B 504 13.59 -32.75 -9.87
CA HIS B 504 12.96 -34.00 -9.46
C HIS B 504 13.54 -35.25 -10.14
N HIS B 505 14.35 -35.06 -11.18
CA HIS B 505 14.90 -36.16 -12.00
C HIS B 505 13.83 -36.95 -12.77
N ARG B 506 12.73 -36.27 -13.09
CA ARG B 506 11.66 -36.81 -13.94
C ARG B 506 10.73 -35.70 -14.40
N SER B 507 9.96 -35.99 -15.45
CA SER B 507 8.95 -35.08 -15.97
C SER B 507 7.59 -35.37 -15.32
N HIS B 508 6.68 -34.43 -15.46
CA HIS B 508 5.27 -34.64 -15.16
C HIS B 508 4.46 -33.90 -16.21
N ASP B 509 3.98 -34.69 -17.18
CA ASP B 509 3.34 -34.18 -18.40
C ASP B 509 2.12 -33.26 -18.20
N PRO B 510 1.21 -33.59 -17.25
CA PRO B 510 0.06 -32.68 -17.07
C PRO B 510 0.43 -31.20 -16.85
N ALA B 511 1.64 -30.96 -16.37
CA ALA B 511 2.13 -29.60 -16.04
C ALA B 511 2.84 -28.89 -17.20
N VAL B 512 3.18 -29.64 -18.26
CA VAL B 512 4.00 -29.09 -19.37
C VAL B 512 3.55 -29.44 -20.80
N LYS B 513 2.82 -30.54 -20.96
CA LYS B 513 2.53 -31.08 -22.32
C LYS B 513 1.26 -30.55 -22.96
N PHE B 514 1.39 -30.14 -24.22
CA PHE B 514 0.24 -29.72 -25.03
C PHE B 514 -0.15 -30.76 -26.10
N GLY B 515 -1.36 -30.59 -26.65
CA GLY B 515 -1.76 -31.26 -27.88
C GLY B 515 -1.24 -30.45 -29.06
N GLY B 516 -1.54 -30.89 -30.27
CA GLY B 516 -1.05 -30.23 -31.48
C GLY B 516 -1.78 -28.94 -31.82
N VAL B 517 -1.02 -27.92 -32.17
CA VAL B 517 -1.57 -26.71 -32.77
C VAL B 517 -0.88 -26.60 -34.11
N ASP B 518 -1.67 -26.39 -35.15
CA ASP B 518 -1.14 -26.16 -36.49
C ASP B 518 -0.93 -24.66 -36.65
N PHE B 519 0.30 -24.22 -36.43
CA PHE B 519 0.62 -22.80 -36.44
C PHE B 519 0.58 -22.19 -37.84
N VAL B 520 0.72 -23.04 -38.86
CA VAL B 520 0.56 -22.61 -40.25
C VAL B 520 -0.91 -22.24 -40.49
N ALA B 521 -1.81 -23.16 -40.14
CA ALA B 521 -3.26 -22.93 -40.25
C ALA B 521 -3.70 -21.77 -39.34
N LEU B 522 -3.13 -21.71 -38.13
CA LEU B 522 -3.41 -20.61 -37.20
C LEU B 522 -3.07 -19.26 -37.83
N ALA B 523 -1.86 -19.13 -38.38
CA ALA B 523 -1.42 -17.87 -39.00
C ALA B 523 -2.34 -17.49 -40.16
N GLU B 524 -2.67 -18.47 -40.99
CA GLU B 524 -3.54 -18.22 -42.14
C GLU B 524 -4.96 -17.80 -41.74
N ALA B 525 -5.48 -18.35 -40.64
CA ALA B 525 -6.76 -17.93 -40.09
C ALA B 525 -6.77 -16.44 -39.73
N ASN B 526 -5.59 -15.91 -39.38
CA ASN B 526 -5.38 -14.51 -39.03
C ASN B 526 -5.02 -13.63 -40.24
N GLY B 527 -4.93 -14.25 -41.42
CA GLY B 527 -4.60 -13.53 -42.65
C GLY B 527 -3.11 -13.34 -42.88
N VAL B 528 -2.31 -14.22 -42.31
CA VAL B 528 -0.87 -14.17 -42.43
C VAL B 528 -0.44 -15.43 -43.17
N ASP B 529 0.21 -15.27 -44.32
CA ASP B 529 0.72 -16.40 -45.09
C ASP B 529 1.75 -17.16 -44.27
N ALA B 530 1.76 -18.49 -44.41
CA ALA B 530 2.60 -19.35 -43.60
C ALA B 530 3.00 -20.62 -44.33
N THR B 531 3.99 -21.32 -43.79
CA THR B 531 4.47 -22.60 -44.34
C THR B 531 5.19 -23.38 -43.25
N ARG B 532 5.33 -24.69 -43.45
CA ARG B 532 6.08 -25.54 -42.53
C ARG B 532 7.45 -25.88 -43.13
N ALA B 533 8.49 -25.82 -42.30
CA ALA B 533 9.86 -26.10 -42.73
C ALA B 533 10.49 -27.08 -41.75
N THR B 534 11.10 -28.15 -42.27
CA THR B 534 11.56 -29.26 -41.42
C THR B 534 13.05 -29.54 -41.53
N ASN B 535 13.76 -28.77 -42.34
CA ASN B 535 15.22 -28.86 -42.44
C ASN B 535 15.81 -27.53 -42.90
N ARG B 536 17.14 -27.43 -42.88
CA ARG B 536 17.83 -26.20 -43.28
C ARG B 536 17.42 -25.72 -44.66
N GLU B 537 17.24 -26.64 -45.60
CA GLU B 537 16.92 -26.27 -46.98
C GLU B 537 15.52 -25.66 -47.08
N GLU B 538 14.53 -26.33 -46.50
CA GLU B 538 13.17 -25.81 -46.45
C GLU B 538 13.12 -24.51 -45.64
N LEU B 539 13.86 -24.46 -44.53
CA LEU B 539 13.89 -23.26 -43.69
C LEU B 539 14.49 -22.02 -44.38
N LEU B 540 15.66 -22.16 -45.02
CA LEU B 540 16.27 -21.05 -45.76
C LEU B 540 15.35 -20.54 -46.85
N ALA B 541 14.73 -21.48 -47.57
CA ALA B 541 13.77 -21.15 -48.63
C ALA B 541 12.61 -20.33 -48.08
N ALA B 542 12.04 -20.81 -46.98
CA ALA B 542 10.92 -20.13 -46.31
C ALA B 542 11.30 -18.74 -45.78
N LEU B 543 12.48 -18.61 -45.18
CA LEU B 543 12.97 -17.32 -44.69
C LEU B 543 13.18 -16.31 -45.81
N ARG B 544 13.81 -16.76 -46.90
CA ARG B 544 14.09 -15.90 -48.04
C ARG B 544 12.79 -15.42 -48.70
N LYS B 545 11.82 -16.32 -48.82
CA LYS B 545 10.48 -15.97 -49.29
C LYS B 545 9.84 -14.91 -48.40
N GLY B 546 9.76 -15.20 -47.10
CA GLY B 546 9.22 -14.27 -46.12
C GLY B 546 9.86 -12.91 -46.19
N ALA B 547 11.19 -12.87 -46.25
CA ALA B 547 11.97 -11.63 -46.25
C ALA B 547 11.68 -10.72 -47.44
N GLU B 548 11.30 -11.30 -48.58
CA GLU B 548 11.00 -10.51 -49.79
C GLU B 548 9.50 -10.32 -50.04
N LEU B 549 8.66 -10.91 -49.18
CA LEU B 549 7.20 -10.96 -49.41
C LEU B 549 6.49 -9.60 -49.39
N GLY B 550 7.02 -8.65 -48.62
CA GLY B 550 6.37 -7.35 -48.44
C GLY B 550 5.13 -7.42 -47.55
N ARG B 551 4.96 -8.56 -46.88
CA ARG B 551 3.84 -8.86 -46.01
C ARG B 551 4.37 -9.72 -44.88
N PRO B 552 3.64 -9.81 -43.75
CA PRO B 552 4.03 -10.78 -42.71
C PRO B 552 4.02 -12.24 -43.20
N PHE B 553 4.87 -13.05 -42.58
CA PHE B 553 5.00 -14.44 -42.96
C PHE B 553 5.34 -15.27 -41.72
N LEU B 554 4.79 -16.48 -41.65
CA LEU B 554 5.06 -17.37 -40.52
C LEU B 554 5.55 -18.75 -40.97
N ILE B 555 6.56 -19.26 -40.26
CA ILE B 555 7.17 -20.54 -40.56
C ILE B 555 7.12 -21.39 -39.29
N GLU B 556 6.43 -22.52 -39.36
CA GLU B 556 6.47 -23.46 -38.26
C GLU B 556 7.55 -24.50 -38.51
N VAL B 557 8.37 -24.72 -37.48
CA VAL B 557 9.48 -25.66 -37.54
C VAL B 557 9.38 -26.64 -36.37
N PRO B 558 9.21 -27.94 -36.66
CA PRO B 558 9.25 -28.95 -35.60
C PRO B 558 10.66 -29.01 -35.02
N VAL B 559 10.79 -28.95 -33.70
CA VAL B 559 12.12 -29.03 -33.08
C VAL B 559 12.14 -30.04 -31.95
N ASN B 560 13.35 -30.42 -31.56
CA ASN B 560 13.55 -31.25 -30.39
C ASN B 560 14.79 -30.77 -29.65
N TYR B 561 14.82 -30.99 -28.34
CA TYR B 561 15.97 -30.60 -27.52
C TYR B 561 16.70 -31.84 -27.02
N ASP B 562 18.04 -31.86 -27.19
CA ASP B 562 18.88 -33.01 -26.82
C ASP B 562 20.08 -32.58 -25.98
N LYS C 11 -23.27 30.32 4.59
CA LYS C 11 -23.80 29.00 4.15
C LYS C 11 -23.02 27.84 4.80
N PRO C 12 -23.74 26.85 5.38
CA PRO C 12 -23.10 25.72 6.04
C PRO C 12 -22.15 24.92 5.13
N THR C 13 -21.03 24.50 5.70
CA THR C 13 -19.98 23.83 4.94
C THR C 13 -19.87 22.35 5.30
N ALA C 14 -18.89 21.68 4.70
CA ALA C 14 -18.61 20.29 5.01
C ALA C 14 -18.26 20.13 6.48
N ALA C 15 -17.63 21.15 7.07
CA ALA C 15 -17.38 21.19 8.52
C ALA C 15 -18.67 21.02 9.35
N HIS C 16 -19.71 21.77 8.98
CA HIS C 16 -21.03 21.66 9.62
C HIS C 16 -21.65 20.28 9.38
N ALA C 17 -21.54 19.80 8.14
CA ALA C 17 -22.14 18.52 7.77
C ALA C 17 -21.46 17.34 8.47
N LEU C 18 -20.16 17.46 8.69
CA LEU C 18 -19.38 16.47 9.41
C LEU C 18 -19.82 16.37 10.87
N LEU C 19 -19.85 17.52 11.54
CA LEU C 19 -20.26 17.58 12.94
C LEU C 19 -21.71 17.14 13.13
N SER C 20 -22.58 17.55 12.21
CA SER C 20 -23.99 17.17 12.23
CA SER C 20 -23.99 17.16 12.24
C SER C 20 -24.15 15.65 12.17
N ARG C 21 -23.41 15.01 11.25
CA ARG C 21 -23.49 13.55 11.08
C ARG C 21 -22.93 12.81 12.29
N LEU C 22 -21.87 13.34 12.90
CA LEU C 22 -21.35 12.76 14.13
C LEU C 22 -22.43 12.83 15.22
N ARG C 23 -23.07 14.00 15.34
CA ARG C 23 -24.19 14.18 16.27
C ARG C 23 -25.33 13.17 16.00
N ASP C 24 -25.63 12.91 14.73
CA ASP C 24 -26.65 11.91 14.37
C ASP C 24 -26.32 10.52 14.92
N HIS C 25 -25.02 10.20 14.98
CA HIS C 25 -24.54 8.94 15.50
C HIS C 25 -24.35 8.91 17.01
N GLY C 26 -24.82 9.97 17.68
CA GLY C 26 -24.80 10.03 19.15
C GLY C 26 -23.56 10.66 19.75
N VAL C 27 -22.69 11.20 18.90
CA VAL C 27 -21.42 11.80 19.35
C VAL C 27 -21.65 13.19 19.94
N GLY C 28 -21.11 13.42 21.13
CA GLY C 28 -21.26 14.70 21.83
C GLY C 28 -19.95 15.38 22.17
N LYS C 29 -18.84 14.66 21.97
CA LYS C 29 -17.50 15.19 22.24
C LYS C 29 -16.59 14.87 21.07
N VAL C 30 -15.74 15.83 20.69
CA VAL C 30 -14.60 15.57 19.80
C VAL C 30 -13.30 15.92 20.53
N PHE C 31 -12.48 14.91 20.80
CA PHE C 31 -11.19 15.11 21.47
C PHE C 31 -10.12 15.41 20.43
N GLY C 32 -9.30 16.41 20.66
CA GLY C 32 -8.20 16.63 19.75
C GLY C 32 -7.35 17.85 19.96
N VAL C 33 -6.54 18.13 18.95
CA VAL C 33 -5.73 19.34 18.86
C VAL C 33 -6.01 19.89 17.46
N VAL C 34 -6.36 21.17 17.38
CA VAL C 34 -6.71 21.80 16.12
C VAL C 34 -5.51 22.60 15.59
N GLY C 35 -5.23 22.46 14.30
CA GLY C 35 -4.22 23.27 13.62
C GLY C 35 -4.85 24.32 12.71
N ARG C 36 -4.19 24.62 11.60
CA ARG C 36 -4.63 25.68 10.68
C ARG C 36 -5.98 25.42 9.96
N GLU C 37 -6.50 24.20 10.07
CA GLU C 37 -7.85 23.89 9.62
C GLU C 37 -8.93 24.61 10.46
N ALA C 38 -8.50 25.27 11.54
CA ALA C 38 -9.35 26.16 12.34
C ALA C 38 -9.99 27.24 11.47
N ALA C 39 -9.32 27.61 10.38
CA ALA C 39 -9.89 28.52 9.37
C ALA C 39 -11.10 27.89 8.63
N SER C 40 -11.24 26.57 8.70
CA SER C 40 -12.34 25.86 8.03
C SER C 40 -13.34 25.21 8.97
N ILE C 41 -12.95 25.04 10.24
CA ILE C 41 -13.84 24.43 11.22
C ILE C 41 -13.59 25.10 12.57
N LEU C 42 -14.66 25.66 13.15
CA LEU C 42 -14.56 26.32 14.46
C LEU C 42 -14.81 25.38 15.62
N PHE C 43 -15.74 24.44 15.41
CA PHE C 43 -16.23 23.48 16.41
C PHE C 43 -17.39 23.99 17.27
N ASP C 44 -18.05 25.05 16.81
CA ASP C 44 -19.31 25.53 17.38
C ASP C 44 -20.47 25.49 16.36
N GLU C 45 -20.24 24.85 15.23
CA GLU C 45 -21.23 24.82 14.15
C GLU C 45 -22.51 24.09 14.58
N VAL C 46 -22.34 23.06 15.41
CA VAL C 46 -23.45 22.17 15.79
C VAL C 46 -23.64 22.13 17.30
N GLU C 47 -24.85 22.45 17.73
CA GLU C 47 -25.23 22.37 19.13
C GLU C 47 -25.23 20.93 19.60
N GLY C 48 -24.64 20.69 20.78
CA GLY C 48 -24.66 19.36 21.37
C GLY C 48 -23.39 18.55 21.15
N ILE C 49 -22.46 19.11 20.38
CA ILE C 49 -21.15 18.48 20.20
C ILE C 49 -20.04 19.46 20.56
N ASP C 50 -19.23 19.11 21.57
CA ASP C 50 -18.19 20.02 22.11
C ASP C 50 -16.78 19.49 21.85
N PHE C 51 -15.86 20.40 21.56
CA PHE C 51 -14.44 20.07 21.43
C PHE C 51 -13.72 19.98 22.78
N VAL C 52 -12.97 18.89 22.97
CA VAL C 52 -12.16 18.68 24.17
C VAL C 52 -10.69 18.78 23.78
N LEU C 53 -10.08 19.93 24.09
CA LEU C 53 -8.69 20.19 23.73
C LEU C 53 -7.71 19.47 24.66
N THR C 54 -6.84 18.65 24.07
CA THR C 54 -5.78 17.95 24.81
C THR C 54 -4.45 18.64 24.54
N ARG C 55 -3.38 18.26 25.27
CA ARG C 55 -2.03 18.78 25.02
C ARG C 55 -1.25 17.96 23.97
N HIS C 56 -1.71 16.75 23.69
CA HIS C 56 -1.10 15.89 22.67
C HIS C 56 -2.21 15.04 22.04
N GLU C 57 -2.07 14.73 20.75
CA GLU C 57 -3.10 13.99 20.02
C GLU C 57 -3.26 12.55 20.49
N PHE C 58 -2.19 11.96 21.03
CA PHE C 58 -2.28 10.62 21.58
C PHE C 58 -3.36 10.56 22.67
N THR C 59 -3.33 11.53 23.57
CA THR C 59 -4.33 11.67 24.63
C THR C 59 -5.74 11.76 24.06
N ALA C 60 -5.91 12.51 22.99
CA ALA C 60 -7.21 12.64 22.34
C ALA C 60 -7.72 11.31 21.78
N GLY C 61 -6.85 10.58 21.07
CA GLY C 61 -7.22 9.27 20.51
C GLY C 61 -7.59 8.23 21.57
N VAL C 62 -6.78 8.14 22.63
CA VAL C 62 -7.01 7.18 23.72
C VAL C 62 -8.29 7.52 24.52
N ALA C 63 -8.51 8.80 24.81
CA ALA C 63 -9.73 9.22 25.49
C ALA C 63 -10.97 8.82 24.69
N ALA C 64 -10.94 9.01 23.37
CA ALA C 64 -12.04 8.58 22.50
C ALA C 64 -12.19 7.05 22.52
N ASP C 65 -11.08 6.34 22.46
CA ASP C 65 -11.07 4.88 22.58
C ASP C 65 -11.75 4.37 23.87
N VAL C 66 -11.41 4.98 24.99
CA VAL C 66 -11.91 4.54 26.28
C VAL C 66 -13.38 4.93 26.48
N LEU C 67 -13.74 6.15 26.06
CA LEU C 67 -15.15 6.55 26.09
C LEU C 67 -16.01 5.58 25.27
N ALA C 68 -15.52 5.20 24.09
CA ALA C 68 -16.23 4.28 23.20
C ALA C 68 -16.41 2.89 23.81
N ARG C 69 -15.38 2.42 24.51
CA ARG C 69 -15.43 1.14 25.22
C ARG C 69 -16.51 1.12 26.31
N ILE C 70 -16.52 2.15 27.16
CA ILE C 70 -17.44 2.18 28.31
C ILE C 70 -18.88 2.45 27.88
N THR C 71 -19.07 3.40 26.96
CA THR C 71 -20.41 3.71 26.43
C THR C 71 -20.94 2.64 25.46
N GLY C 72 -20.05 2.01 24.69
CA GLY C 72 -20.45 1.09 23.63
C GLY C 72 -20.91 1.82 22.37
N ARG C 73 -20.60 3.11 22.28
CA ARG C 73 -21.04 3.97 21.17
C ARG C 73 -19.82 4.57 20.47
N PRO C 74 -19.94 4.84 19.15
CA PRO C 74 -18.80 5.46 18.44
C PRO C 74 -18.42 6.81 19.05
N GLN C 75 -17.12 7.07 19.12
CA GLN C 75 -16.62 8.33 19.63
C GLN C 75 -15.64 8.91 18.63
N ALA C 76 -15.18 10.13 18.86
CA ALA C 76 -14.46 10.85 17.82
C ALA C 76 -13.27 11.64 18.32
N CYS C 77 -12.22 11.66 17.50
CA CYS C 77 -11.01 12.43 17.78
C CYS C 77 -10.53 13.19 16.55
N TRP C 78 -9.67 14.17 16.77
CA TRP C 78 -9.33 15.14 15.75
C TRP C 78 -7.85 15.52 15.81
N ALA C 79 -7.21 15.61 14.66
CA ALA C 79 -5.85 16.12 14.56
C ALA C 79 -5.67 16.93 13.28
N THR C 80 -4.62 17.75 13.27
CA THR C 80 -4.27 18.54 12.09
C THR C 80 -3.52 17.67 11.07
N LEU C 81 -3.09 18.28 9.97
CA LEU C 81 -2.37 17.54 8.94
C LEU C 81 -0.95 17.13 9.38
N GLY C 82 -0.33 16.24 8.62
CA GLY C 82 1.06 15.88 8.85
C GLY C 82 1.29 15.26 10.22
N PRO C 83 2.09 15.93 11.06
CA PRO C 83 2.47 15.45 12.39
C PRO C 83 1.29 15.37 13.38
N GLY C 84 0.21 16.11 13.13
CA GLY C 84 -1.00 15.95 13.94
C GLY C 84 -1.52 14.54 13.76
N MET C 85 -1.62 14.15 12.49
CA MET C 85 -2.14 12.83 12.11
C MET C 85 -1.21 11.69 12.60
N THR C 86 0.10 11.86 12.49
CA THR C 86 1.06 10.85 12.96
C THR C 86 1.03 10.71 14.49
N ASN C 87 0.87 11.83 15.19
CA ASN C 87 0.66 11.80 16.65
C ASN C 87 -0.63 11.10 17.03
N LEU C 88 -1.72 11.40 16.32
CA LEU C 88 -3.00 10.73 16.54
C LEU C 88 -2.92 9.23 16.28
N SER C 89 -2.03 8.85 15.35
CA SER C 89 -1.94 7.45 14.92
C SER C 89 -1.60 6.46 16.05
N THR C 90 -0.91 6.91 17.10
CA THR C 90 -0.72 6.03 18.26
C THR C 90 -2.02 5.76 19.02
N GLY C 91 -2.92 6.75 19.08
CA GLY C 91 -4.28 6.54 19.58
C GLY C 91 -5.13 5.68 18.66
N ILE C 92 -4.99 5.89 17.35
CA ILE C 92 -5.63 5.00 16.35
C ILE C 92 -5.15 3.56 16.54
N ALA C 93 -3.83 3.40 16.71
CA ALA C 93 -3.24 2.08 16.96
C ALA C 93 -3.78 1.45 18.24
N THR C 94 -4.01 2.28 19.24
CA THR C 94 -4.63 1.84 20.49
C THR C 94 -6.03 1.28 20.21
N SER C 95 -6.79 2.01 19.41
CA SER C 95 -8.15 1.60 19.06
C SER C 95 -8.20 0.31 18.23
N VAL C 96 -7.26 0.11 17.31
CA VAL C 96 -7.32 -1.06 16.41
C VAL C 96 -6.95 -2.36 17.13
N LEU C 97 -5.95 -2.26 18.01
CA LEU C 97 -5.48 -3.39 18.79
C LEU C 97 -6.33 -3.68 20.02
N ASP C 98 -6.77 -2.63 20.71
CA ASP C 98 -7.58 -2.74 21.94
C ASP C 98 -9.08 -2.94 21.67
N ARG C 99 -9.49 -2.69 20.43
CA ARG C 99 -10.85 -2.88 19.93
C ARG C 99 -11.82 -1.83 20.48
N SER C 100 -11.96 -0.72 19.76
CA SER C 100 -12.99 0.26 20.10
C SER C 100 -13.47 1.02 18.86
N PRO C 101 -14.77 1.33 18.78
CA PRO C 101 -15.27 2.04 17.59
C PRO C 101 -14.96 3.54 17.65
N VAL C 102 -13.84 3.94 17.05
CA VAL C 102 -13.41 5.34 17.08
C VAL C 102 -13.44 5.93 15.67
N ILE C 103 -13.97 7.15 15.55
CA ILE C 103 -13.90 7.87 14.30
C ILE C 103 -12.78 8.89 14.41
N ALA C 104 -11.68 8.63 13.71
CA ALA C 104 -10.50 9.50 13.72
C ALA C 104 -10.51 10.39 12.50
N LEU C 105 -10.36 11.69 12.74
CA LEU C 105 -10.48 12.70 11.72
C LEU C 105 -9.20 13.52 11.71
N ALA C 106 -8.64 13.77 10.53
CA ALA C 106 -7.46 14.64 10.46
C ALA C 106 -7.50 15.54 9.23
N ALA C 107 -6.99 16.77 9.38
CA ALA C 107 -6.94 17.70 8.27
C ALA C 107 -5.89 17.26 7.25
N GLN C 108 -5.96 17.85 6.06
CA GLN C 108 -4.98 17.57 5.01
C GLN C 108 -4.75 18.87 4.22
N SER C 109 -3.61 18.95 3.55
CA SER C 109 -3.36 20.00 2.57
C SER C 109 -4.54 20.21 1.61
N GLU C 110 -4.67 21.44 1.13
CA GLU C 110 -5.68 21.78 0.13
C GLU C 110 -5.63 20.76 -1.00
N SER C 111 -6.80 20.27 -1.40
CA SER C 111 -6.88 19.15 -2.35
C SER C 111 -5.96 19.26 -3.58
N HIS C 112 -5.90 20.46 -4.18
CA HIS C 112 -5.12 20.69 -5.41
C HIS C 112 -3.61 20.78 -5.13
N ASP C 113 -3.25 20.74 -3.85
CA ASP C 113 -1.87 20.93 -3.40
C ASP C 113 -1.36 19.70 -2.65
N ILE C 114 -2.07 18.58 -2.75
CA ILE C 114 -1.63 17.35 -2.08
C ILE C 114 -0.49 16.73 -2.89
N PHE C 115 0.72 16.96 -2.39
CA PHE C 115 1.93 16.32 -2.88
C PHE C 115 2.66 15.73 -1.67
N PRO C 116 2.36 14.46 -1.32
CA PRO C 116 2.94 13.90 -0.08
C PRO C 116 4.47 13.97 -0.09
N ASN C 117 5.02 14.41 1.04
CA ASN C 117 6.48 14.57 1.25
C ASN C 117 7.12 15.70 0.44
N ASP C 118 6.30 16.56 -0.16
CA ASP C 118 6.79 17.74 -0.91
C ASP C 118 6.08 19.02 -0.46
N THR C 119 4.75 19.01 -0.43
CA THR C 119 3.99 20.13 0.14
C THR C 119 4.21 20.17 1.66
N HIS C 120 4.47 21.37 2.17
CA HIS C 120 4.56 21.67 3.60
C HIS C 120 3.50 20.93 4.44
N GLN C 121 3.96 20.12 5.40
CA GLN C 121 3.07 19.34 6.28
C GLN C 121 2.25 18.26 5.58
N CYS C 122 2.56 17.96 4.32
CA CYS C 122 1.73 17.02 3.57
C CYS C 122 2.29 15.61 3.61
N LEU C 123 1.57 14.73 4.28
CA LEU C 123 1.88 13.31 4.30
C LEU C 123 0.73 12.52 3.68
N ASP C 124 1.03 11.32 3.17
CA ASP C 124 -0.01 10.44 2.60
C ASP C 124 -0.79 9.75 3.73
N SER C 125 -1.72 10.48 4.33
CA SER C 125 -2.40 10.04 5.55
C SER C 125 -3.15 8.73 5.41
N VAL C 126 -3.88 8.55 4.31
CA VAL C 126 -4.60 7.30 4.05
C VAL C 126 -3.67 6.09 3.98
N ALA C 127 -2.56 6.21 3.26
CA ALA C 127 -1.60 5.11 3.15
C ALA C 127 -0.99 4.76 4.50
N ILE C 128 -0.69 5.79 5.30
CA ILE C 128 -0.10 5.61 6.64
C ILE C 128 -1.09 4.97 7.62
N VAL C 129 -2.37 5.35 7.53
CA VAL C 129 -3.38 4.91 8.53
C VAL C 129 -4.14 3.64 8.12
N ALA C 130 -4.29 3.43 6.81
CA ALA C 130 -4.99 2.24 6.29
C ALA C 130 -4.55 0.91 6.95
N PRO C 131 -3.22 0.68 7.14
CA PRO C 131 -2.79 -0.60 7.76
C PRO C 131 -3.22 -0.81 9.21
N MET C 132 -3.62 0.25 9.89
CA MET C 132 -3.96 0.18 11.31
C MET C 132 -5.41 0.62 11.57
N SER C 133 -6.30 0.43 10.59
CA SER C 133 -7.67 0.87 10.76
C SER C 133 -8.67 -0.03 10.05
N LYS C 134 -9.94 0.16 10.34
CA LYS C 134 -11.01 -0.62 9.72
C LYS C 134 -11.41 -0.05 8.36
N TYR C 135 -11.05 1.22 8.15
CA TYR C 135 -11.57 2.02 7.05
C TYR C 135 -10.75 3.30 7.07
N ALA C 136 -10.39 3.78 5.89
CA ALA C 136 -9.56 4.97 5.76
C ALA C 136 -9.82 5.57 4.37
N VAL C 137 -10.11 6.86 4.34
CA VAL C 137 -10.56 7.53 3.12
C VAL C 137 -10.18 9.01 3.20
N GLU C 138 -10.06 9.64 2.04
CA GLU C 138 -9.87 11.07 1.94
C GLU C 138 -11.10 11.69 1.26
N LEU C 139 -11.67 12.71 1.89
CA LEU C 139 -12.76 13.50 1.30
C LEU C 139 -12.35 14.12 -0.04
N GLN C 140 -13.22 13.95 -1.05
CA GLN C 140 -12.97 14.50 -2.39
C GLN C 140 -14.05 15.46 -2.88
N ARG C 141 -15.30 15.18 -2.53
CA ARG C 141 -16.43 16.07 -2.88
C ARG C 141 -17.17 16.38 -1.57
N PRO C 142 -17.20 17.67 -1.16
CA PRO C 142 -17.68 18.09 0.17
C PRO C 142 -18.96 17.40 0.68
N HIS C 143 -20.00 17.35 -0.15
CA HIS C 143 -21.30 16.86 0.28
C HIS C 143 -21.26 15.37 0.69
N GLU C 144 -20.23 14.65 0.23
CA GLU C 144 -20.10 13.22 0.49
C GLU C 144 -19.61 12.91 1.92
N ILE C 145 -19.22 13.93 2.68
CA ILE C 145 -18.80 13.73 4.07
C ILE C 145 -19.81 12.90 4.89
N THR C 146 -21.10 13.14 4.64
CA THR C 146 -22.17 12.42 5.31
C THR C 146 -22.09 10.90 5.08
N ASP C 147 -21.90 10.48 3.82
CA ASP C 147 -21.82 9.04 3.53
C ASP C 147 -20.48 8.44 3.99
N LEU C 148 -19.45 9.28 4.02
CA LEU C 148 -18.13 8.87 4.50
C LEU C 148 -18.18 8.62 6.01
N VAL C 149 -18.84 9.51 6.74
CA VAL C 149 -19.06 9.28 8.17
C VAL C 149 -19.83 7.97 8.41
N ASP C 150 -20.91 7.77 7.66
CA ASP C 150 -21.71 6.53 7.80
C ASP C 150 -20.91 5.25 7.53
N SER C 151 -20.09 5.27 6.47
CA SER C 151 -19.24 4.13 6.13
C SER C 151 -18.14 3.93 7.19
N ALA C 152 -17.63 5.03 7.74
CA ALA C 152 -16.69 4.96 8.87
C ALA C 152 -17.30 4.26 10.09
N VAL C 153 -18.53 4.64 10.44
CA VAL C 153 -19.23 4.03 11.57
C VAL C 153 -19.52 2.56 11.29
N ASN C 154 -19.99 2.27 10.08
CA ASN C 154 -20.27 0.88 9.67
C ASN C 154 -19.06 -0.02 9.94
N ALA C 155 -17.88 0.42 9.50
CA ALA C 155 -16.66 -0.36 9.60
C ALA C 155 -16.12 -0.43 11.03
N ALA C 156 -16.27 0.67 11.76
CA ALA C 156 -15.87 0.75 13.17
C ALA C 156 -16.67 -0.19 14.06
N MET C 157 -17.95 -0.41 13.72
CA MET C 157 -18.87 -1.16 14.58
C MET C 157 -19.06 -2.60 14.14
N THR C 158 -18.17 -3.09 13.28
CA THR C 158 -18.18 -4.50 12.91
C THR C 158 -16.99 -5.14 13.63
N GLU C 159 -17.22 -6.28 14.27
CA GLU C 159 -16.14 -7.01 14.96
C GLU C 159 -15.02 -7.45 13.98
N PRO C 160 -13.74 -7.36 14.40
CA PRO C 160 -13.27 -6.73 15.65
C PRO C 160 -13.42 -5.23 15.54
N VAL C 161 -14.11 -4.62 16.49
CA VAL C 161 -14.37 -3.19 16.41
C VAL C 161 -13.04 -2.43 16.42
N GLY C 162 -13.01 -1.27 15.77
CA GLY C 162 -11.76 -0.55 15.62
C GLY C 162 -12.01 0.82 15.03
N PRO C 163 -10.92 1.57 14.75
CA PRO C 163 -11.05 2.93 14.25
C PRO C 163 -11.26 3.04 12.74
N SER C 164 -12.00 4.06 12.33
CA SER C 164 -12.12 4.44 10.92
C SER C 164 -11.63 5.86 10.76
N PHE C 165 -10.90 6.12 9.68
CA PHE C 165 -10.19 7.38 9.51
C PHE C 165 -10.67 8.15 8.27
N ILE C 166 -10.85 9.46 8.42
CA ILE C 166 -11.23 10.33 7.30
C ILE C 166 -10.25 11.49 7.25
N SER C 167 -9.55 11.62 6.12
CA SER C 167 -8.62 12.70 5.88
C SER C 167 -9.36 13.84 5.17
N LEU C 168 -9.12 15.08 5.60
CA LEU C 168 -10.01 16.19 5.24
C LEU C 168 -9.28 17.39 4.68
N PRO C 169 -9.11 17.45 3.34
CA PRO C 169 -8.41 18.59 2.77
C PRO C 169 -9.11 19.88 3.20
N VAL C 170 -8.31 20.85 3.66
CA VAL C 170 -8.86 22.03 4.34
C VAL C 170 -9.75 22.90 3.44
N ASP C 171 -9.48 22.90 2.13
CA ASP C 171 -10.33 23.62 1.18
C ASP C 171 -11.71 22.97 1.08
N LEU C 172 -11.74 21.63 1.07
CA LEU C 172 -13.00 20.89 0.95
C LEU C 172 -13.79 20.95 2.25
N LEU C 173 -13.07 20.96 3.37
CA LEU C 173 -13.69 21.07 4.69
C LEU C 173 -14.46 22.39 4.87
N GLY C 174 -13.91 23.48 4.34
CA GLY C 174 -14.55 24.80 4.40
C GLY C 174 -15.42 25.13 3.19
N SER C 175 -15.80 24.12 2.41
CA SER C 175 -16.60 24.35 1.23
C SER C 175 -18.08 24.03 1.47
N SER C 176 -18.94 24.88 0.92
CA SER C 176 -20.38 24.63 0.92
C SER C 176 -20.90 24.02 -0.40
N GLU C 177 -19.99 23.76 -1.33
CA GLU C 177 -20.36 23.18 -2.65
C GLU C 177 -21.16 21.89 -2.53
N GLY C 178 -22.35 21.89 -3.12
CA GLY C 178 -23.24 20.73 -3.12
C GLY C 178 -23.92 20.42 -1.80
N ILE C 179 -23.72 21.28 -0.80
CA ILE C 179 -24.29 21.07 0.53
C ILE C 179 -25.60 21.86 0.75
N ASP C 180 -26.65 21.13 1.12
CA ASP C 180 -27.97 21.68 1.34
C ASP C 180 -28.55 21.10 2.62
N THR C 181 -28.45 21.86 3.71
CA THR C 181 -28.89 21.40 5.03
C THR C 181 -30.41 21.59 5.26
N THR C 182 -31.10 22.16 4.26
CA THR C 182 -32.55 22.25 4.28
C THR C 182 -33.18 20.86 4.07
N VAL C 183 -32.46 19.99 3.35
CA VAL C 183 -32.88 18.60 3.15
C VAL C 183 -32.28 17.73 4.27
N PRO C 184 -33.13 17.20 5.17
CA PRO C 184 -32.63 16.51 6.37
C PRO C 184 -31.82 15.26 6.02
N ASN C 185 -30.89 14.92 6.93
CA ASN C 185 -30.07 13.73 6.78
C ASN C 185 -30.92 12.46 6.79
N PRO C 186 -30.55 11.46 5.98
CA PRO C 186 -31.18 10.14 6.12
C PRO C 186 -30.92 9.60 7.54
N PRO C 187 -31.71 8.61 7.98
CA PRO C 187 -31.53 8.05 9.33
C PRO C 187 -30.12 7.49 9.53
N ALA C 188 -29.55 7.69 10.72
CA ALA C 188 -28.18 7.26 11.00
C ALA C 188 -28.04 5.74 11.18
N ASN C 189 -29.01 5.13 11.87
CA ASN C 189 -29.02 3.67 12.10
C ASN C 189 -27.73 3.10 12.71
N THR C 190 -27.19 3.81 13.69
CA THR C 190 -26.02 3.38 14.45
C THR C 190 -26.32 2.06 15.14
N PRO C 191 -25.51 1.01 14.90
CA PRO C 191 -25.70 -0.26 15.61
C PRO C 191 -25.63 -0.06 17.13
N ALA C 192 -26.57 -0.70 17.83
CA ALA C 192 -26.63 -0.65 19.30
C ALA C 192 -25.60 -1.57 19.95
N LYS C 193 -25.18 -2.61 19.22
CA LYS C 193 -24.04 -3.43 19.61
C LYS C 193 -23.29 -3.85 18.34
N PRO C 194 -22.01 -4.25 18.47
CA PRO C 194 -21.27 -4.52 17.23
C PRO C 194 -21.90 -5.58 16.32
N VAL C 195 -21.82 -5.32 15.01
CA VAL C 195 -22.12 -6.29 13.97
C VAL C 195 -21.01 -7.35 14.00
N GLY C 196 -21.35 -8.62 13.73
CA GLY C 196 -20.34 -9.68 13.70
C GLY C 196 -20.60 -10.68 12.59
N VAL C 197 -19.70 -11.64 12.40
CA VAL C 197 -19.97 -12.71 11.45
C VAL C 197 -20.55 -13.93 12.14
N VAL C 198 -21.25 -14.74 11.35
CA VAL C 198 -21.92 -15.93 11.85
C VAL C 198 -21.71 -17.04 10.81
N ALA C 199 -21.18 -18.16 11.26
CA ALA C 199 -20.91 -19.28 10.39
C ALA C 199 -22.14 -20.19 10.31
N ASP C 200 -22.43 -20.70 9.12
CA ASP C 200 -23.43 -21.72 8.95
C ASP C 200 -23.08 -22.91 9.84
N GLY C 201 -24.07 -23.45 10.53
CA GLY C 201 -23.85 -24.63 11.37
C GLY C 201 -23.27 -24.34 12.75
N TRP C 202 -23.28 -23.08 13.17
CA TRP C 202 -22.73 -22.71 14.47
C TRP C 202 -23.50 -23.33 15.64
N GLN C 203 -24.80 -23.57 15.45
CA GLN C 203 -25.62 -24.23 16.47
C GLN C 203 -25.14 -25.67 16.69
N LYS C 204 -24.83 -26.35 15.60
CA LYS C 204 -24.27 -27.70 15.66
C LYS C 204 -22.91 -27.70 16.38
N ALA C 205 -22.12 -26.66 16.13
CA ALA C 205 -20.84 -26.46 16.81
C ALA C 205 -21.04 -26.24 18.32
N ALA C 206 -22.01 -25.41 18.69
CA ALA C 206 -22.37 -25.20 20.09
C ALA C 206 -22.86 -26.50 20.76
N ASP C 207 -23.60 -27.32 20.00
CA ASP C 207 -24.02 -28.64 20.49
C ASP C 207 -22.82 -29.55 20.78
N GLN C 208 -21.83 -29.56 19.88
CA GLN C 208 -20.59 -30.32 20.13
C GLN C 208 -19.85 -29.80 21.38
N ALA C 209 -19.83 -28.48 21.55
CA ALA C 209 -19.30 -27.86 22.77
C ALA C 209 -20.04 -28.30 24.02
N ALA C 210 -21.38 -28.37 23.94
CA ALA C 210 -22.21 -28.89 25.03
C ALA C 210 -21.82 -30.33 25.37
N ALA C 211 -21.63 -31.17 24.35
CA ALA C 211 -21.23 -32.55 24.56
C ALA C 211 -19.90 -32.66 25.31
N LEU C 212 -18.92 -31.83 24.93
CA LEU C 212 -17.64 -31.75 25.64
C LEU C 212 -17.80 -31.34 27.10
N LEU C 213 -18.66 -30.34 27.34
CA LEU C 213 -18.99 -29.90 28.70
C LEU C 213 -19.59 -31.03 29.55
N ALA C 214 -20.50 -31.79 28.97
CA ALA C 214 -21.11 -32.94 29.66
C ALA C 214 -20.03 -33.92 30.15
N GLU C 215 -19.03 -34.19 29.30
CA GLU C 215 -17.93 -35.11 29.65
C GLU C 215 -16.86 -34.51 30.56
N ALA C 216 -16.81 -33.19 30.68
CA ALA C 216 -15.74 -32.50 31.44
C ALA C 216 -15.94 -32.54 32.95
N LYS C 217 -14.83 -32.78 33.67
CA LYS C 217 -14.84 -32.75 35.13
C LYS C 217 -14.65 -31.32 35.65
N HIS C 218 -13.68 -30.62 35.08
CA HIS C 218 -13.31 -29.28 35.53
C HIS C 218 -13.22 -28.29 34.36
N PRO C 219 -14.37 -27.82 33.86
CA PRO C 219 -14.32 -26.84 32.79
C PRO C 219 -14.09 -25.43 33.33
N VAL C 220 -13.56 -24.54 32.49
CA VAL C 220 -13.51 -23.12 32.84
C VAL C 220 -14.00 -22.25 31.69
N LEU C 221 -14.54 -21.08 32.04
CA LEU C 221 -14.87 -20.06 31.06
C LEU C 221 -13.80 -19.00 31.10
N VAL C 222 -13.13 -18.81 29.98
CA VAL C 222 -12.18 -17.70 29.85
C VAL C 222 -12.85 -16.58 29.06
N VAL C 223 -13.14 -15.47 29.73
CA VAL C 223 -13.99 -14.43 29.17
C VAL C 223 -13.20 -13.23 28.68
N GLY C 224 -13.42 -12.85 27.42
CA GLY C 224 -12.85 -11.62 26.87
C GLY C 224 -13.89 -10.53 26.66
N ALA C 225 -13.42 -9.32 26.36
CA ALA C 225 -14.26 -8.12 26.27
C ALA C 225 -15.32 -8.15 25.17
N ALA C 226 -15.10 -8.93 24.10
CA ALA C 226 -16.12 -9.08 23.05
C ALA C 226 -17.43 -9.65 23.62
N ALA C 227 -17.32 -10.42 24.70
CA ALA C 227 -18.49 -10.95 25.40
C ALA C 227 -19.29 -9.81 26.06
N ILE C 228 -18.59 -8.80 26.54
CA ILE C 228 -19.22 -7.62 27.14
C ILE C 228 -19.92 -6.81 26.07
N ARG C 229 -19.23 -6.57 24.95
CA ARG C 229 -19.80 -5.79 23.86
C ARG C 229 -21.08 -6.43 23.33
N SER C 230 -21.13 -7.76 23.37
CA SER C 230 -22.29 -8.52 22.89
C SER C 230 -23.48 -8.41 23.85
N GLY C 231 -23.24 -7.87 25.05
CA GLY C 231 -24.27 -7.77 26.09
C GLY C 231 -24.51 -9.09 26.80
N ALA C 232 -23.48 -9.92 26.89
CA ALA C 232 -23.62 -11.29 27.41
C ALA C 232 -23.20 -11.52 28.86
N VAL C 233 -22.88 -10.45 29.60
CA VAL C 233 -22.38 -10.59 30.98
C VAL C 233 -23.41 -11.24 31.94
N PRO C 234 -24.64 -10.69 32.04
CA PRO C 234 -25.67 -11.38 32.82
C PRO C 234 -25.91 -12.84 32.42
N ALA C 235 -25.93 -13.14 31.12
CA ALA C 235 -26.16 -14.52 30.65
C ALA C 235 -25.03 -15.49 31.04
N ILE C 236 -23.80 -15.00 30.96
CA ILE C 236 -22.60 -15.81 31.27
C ILE C 236 -22.55 -16.13 32.77
N ARG C 237 -22.82 -15.12 33.58
CA ARG C 237 -22.91 -15.27 35.03
C ARG C 237 -23.97 -16.29 35.42
N ALA C 238 -25.14 -16.24 34.81
CA ALA C 238 -26.21 -17.18 35.14
C ALA C 238 -25.84 -18.62 34.76
N LEU C 239 -25.19 -18.80 33.61
CA LEU C 239 -24.70 -20.10 33.17
C LEU C 239 -23.65 -20.66 34.14
N ALA C 240 -22.67 -19.81 34.48
CA ALA C 240 -21.57 -20.19 35.36
C ALA C 240 -22.09 -20.59 36.75
N GLU C 241 -22.99 -19.78 37.31
CA GLU C 241 -23.58 -20.06 38.61
C GLU C 241 -24.37 -21.37 38.64
N ARG C 242 -25.17 -21.61 37.59
CA ARG C 242 -26.00 -22.81 37.53
C ARG C 242 -25.15 -24.07 37.48
N LEU C 243 -24.09 -24.05 36.67
CA LEU C 243 -23.28 -25.24 36.47
C LEU C 243 -21.99 -25.23 37.29
N ASN C 244 -21.80 -24.19 38.10
CA ASN C 244 -20.64 -24.07 39.00
C ASN C 244 -19.31 -24.05 38.22
N ILE C 245 -19.24 -23.21 37.20
CA ILE C 245 -18.06 -23.13 36.33
C ILE C 245 -17.28 -21.86 36.67
N PRO C 246 -15.98 -22.02 37.01
CA PRO C 246 -15.12 -20.87 37.28
C PRO C 246 -15.01 -19.92 36.08
N VAL C 247 -14.91 -18.63 36.36
CA VAL C 247 -14.73 -17.62 35.33
C VAL C 247 -13.36 -16.94 35.50
N ILE C 248 -12.52 -17.11 34.49
CA ILE C 248 -11.24 -16.42 34.39
C ILE C 248 -11.38 -15.38 33.27
N THR C 249 -10.77 -14.22 33.44
CA THR C 249 -10.89 -13.17 32.44
C THR C 249 -9.54 -12.74 31.87
N THR C 250 -9.62 -12.02 30.76
CA THR C 250 -8.49 -11.29 30.21
C THR C 250 -8.25 -10.03 31.07
N TYR C 251 -7.17 -9.30 30.76
CA TYR C 251 -6.86 -8.02 31.42
C TYR C 251 -8.03 -7.06 31.42
N ILE C 252 -8.87 -7.17 30.40
CA ILE C 252 -9.85 -6.13 30.02
C ILE C 252 -11.25 -6.47 30.48
N ALA C 253 -11.47 -7.74 30.82
CA ALA C 253 -12.80 -8.24 31.19
C ALA C 253 -12.97 -8.48 32.71
N LYS C 254 -12.08 -7.88 33.51
CA LYS C 254 -12.21 -7.91 34.98
C LYS C 254 -13.46 -7.16 35.39
N GLY C 255 -14.32 -7.81 36.16
CA GLY C 255 -15.56 -7.19 36.61
C GLY C 255 -16.83 -7.78 36.03
N VAL C 256 -16.70 -8.77 35.15
CA VAL C 256 -17.87 -9.51 34.65
C VAL C 256 -18.56 -10.29 35.78
N LEU C 257 -17.83 -10.55 36.86
CA LEU C 257 -18.39 -11.02 38.13
C LEU C 257 -18.00 -10.04 39.23
N PRO C 258 -18.88 -9.86 40.24
CA PRO C 258 -18.56 -8.96 41.36
C PRO C 258 -17.34 -9.43 42.15
N VAL C 259 -16.66 -8.48 42.81
CA VAL C 259 -15.62 -8.78 43.79
C VAL C 259 -16.22 -9.72 44.86
N GLY C 260 -15.52 -10.80 45.17
CA GLY C 260 -15.97 -11.71 46.21
C GLY C 260 -16.79 -12.90 45.75
N HIS C 261 -17.22 -12.89 44.49
CA HIS C 261 -18.00 -13.97 43.92
C HIS C 261 -17.15 -15.25 43.90
N GLU C 262 -17.76 -16.36 44.32
CA GLU C 262 -17.06 -17.65 44.44
C GLU C 262 -16.41 -18.15 43.14
N LEU C 263 -17.00 -17.77 42.00
CA LEU C 263 -16.54 -18.21 40.68
C LEU C 263 -15.65 -17.18 39.99
N ASN C 264 -15.41 -16.05 40.65
CA ASN C 264 -14.55 -15.00 40.15
C ASN C 264 -13.07 -15.34 40.38
N TYR C 265 -12.49 -16.13 39.48
CA TYR C 265 -11.11 -16.61 39.65
C TYR C 265 -10.07 -15.54 39.24
N GLY C 266 -10.55 -14.43 38.69
CA GLY C 266 -9.69 -13.29 38.38
C GLY C 266 -9.01 -13.34 37.02
N ALA C 267 -8.07 -12.42 36.80
CA ALA C 267 -7.24 -12.36 35.61
C ALA C 267 -5.88 -12.99 35.87
N VAL C 268 -5.16 -13.34 34.79
CA VAL C 268 -3.84 -13.96 34.90
C VAL C 268 -2.80 -13.24 34.04
N THR C 269 -1.53 -13.30 34.46
CA THR C 269 -0.40 -12.84 33.64
C THR C 269 0.75 -13.84 33.74
N GLY C 270 1.71 -13.73 32.81
CA GLY C 270 2.86 -14.63 32.79
C GLY C 270 3.79 -14.47 33.97
N TYR C 271 3.69 -13.35 34.69
CA TYR C 271 4.56 -13.10 35.83
C TYR C 271 3.89 -13.42 37.17
N MET C 272 2.71 -14.02 37.12
CA MET C 272 1.93 -14.30 38.32
C MET C 272 2.70 -15.21 39.31
N ASP C 273 3.32 -16.27 38.79
CA ASP C 273 4.10 -17.20 39.60
C ASP C 273 5.28 -16.51 40.28
N GLY C 274 5.98 -15.65 39.52
CA GLY C 274 7.15 -14.92 40.04
C GLY C 274 6.82 -13.82 41.01
N ILE C 275 5.69 -13.14 40.78
CA ILE C 275 5.23 -12.09 41.66
C ILE C 275 4.82 -12.65 43.04
N LEU C 276 4.11 -13.77 43.05
CA LEU C 276 3.60 -14.37 44.29
C LEU C 276 4.56 -15.37 44.95
N ASN C 277 5.62 -15.75 44.24
CA ASN C 277 6.51 -16.85 44.64
C ASN C 277 5.73 -18.12 44.96
N PHE C 278 4.81 -18.44 44.05
CA PHE C 278 3.80 -19.47 44.24
C PHE C 278 3.45 -20.05 42.88
N PRO C 279 3.20 -21.37 42.81
CA PRO C 279 2.81 -21.95 41.53
C PRO C 279 1.34 -21.62 41.19
N ALA C 280 1.08 -20.35 40.92
CA ALA C 280 -0.27 -19.83 40.73
C ALA C 280 -0.95 -20.31 39.46
N LEU C 281 -0.23 -20.28 38.34
CA LEU C 281 -0.81 -20.66 37.04
C LEU C 281 -1.10 -22.15 36.94
N GLN C 282 -0.19 -22.98 37.46
CA GLN C 282 -0.46 -24.42 37.55
C GLN C 282 -1.64 -24.72 38.49
N THR C 283 -1.73 -24.02 39.61
CA THR C 283 -2.90 -24.15 40.53
C THR C 283 -4.23 -23.81 39.83
N MET C 284 -4.22 -22.73 39.05
CA MET C 284 -5.38 -22.32 38.25
C MET C 284 -5.77 -23.33 37.16
N PHE C 285 -4.79 -23.79 36.38
CA PHE C 285 -5.06 -24.50 35.13
C PHE C 285 -4.77 -26.01 35.11
N ALA C 286 -3.85 -26.50 35.95
CA ALA C 286 -3.43 -27.92 35.83
C ALA C 286 -4.56 -28.96 35.76
N PRO C 287 -5.58 -28.89 36.66
CA PRO C 287 -6.63 -29.93 36.63
C PRO C 287 -7.75 -29.67 35.62
N VAL C 288 -7.75 -28.50 35.01
CA VAL C 288 -8.79 -28.11 34.04
C VAL C 288 -8.76 -29.04 32.82
N ASP C 289 -9.92 -29.54 32.40
CA ASP C 289 -9.97 -30.40 31.20
C ASP C 289 -10.72 -29.82 29.99
N LEU C 290 -11.38 -28.68 30.17
CA LEU C 290 -12.10 -28.01 29.08
C LEU C 290 -12.03 -26.51 29.25
N VAL C 291 -11.54 -25.81 28.23
CA VAL C 291 -11.42 -24.36 28.24
C VAL C 291 -12.35 -23.79 27.18
N LEU C 292 -13.33 -23.01 27.63
CA LEU C 292 -14.24 -22.30 26.74
C LEU C 292 -13.82 -20.85 26.70
N THR C 293 -13.19 -20.46 25.60
CA THR C 293 -12.75 -19.08 25.45
C THR C 293 -13.90 -18.28 24.84
N VAL C 294 -14.65 -17.61 25.73
CA VAL C 294 -15.89 -16.93 25.38
C VAL C 294 -15.61 -15.49 24.97
N GLY C 295 -15.77 -15.20 23.69
CA GLY C 295 -15.37 -13.91 23.13
C GLY C 295 -13.86 -13.82 22.94
N TYR C 296 -13.23 -14.91 22.50
CA TYR C 296 -11.75 -14.96 22.42
C TYR C 296 -11.16 -13.94 21.45
N ASP C 297 -10.09 -13.27 21.90
CA ASP C 297 -9.32 -12.36 21.06
C ASP C 297 -7.84 -12.45 21.48
N TYR C 298 -6.99 -12.93 20.56
CA TYR C 298 -5.53 -13.03 20.76
C TYR C 298 -4.93 -11.70 21.22
N ALA C 299 -5.50 -10.61 20.73
CA ALA C 299 -5.01 -9.25 21.01
C ALA C 299 -5.16 -8.81 22.46
N GLU C 300 -6.01 -9.49 23.23
CA GLU C 300 -6.11 -9.24 24.68
C GLU C 300 -4.95 -9.86 25.47
N ASP C 301 -4.14 -10.65 24.76
CA ASP C 301 -2.90 -11.24 25.26
C ASP C 301 -3.04 -12.36 26.28
N LEU C 302 -4.21 -13.01 26.34
CA LEU C 302 -4.32 -14.29 27.02
C LEU C 302 -4.17 -15.31 25.92
N ARG C 303 -2.96 -15.86 25.82
CA ARG C 303 -2.59 -16.74 24.73
CA ARG C 303 -2.56 -16.73 24.73
C ARG C 303 -2.85 -18.18 25.11
N PRO C 304 -3.05 -19.07 24.11
CA PRO C 304 -3.25 -20.48 24.46
C PRO C 304 -2.18 -21.06 25.43
N SER C 305 -0.92 -20.64 25.27
CA SER C 305 0.16 -21.09 26.14
C SER C 305 -0.14 -20.87 27.63
N MET C 306 -0.93 -19.86 27.94
CA MET C 306 -1.32 -19.55 29.31
C MET C 306 -2.14 -20.68 29.99
N TRP C 307 -3.10 -21.26 29.26
CA TRP C 307 -3.95 -22.28 29.86
C TRP C 307 -3.39 -23.69 29.66
N GLN C 308 -2.39 -23.83 28.79
CA GLN C 308 -1.81 -25.14 28.49
C GLN C 308 -0.83 -25.57 29.58
N LYS C 309 -1.37 -25.82 30.77
CA LYS C 309 -0.63 -26.26 31.95
C LYS C 309 -1.25 -27.56 32.47
N GLY C 310 -0.42 -28.49 32.94
CA GLY C 310 -0.92 -29.73 33.53
C GLY C 310 -1.42 -30.71 32.49
N ILE C 311 -2.63 -31.22 32.68
CA ILE C 311 -3.22 -32.20 31.76
C ILE C 311 -3.61 -31.56 30.44
N GLU C 312 -3.80 -32.39 29.41
CA GLU C 312 -4.30 -31.95 28.12
C GLU C 312 -5.73 -31.42 28.25
N LYS C 313 -6.03 -30.35 27.52
CA LYS C 313 -7.35 -29.72 27.56
C LYS C 313 -8.05 -29.71 26.20
N LYS C 314 -9.37 -29.87 26.22
CA LYS C 314 -10.19 -29.56 25.07
C LYS C 314 -10.50 -28.07 25.10
N THR C 315 -10.67 -27.46 23.93
CA THR C 315 -10.95 -26.04 23.86
C THR C 315 -12.16 -25.78 22.99
N VAL C 316 -12.93 -24.76 23.37
CA VAL C 316 -14.02 -24.24 22.54
C VAL C 316 -13.79 -22.74 22.35
N ARG C 317 -13.68 -22.32 21.09
CA ARG C 317 -13.60 -20.90 20.76
C ARG C 317 -14.99 -20.40 20.41
N ILE C 318 -15.39 -19.29 21.01
CA ILE C 318 -16.60 -18.57 20.60
C ILE C 318 -16.21 -17.12 20.32
N SER C 319 -16.51 -16.64 19.11
CA SER C 319 -16.16 -15.29 18.67
C SER C 319 -17.03 -14.83 17.48
N PRO C 320 -17.42 -13.54 17.46
CA PRO C 320 -18.13 -13.04 16.27
C PRO C 320 -17.17 -12.77 15.10
N THR C 321 -16.11 -13.57 15.01
CA THR C 321 -15.09 -13.43 13.94
C THR C 321 -14.57 -14.82 13.56
N VAL C 322 -14.12 -14.96 12.32
CA VAL C 322 -13.38 -16.15 11.88
C VAL C 322 -11.97 -16.13 12.52
N ASN C 323 -11.47 -17.30 12.91
CA ASN C 323 -10.16 -17.42 13.57
C ASN C 323 -9.03 -16.82 12.73
N PRO C 324 -8.44 -15.69 13.19
CA PRO C 324 -7.33 -15.07 12.46
C PRO C 324 -5.98 -15.79 12.67
N ILE C 325 -5.89 -16.65 13.69
CA ILE C 325 -4.59 -17.22 14.12
C ILE C 325 -4.54 -18.76 14.22
N PRO C 326 -4.91 -19.47 13.14
CA PRO C 326 -4.85 -20.93 13.22
C PRO C 326 -3.43 -21.48 13.47
N ARG C 327 -2.38 -20.68 13.21
CA ARG C 327 -1.01 -21.10 13.52
C ARG C 327 -0.84 -21.32 15.03
N VAL C 328 -1.61 -20.58 15.81
CA VAL C 328 -1.46 -20.46 17.26
C VAL C 328 -2.60 -21.13 18.03
N TYR C 329 -3.82 -20.98 17.54
CA TYR C 329 -4.98 -21.50 18.25
C TYR C 329 -5.83 -22.32 17.29
N ARG C 330 -5.83 -23.63 17.54
CA ARG C 330 -6.68 -24.55 16.81
C ARG C 330 -7.68 -25.20 17.76
N PRO C 331 -8.82 -24.52 18.00
CA PRO C 331 -9.78 -25.01 18.99
C PRO C 331 -10.36 -26.36 18.56
N ASP C 332 -10.75 -27.18 19.52
CA ASP C 332 -11.39 -28.45 19.18
C ASP C 332 -12.75 -28.17 18.54
N VAL C 333 -13.42 -27.16 19.07
CA VAL C 333 -14.69 -26.69 18.54
C VAL C 333 -14.57 -25.18 18.34
N ASP C 334 -14.88 -24.71 17.13
CA ASP C 334 -14.87 -23.28 16.82
C ASP C 334 -16.30 -22.86 16.51
N VAL C 335 -16.86 -22.01 17.38
CA VAL C 335 -18.22 -21.50 17.21
C VAL C 335 -18.14 -20.04 16.80
N VAL C 336 -18.41 -19.77 15.52
CA VAL C 336 -18.35 -18.41 14.98
C VAL C 336 -19.75 -17.80 14.93
N THR C 337 -20.03 -16.92 15.89
CA THR C 337 -21.36 -16.37 16.06
C THR C 337 -21.32 -15.26 17.10
N ASP C 338 -22.46 -14.60 17.30
CA ASP C 338 -22.61 -13.61 18.35
C ASP C 338 -22.50 -14.28 19.72
N VAL C 339 -21.76 -13.67 20.64
CA VAL C 339 -21.54 -14.27 21.95
C VAL C 339 -22.84 -14.51 22.72
N LEU C 340 -23.73 -13.50 22.75
CA LEU C 340 -25.02 -13.66 23.42
C LEU C 340 -25.87 -14.77 22.80
N ALA C 341 -25.93 -14.77 21.47
CA ALA C 341 -26.64 -15.83 20.76
C ALA C 341 -26.08 -17.20 21.14
N PHE C 342 -24.75 -17.31 21.23
CA PHE C 342 -24.14 -18.56 21.66
C PHE C 342 -24.61 -18.96 23.06
N VAL C 343 -24.49 -18.05 24.02
CA VAL C 343 -24.79 -18.38 25.42
C VAL C 343 -26.26 -18.81 25.59
N GLU C 344 -27.16 -18.10 24.90
CA GLU C 344 -28.59 -18.41 24.94
C GLU C 344 -28.86 -19.80 24.38
N HIS C 345 -28.21 -20.13 23.28
CA HIS C 345 -28.30 -21.48 22.70
C HIS C 345 -27.69 -22.52 23.63
N PHE C 346 -26.54 -22.18 24.21
CA PHE C 346 -25.80 -23.07 25.09
C PHE C 346 -26.63 -23.41 26.35
N GLU C 347 -27.36 -22.41 26.85
CA GLU C 347 -28.28 -22.58 27.97
C GLU C 347 -29.34 -23.65 27.70
N THR C 348 -29.92 -23.62 26.51
CA THR C 348 -30.87 -24.65 26.08
C THR C 348 -30.20 -26.02 26.03
N ALA C 349 -29.06 -26.11 25.34
CA ALA C 349 -28.35 -27.37 25.16
C ALA C 349 -27.84 -28.00 26.45
N THR C 350 -27.67 -27.20 27.49
CA THR C 350 -27.10 -27.68 28.76
C THR C 350 -28.08 -27.61 29.92
N ALA C 351 -29.36 -27.43 29.60
CA ALA C 351 -30.41 -27.14 30.59
C ALA C 351 -30.55 -28.20 31.67
N SER C 352 -30.29 -29.45 31.31
CA SER C 352 -30.50 -30.58 32.20
C SER C 352 -29.21 -31.11 32.83
N PHE C 353 -28.09 -30.47 32.50
CA PHE C 353 -26.78 -30.87 33.04
C PHE C 353 -26.72 -30.63 34.55
N GLY C 354 -26.07 -31.54 35.27
CA GLY C 354 -25.80 -31.33 36.69
C GLY C 354 -24.63 -30.38 36.87
N ALA C 355 -24.67 -29.57 37.93
CA ALA C 355 -23.55 -28.68 38.27
C ALA C 355 -22.24 -29.44 38.43
N LYS C 356 -21.13 -28.75 38.21
CA LYS C 356 -19.81 -29.38 38.24
C LYS C 356 -19.15 -29.22 39.61
N GLN C 357 -18.16 -30.06 39.88
CA GLN C 357 -17.26 -29.82 41.02
C GLN C 357 -16.15 -28.91 40.53
N ARG C 358 -15.78 -27.95 41.36
CA ARG C 358 -14.68 -27.05 41.07
C ARG C 358 -13.42 -27.58 41.72
N HIS C 359 -12.28 -27.41 41.04
CA HIS C 359 -10.98 -27.77 41.62
C HIS C 359 -10.51 -26.72 42.64
N ASP C 360 -9.85 -27.20 43.67
CA ASP C 360 -9.42 -26.37 44.78
C ASP C 360 -8.34 -25.38 44.34
N ILE C 361 -8.62 -24.09 44.53
CA ILE C 361 -7.62 -23.02 44.34
C ILE C 361 -7.41 -22.24 45.63
N GLU C 362 -7.91 -22.79 46.73
CA GLU C 362 -7.81 -22.13 48.03
C GLU C 362 -6.38 -21.79 48.47
N PRO C 363 -5.40 -22.70 48.27
CA PRO C 363 -4.04 -22.31 48.65
C PRO C 363 -3.55 -21.06 47.90
N LEU C 364 -3.96 -20.91 46.64
CA LEU C 364 -3.66 -19.71 45.86
C LEU C 364 -4.37 -18.46 46.41
N ARG C 365 -5.67 -18.59 46.68
CA ARG C 365 -6.44 -17.51 47.29
C ARG C 365 -5.83 -17.05 48.61
N ALA C 366 -5.38 -18.01 49.41
CA ALA C 366 -4.75 -17.71 50.70
C ALA C 366 -3.45 -16.94 50.53
N ARG C 367 -2.65 -17.34 49.54
CA ARG C 367 -1.38 -16.66 49.24
C ARG C 367 -1.60 -15.22 48.79
N ILE C 368 -2.52 -15.01 47.86
CA ILE C 368 -2.85 -13.67 47.35
C ILE C 368 -3.31 -12.71 48.47
N ALA C 369 -4.17 -13.21 49.35
CA ALA C 369 -4.70 -12.43 50.46
C ALA C 369 -3.59 -12.05 51.44
N GLU C 370 -2.70 -12.99 51.71
CA GLU C 370 -1.53 -12.76 52.57
C GLU C 370 -0.60 -11.74 51.93
N PHE C 371 -0.36 -11.93 50.63
CA PHE C 371 0.51 -11.07 49.85
C PHE C 371 0.05 -9.61 49.88
N LEU C 372 -1.24 -9.40 49.60
CA LEU C 372 -1.82 -8.05 49.58
C LEU C 372 -1.86 -7.37 50.96
N ALA C 373 -1.89 -8.18 52.02
CA ALA C 373 -1.98 -7.66 53.39
C ALA C 373 -0.59 -7.39 54.00
N ASP C 374 0.46 -7.74 53.24
CA ASP C 374 1.87 -7.53 53.62
C ASP C 374 2.06 -6.28 54.50
N PRO C 375 2.33 -6.50 55.80
CA PRO C 375 2.34 -5.40 56.77
C PRO C 375 3.71 -4.73 56.92
N GLU C 376 4.75 -5.34 56.36
CA GLU C 376 6.11 -4.81 56.47
C GLU C 376 6.19 -3.37 55.99
N THR C 377 6.94 -2.55 56.72
CA THR C 377 7.26 -1.19 56.30
C THR C 377 8.68 -1.21 55.74
N TYR C 378 8.78 -1.16 54.42
CA TYR C 378 10.07 -1.23 53.72
C TYR C 378 10.82 0.11 53.79
N GLU C 379 12.15 0.04 53.73
CA GLU C 379 13.01 1.21 53.95
C GLU C 379 13.23 1.99 52.67
N ASP C 380 13.32 1.27 51.55
CA ASP C 380 13.60 1.85 50.24
C ASP C 380 12.35 1.96 49.35
N GLY C 381 11.28 2.52 49.91
CA GLY C 381 10.02 2.69 49.20
C GLY C 381 9.04 1.55 49.41
N MET C 382 7.77 1.81 49.10
CA MET C 382 6.73 0.77 49.15
C MET C 382 6.92 -0.31 48.09
N ARG C 383 6.22 -1.42 48.26
CA ARG C 383 6.16 -2.45 47.23
C ARG C 383 4.79 -2.36 46.56
N VAL C 384 4.73 -2.69 45.28
CA VAL C 384 3.53 -2.40 44.48
C VAL C 384 2.27 -3.10 44.99
N HIS C 385 2.41 -4.33 45.49
CA HIS C 385 1.25 -5.02 46.07
C HIS C 385 0.59 -4.23 47.20
N GLN C 386 1.40 -3.55 48.01
CA GLN C 386 0.88 -2.68 49.08
C GLN C 386 0.14 -1.48 48.53
N VAL C 387 0.64 -0.94 47.41
CA VAL C 387 0.03 0.22 46.74
C VAL C 387 -1.34 -0.13 46.18
N ILE C 388 -1.42 -1.26 45.47
CA ILE C 388 -2.70 -1.73 44.91
C ILE C 388 -3.69 -2.08 46.03
N ASP C 389 -3.21 -2.74 47.07
CA ASP C 389 -4.05 -3.08 48.20
C ASP C 389 -4.67 -1.82 48.81
N SER C 390 -3.88 -0.76 48.97
CA SER C 390 -4.37 0.51 49.50
C SER C 390 -5.42 1.14 48.58
N MET C 391 -5.16 1.11 47.27
CA MET C 391 -6.10 1.65 46.29
C MET C 391 -7.43 0.90 46.34
N ASN C 392 -7.37 -0.42 46.47
CA ASN C 392 -8.56 -1.27 46.59
C ASN C 392 -9.41 -0.89 47.80
N THR C 393 -8.74 -0.64 48.93
CA THR C 393 -9.40 -0.23 50.17
C THR C 393 -10.19 1.07 50.00
N VAL C 394 -9.51 2.13 49.56
CA VAL C 394 -10.16 3.43 49.42
C VAL C 394 -11.18 3.47 48.27
N MET C 395 -10.95 2.70 47.20
CA MET C 395 -11.96 2.56 46.13
C MET C 395 -13.25 1.92 46.64
N GLU C 396 -13.11 0.85 47.44
CA GLU C 396 -14.26 0.19 48.04
CA GLU C 396 -14.26 0.19 48.03
C GLU C 396 -15.04 1.17 48.92
N GLU C 397 -14.31 1.98 49.69
CA GLU C 397 -14.89 3.02 50.55
C GLU C 397 -15.60 4.10 49.73
N ALA C 398 -14.91 4.63 48.71
CA ALA C 398 -15.44 5.75 47.93
C ALA C 398 -16.57 5.40 46.95
N ALA C 399 -16.51 4.22 46.34
CA ALA C 399 -17.47 3.86 45.29
C ALA C 399 -18.73 3.19 45.85
N GLU C 400 -19.86 3.43 45.20
CA GLU C 400 -21.08 2.68 45.49
C GLU C 400 -20.88 1.23 45.05
N PRO C 401 -21.62 0.28 45.65
CA PRO C 401 -21.45 -1.11 45.19
C PRO C 401 -21.60 -1.19 43.68
N GLY C 402 -20.77 -2.01 43.03
CA GLY C 402 -20.81 -2.18 41.57
C GLY C 402 -20.35 -0.97 40.77
N GLU C 403 -19.73 0.00 41.43
CA GLU C 403 -19.26 1.21 40.72
C GLU C 403 -17.77 1.45 40.95
N GLY C 404 -17.24 2.50 40.31
CA GLY C 404 -15.81 2.84 40.41
C GLY C 404 -14.95 2.29 39.27
N THR C 405 -13.87 2.99 38.95
CA THR C 405 -12.92 2.55 37.93
C THR C 405 -11.48 2.71 38.42
N ILE C 406 -10.70 1.63 38.30
CA ILE C 406 -9.24 1.72 38.46
C ILE C 406 -8.56 1.58 37.09
N VAL C 407 -7.74 2.58 36.75
CA VAL C 407 -7.00 2.61 35.49
C VAL C 407 -5.51 2.29 35.73
N SER C 408 -4.91 1.47 34.87
CA SER C 408 -3.47 1.25 34.92
C SER C 408 -2.80 1.60 33.61
N ASP C 409 -1.71 2.37 33.73
CA ASP C 409 -0.79 2.60 32.63
C ASP C 409 0.06 1.33 32.47
N ILE C 410 1.13 1.43 31.70
CA ILE C 410 1.90 0.26 31.28
C ILE C 410 3.27 0.21 31.97
N GLY C 411 3.67 -0.99 32.38
CA GLY C 411 4.93 -1.20 33.07
C GLY C 411 4.88 -2.47 33.90
N PHE C 412 5.95 -2.75 34.66
CA PHE C 412 5.99 -3.92 35.53
C PHE C 412 4.85 -3.90 36.56
N PHE C 413 4.56 -2.70 37.07
CA PHE C 413 3.52 -2.48 38.07
C PHE C 413 2.13 -2.87 37.56
N ARG C 414 1.96 -2.88 36.24
CA ARG C 414 0.65 -3.12 35.61
C ARG C 414 0.19 -4.55 35.88
N HIS C 415 1.16 -5.46 36.00
CA HIS C 415 0.88 -6.85 36.36
C HIS C 415 0.14 -6.94 37.69
N TYR C 416 0.49 -6.06 38.61
CA TYR C 416 -0.13 -5.98 39.94
C TYR C 416 -1.56 -5.50 39.86
N GLY C 417 -1.79 -4.48 39.03
CA GLY C 417 -3.15 -4.03 38.68
C GLY C 417 -3.99 -5.15 38.10
N VAL C 418 -3.47 -5.85 37.10
CA VAL C 418 -4.20 -6.94 36.45
C VAL C 418 -4.59 -8.04 37.45
N LEU C 419 -3.62 -8.46 38.26
CA LEU C 419 -3.81 -9.58 39.17
C LEU C 419 -4.65 -9.24 40.41
N PHE C 420 -4.51 -8.02 40.91
CA PHE C 420 -4.99 -7.69 42.25
C PHE C 420 -5.99 -6.54 42.36
N ALA C 421 -6.05 -5.69 41.33
CA ALA C 421 -6.89 -4.51 41.40
C ALA C 421 -8.37 -4.85 41.40
N ARG C 422 -9.12 -4.08 42.19
CA ARG C 422 -10.57 -4.22 42.33
C ARG C 422 -11.31 -3.87 41.02
N ALA C 423 -12.24 -4.73 40.62
CA ALA C 423 -13.17 -4.46 39.53
C ALA C 423 -14.53 -5.04 39.87
N ASP C 424 -15.49 -4.17 40.17
CA ASP C 424 -16.81 -4.61 40.66
C ASP C 424 -17.91 -4.43 39.60
N GLN C 425 -17.48 -4.17 38.36
CA GLN C 425 -18.38 -4.02 37.22
C GLN C 425 -17.57 -4.22 35.93
N PRO C 426 -18.24 -4.58 34.82
CA PRO C 426 -17.53 -4.55 33.53
C PRO C 426 -16.81 -3.22 33.30
N PHE C 427 -15.57 -3.28 32.83
CA PHE C 427 -14.68 -2.12 32.65
C PHE C 427 -14.39 -1.37 33.96
N GLY C 428 -14.49 -2.10 35.08
CA GLY C 428 -14.14 -1.57 36.40
C GLY C 428 -12.64 -1.38 36.57
N PHE C 429 -11.86 -2.19 35.86
CA PHE C 429 -10.41 -2.01 35.77
C PHE C 429 -10.04 -1.83 34.31
N LEU C 430 -9.29 -0.77 34.01
CA LEU C 430 -8.88 -0.47 32.63
C LEU C 430 -7.37 -0.52 32.44
N THR C 431 -6.95 -1.14 31.34
CA THR C 431 -5.58 -0.99 30.86
C THR C 431 -5.54 -1.28 29.35
N SER C 432 -4.37 -1.19 28.75
CA SER C 432 -4.23 -1.47 27.31
C SER C 432 -3.55 -2.83 27.10
N ALA C 433 -4.35 -3.83 26.72
CA ALA C 433 -3.83 -5.20 26.53
C ALA C 433 -3.24 -5.45 25.14
N GLY C 434 -3.83 -4.81 24.13
CA GLY C 434 -3.42 -5.01 22.73
C GLY C 434 -2.25 -4.14 22.32
N CYS C 435 -2.41 -2.83 22.48
CA CYS C 435 -1.39 -1.88 22.03
C CYS C 435 -0.32 -1.65 23.11
N SER C 436 -0.76 -1.51 24.36
CA SER C 436 0.13 -1.25 25.52
C SER C 436 1.11 -0.11 25.30
N SER C 437 0.63 1.03 24.82
CA SER C 437 1.47 2.22 24.79
C SER C 437 1.63 2.79 26.20
N PHE C 438 2.85 3.06 26.63
CA PHE C 438 3.02 3.81 27.87
C PHE C 438 2.42 5.22 27.69
N GLY C 439 2.07 5.87 28.79
CA GLY C 439 1.33 7.14 28.73
C GLY C 439 -0.18 7.01 28.59
N TYR C 440 -0.65 5.77 28.45
CA TYR C 440 -2.08 5.44 28.30
C TYR C 440 -2.95 5.85 29.49
N GLY C 441 -2.35 5.91 30.68
CA GLY C 441 -3.10 6.14 31.92
C GLY C 441 -3.94 7.39 31.97
N ILE C 442 -3.32 8.57 31.77
CA ILE C 442 -4.05 9.84 31.79
C ILE C 442 -5.27 9.88 30.85
N PRO C 443 -5.08 9.68 29.52
CA PRO C 443 -6.26 9.72 28.65
C PRO C 443 -7.34 8.68 28.95
N ALA C 444 -6.94 7.49 29.40
CA ALA C 444 -7.89 6.47 29.83
C ALA C 444 -8.71 6.91 31.06
N ALA C 445 -8.05 7.58 32.00
CA ALA C 445 -8.72 8.11 33.20
C ALA C 445 -9.66 9.27 32.84
N ILE C 446 -9.23 10.11 31.89
CA ILE C 446 -10.11 11.15 31.34
C ILE C 446 -11.38 10.53 30.75
N GLY C 447 -11.21 9.53 29.88
CA GLY C 447 -12.34 8.81 29.28
C GLY C 447 -13.24 8.14 30.31
N ALA C 448 -12.61 7.47 31.28
CA ALA C 448 -13.35 6.78 32.34
C ALA C 448 -14.21 7.76 33.16
N GLN C 449 -13.60 8.89 33.56
CA GLN C 449 -14.28 9.89 34.39
C GLN C 449 -15.39 10.60 33.62
N MET C 450 -15.17 10.86 32.33
CA MET C 450 -16.20 11.45 31.49
C MET C 450 -17.36 10.48 31.25
N ALA C 451 -17.05 9.19 31.16
CA ALA C 451 -18.08 8.15 30.99
C ALA C 451 -18.89 7.92 32.26
N ARG C 452 -18.24 8.09 33.41
CA ARG C 452 -18.83 7.78 34.71
C ARG C 452 -18.65 8.98 35.65
N PRO C 453 -19.31 10.11 35.34
CA PRO C 453 -19.01 11.38 36.03
C PRO C 453 -19.27 11.36 37.55
N ASP C 454 -20.12 10.47 38.01
CA ASP C 454 -20.43 10.41 39.45
C ASP C 454 -19.72 9.26 40.19
N GLN C 455 -18.75 8.62 39.54
CA GLN C 455 -18.01 7.51 40.12
C GLN C 455 -16.55 7.88 40.35
N PRO C 456 -15.91 7.30 41.40
CA PRO C 456 -14.49 7.56 41.62
C PRO C 456 -13.65 6.92 40.50
N THR C 457 -12.58 7.60 40.13
CA THR C 457 -11.67 7.12 39.09
C THR C 457 -10.25 7.24 39.62
N PHE C 458 -9.59 6.09 39.79
CA PHE C 458 -8.20 6.05 40.27
C PHE C 458 -7.29 5.64 39.14
N LEU C 459 -6.12 6.26 39.04
CA LEU C 459 -5.11 5.87 38.08
C LEU C 459 -3.80 5.47 38.78
N ILE C 460 -3.25 4.32 38.40
CA ILE C 460 -1.86 4.02 38.74
C ILE C 460 -0.97 4.03 37.48
N ALA C 461 0.19 4.67 37.59
CA ALA C 461 1.14 4.77 36.49
C ALA C 461 2.54 4.79 37.05
N GLY C 462 3.50 4.25 36.29
CA GLY C 462 4.92 4.27 36.66
C GLY C 462 5.52 5.56 36.14
N ASP C 463 6.70 5.90 36.65
CA ASP C 463 7.37 7.16 36.28
C ASP C 463 7.77 7.24 34.80
N GLY C 464 8.12 6.11 34.20
CA GLY C 464 8.50 6.06 32.79
C GLY C 464 7.34 6.37 31.86
N GLY C 465 6.27 5.59 31.99
CA GLY C 465 5.07 5.78 31.18
C GLY C 465 4.32 7.05 31.54
N PHE C 466 4.17 7.33 32.83
CA PHE C 466 3.48 8.54 33.24
C PHE C 466 4.10 9.79 32.64
N HIS C 467 5.42 9.93 32.75
CA HIS C 467 6.11 11.14 32.29
C HIS C 467 6.16 11.26 30.75
N SER C 468 5.96 10.15 30.05
CA SER C 468 5.94 10.15 28.60
C SER C 468 4.75 10.94 28.04
N ASN C 469 3.74 11.12 28.89
CA ASN C 469 2.49 11.78 28.52
C ASN C 469 1.90 12.56 29.71
N SER C 470 2.78 13.11 30.56
CA SER C 470 2.38 13.80 31.79
C SER C 470 1.81 15.22 31.58
N SER C 471 2.05 15.81 30.42
CA SER C 471 1.60 17.19 30.13
C SER C 471 0.08 17.33 30.11
N ASP C 472 -0.63 16.24 29.85
CA ASP C 472 -2.08 16.27 29.91
C ASP C 472 -2.68 16.29 31.33
N LEU C 473 -1.82 16.39 32.34
CA LEU C 473 -2.27 16.81 33.68
C LEU C 473 -3.03 18.14 33.62
N GLU C 474 -2.55 19.07 32.78
CA GLU C 474 -3.20 20.37 32.61
C GLU C 474 -4.64 20.22 32.12
N THR C 475 -4.88 19.24 31.24
CA THR C 475 -6.20 18.94 30.73
C THR C 475 -7.11 18.40 31.84
N ILE C 476 -6.56 17.53 32.68
CA ILE C 476 -7.32 17.01 33.82
C ILE C 476 -7.75 18.18 34.72
N ALA C 477 -6.82 19.09 35.00
CA ALA C 477 -7.09 20.31 35.76
C ALA C 477 -8.16 21.17 35.09
N ARG C 478 -7.95 21.48 33.81
CA ARG C 478 -8.85 22.34 33.01
C ARG C 478 -10.28 21.82 32.93
N LEU C 479 -10.44 20.51 32.79
CA LEU C 479 -11.77 19.92 32.74
C LEU C 479 -12.33 19.65 34.14
N ASN C 480 -11.51 19.90 35.17
CA ASN C 480 -11.81 19.58 36.56
C ASN C 480 -12.37 18.17 36.77
N LEU C 481 -11.65 17.18 36.23
CA LEU C 481 -12.03 15.80 36.40
C LEU C 481 -11.35 15.28 37.65
N PRO C 482 -12.14 14.90 38.67
CA PRO C 482 -11.64 14.58 40.01
C PRO C 482 -10.92 13.22 40.07
N ILE C 483 -10.01 13.00 39.13
CA ILE C 483 -9.22 11.77 39.04
C ILE C 483 -8.16 11.78 40.13
N VAL C 484 -7.97 10.64 40.80
CA VAL C 484 -6.87 10.47 41.75
C VAL C 484 -5.77 9.60 41.12
N THR C 485 -4.60 10.21 40.92
CA THR C 485 -3.47 9.56 40.27
C THR C 485 -2.42 9.13 41.31
N VAL C 486 -1.98 7.88 41.22
CA VAL C 486 -0.82 7.40 41.97
C VAL C 486 0.32 7.11 40.98
N VAL C 487 1.44 7.79 41.16
CA VAL C 487 2.64 7.56 40.36
C VAL C 487 3.62 6.74 41.16
N VAL C 488 3.87 5.50 40.74
CA VAL C 488 4.85 4.66 41.40
C VAL C 488 6.21 4.89 40.75
N ASN C 489 7.13 5.48 41.51
CA ASN C 489 8.37 6.01 40.96
C ASN C 489 9.60 5.23 41.42
N ASN C 490 10.35 4.70 40.46
CA ASN C 490 11.64 4.08 40.75
C ASN C 490 12.77 4.58 39.84
N ASP C 491 12.56 5.74 39.22
CA ASP C 491 13.54 6.38 38.32
C ASP C 491 14.03 5.46 37.19
N THR C 492 13.15 4.61 36.68
CA THR C 492 13.55 3.57 35.72
C THR C 492 12.36 3.14 34.86
N ASN C 493 12.67 2.72 33.63
CA ASN C 493 11.75 1.89 32.85
C ASN C 493 11.97 0.47 33.37
N GLY C 494 11.27 0.15 34.46
CA GLY C 494 11.57 -1.04 35.26
C GLY C 494 11.37 -2.36 34.54
N LEU C 495 10.22 -2.49 33.86
CA LEU C 495 9.92 -3.69 33.09
C LEU C 495 11.03 -3.95 32.08
N ILE C 496 11.59 -2.87 31.52
CA ILE C 496 12.63 -2.99 30.51
C ILE C 496 13.95 -3.46 31.12
N GLU C 497 14.26 -2.99 32.34
CA GLU C 497 15.41 -3.51 33.08
C GLU C 497 15.23 -5.01 33.37
N LEU C 498 14.02 -5.41 33.74
CA LEU C 498 13.70 -6.84 33.89
C LEU C 498 13.99 -7.61 32.60
N TYR C 499 13.58 -7.07 31.45
CA TYR C 499 13.87 -7.70 30.15
C TYR C 499 15.36 -7.84 29.86
N GLN C 500 16.13 -6.81 30.20
CA GLN C 500 17.60 -6.87 30.10
C GLN C 500 18.16 -8.08 30.86
N ASN C 501 17.71 -8.24 32.10
CA ASN C 501 18.14 -9.34 32.97
C ASN C 501 17.70 -10.73 32.52
N ILE C 502 16.49 -10.84 31.97
CA ILE C 502 16.02 -12.12 31.43
C ILE C 502 16.88 -12.53 30.23
N GLY C 503 17.13 -11.59 29.32
CA GLY C 503 17.81 -11.88 28.06
C GLY C 503 19.32 -11.89 28.12
N HIS C 504 19.90 -11.10 29.03
CA HIS C 504 21.35 -10.90 29.08
C HIS C 504 22.00 -11.23 30.42
N HIS C 505 21.17 -11.52 31.42
CA HIS C 505 21.62 -11.76 32.80
C HIS C 505 22.33 -10.57 33.45
N ARG C 506 22.04 -9.37 32.95
CA ARG C 506 22.56 -8.11 33.50
C ARG C 506 21.80 -6.89 32.98
N SER C 507 22.03 -5.75 33.63
CA SER C 507 21.41 -4.47 33.27
C SER C 507 22.32 -3.63 32.39
N HIS C 508 21.73 -2.67 31.70
CA HIS C 508 22.49 -1.63 31.04
C HIS C 508 21.74 -0.31 31.21
N ASP C 509 22.22 0.50 32.16
CA ASP C 509 21.52 1.71 32.62
C ASP C 509 21.23 2.80 31.57
N PRO C 510 22.17 3.05 30.63
CA PRO C 510 21.85 4.06 29.59
C PRO C 510 20.54 3.80 28.83
N ALA C 511 20.07 2.55 28.82
CA ALA C 511 18.87 2.18 28.07
C ALA C 511 17.59 2.17 28.90
N VAL C 512 17.72 2.36 30.23
CA VAL C 512 16.57 2.25 31.15
C VAL C 512 16.46 3.31 32.26
N LYS C 513 17.59 3.87 32.72
CA LYS C 513 17.59 4.71 33.92
C LYS C 513 17.35 6.20 33.65
N PHE C 514 16.55 6.81 34.52
CA PHE C 514 16.31 8.25 34.50
C PHE C 514 16.95 8.95 35.69
N GLY C 515 17.02 10.28 35.63
CA GLY C 515 17.29 11.12 36.78
C GLY C 515 16.00 11.37 37.55
N GLY C 516 16.07 12.19 38.59
CA GLY C 516 14.91 12.45 39.44
C GLY C 516 13.88 13.38 38.81
N VAL C 517 12.61 12.96 38.85
CA VAL C 517 11.50 13.85 38.53
C VAL C 517 10.65 13.95 39.79
N ASP C 518 10.37 15.19 40.20
CA ASP C 518 9.47 15.46 41.31
C ASP C 518 8.06 15.54 40.78
N PHE C 519 7.31 14.44 40.90
CA PHE C 519 5.97 14.37 40.32
C PHE C 519 4.92 15.14 41.12
N VAL C 520 5.20 15.37 42.40
CA VAL C 520 4.39 16.28 43.21
C VAL C 520 4.49 17.71 42.67
N ALA C 521 5.71 18.21 42.49
CA ALA C 521 5.91 19.55 41.94
C ALA C 521 5.45 19.64 40.48
N LEU C 522 5.57 18.53 39.76
CA LEU C 522 5.11 18.46 38.37
C LEU C 522 3.59 18.68 38.32
N ALA C 523 2.85 17.91 39.13
CA ALA C 523 1.40 18.02 39.21
C ALA C 523 0.96 19.44 39.57
N GLU C 524 1.58 20.01 40.61
CA GLU C 524 1.23 21.37 41.04
C GLU C 524 1.53 22.46 40.00
N ALA C 525 2.55 22.23 39.17
CA ALA C 525 2.89 23.15 38.08
C ALA C 525 1.79 23.17 37.01
N ASN C 526 1.03 22.08 36.94
CA ASN C 526 -0.11 21.93 36.03
C ASN C 526 -1.44 22.32 36.68
N GLY C 527 -1.40 22.73 37.95
CA GLY C 527 -2.59 23.10 38.71
C GLY C 527 -3.32 21.91 39.28
N VAL C 528 -2.58 20.83 39.56
CA VAL C 528 -3.13 19.67 40.23
C VAL C 528 -2.45 19.53 41.59
N ASP C 529 -3.24 19.54 42.65
CA ASP C 529 -2.71 19.36 44.01
C ASP C 529 -2.13 17.96 44.16
N ALA C 530 -1.04 17.87 44.91
CA ALA C 530 -0.32 16.61 45.03
C ALA C 530 0.37 16.44 46.38
N THR C 531 0.70 15.19 46.70
CA THR C 531 1.44 14.85 47.89
C THR C 531 2.28 13.60 47.64
N ARG C 532 3.28 13.40 48.49
CA ARG C 532 4.11 12.22 48.47
C ARG C 532 3.74 11.29 49.62
N ALA C 533 3.56 10.00 49.32
CA ALA C 533 3.22 8.99 50.31
C ALA C 533 4.27 7.89 50.28
N THR C 534 4.82 7.55 51.44
CA THR C 534 5.98 6.65 51.51
C THR C 534 5.68 5.31 52.21
N ASN C 535 4.45 5.17 52.72
CA ASN C 535 4.02 3.93 53.36
C ASN C 535 2.49 3.79 53.36
N ARG C 536 1.97 2.64 53.78
CA ARG C 536 0.52 2.36 53.78
C ARG C 536 -0.30 3.44 54.48
N GLU C 537 0.20 3.90 55.62
CA GLU C 537 -0.48 4.91 56.42
C GLU C 537 -0.60 6.23 55.66
N GLU C 538 0.53 6.71 55.13
CA GLU C 538 0.55 7.95 54.33
C GLU C 538 -0.24 7.83 53.01
N LEU C 539 -0.18 6.65 52.39
CA LEU C 539 -0.90 6.39 51.15
C LEU C 539 -2.42 6.35 51.37
N LEU C 540 -2.88 5.56 52.34
CA LEU C 540 -4.31 5.49 52.63
C LEU C 540 -4.91 6.88 52.89
N ALA C 541 -4.16 7.73 53.61
CA ALA C 541 -4.59 9.08 53.94
C ALA C 541 -4.65 9.96 52.70
N ALA C 542 -3.61 9.88 51.88
CA ALA C 542 -3.56 10.61 50.61
C ALA C 542 -4.71 10.22 49.66
N LEU C 543 -4.97 8.91 49.54
CA LEU C 543 -6.08 8.41 48.71
C LEU C 543 -7.45 8.87 49.21
N ARG C 544 -7.68 8.79 50.51
CA ARG C 544 -8.94 9.25 51.10
C ARG C 544 -9.17 10.75 50.90
N LYS C 545 -8.10 11.54 51.05
CA LYS C 545 -8.16 12.98 50.78
C LYS C 545 -8.50 13.25 49.31
N GLY C 546 -7.83 12.57 48.40
CA GLY C 546 -8.06 12.73 46.97
C GLY C 546 -9.46 12.35 46.56
N ALA C 547 -9.95 11.24 47.09
CA ALA C 547 -11.26 10.69 46.74
C ALA C 547 -12.40 11.63 47.13
N GLU C 548 -12.16 12.48 48.12
CA GLU C 548 -13.16 13.40 48.64
C GLU C 548 -12.88 14.87 48.30
N LEU C 549 -11.84 15.12 47.49
CA LEU C 549 -11.39 16.48 47.19
C LEU C 549 -12.29 17.28 46.24
N GLY C 550 -13.02 16.58 45.35
CA GLY C 550 -13.81 17.27 44.33
C GLY C 550 -12.98 17.96 43.26
N ARG C 551 -11.67 17.68 43.26
CA ARG C 551 -10.70 18.15 42.28
C ARG C 551 -9.77 16.99 41.98
N PRO C 552 -9.00 17.05 40.86
CA PRO C 552 -7.93 16.06 40.65
C PRO C 552 -6.84 16.09 41.73
N PHE C 553 -6.28 14.92 42.04
CA PHE C 553 -5.22 14.80 43.04
C PHE C 553 -4.17 13.83 42.52
N LEU C 554 -2.91 14.11 42.80
CA LEU C 554 -1.82 13.23 42.41
C LEU C 554 -0.96 12.83 43.61
N ILE C 555 -0.63 11.55 43.69
CA ILE C 555 0.15 11.03 44.79
C ILE C 555 1.40 10.34 44.24
N GLU C 556 2.58 10.83 44.61
CA GLU C 556 3.81 10.12 44.28
C GLU C 556 4.19 9.11 45.36
N VAL C 557 4.54 7.91 44.92
CA VAL C 557 4.94 6.86 45.83
C VAL C 557 6.28 6.28 45.35
N PRO C 558 7.34 6.43 46.18
CA PRO C 558 8.59 5.75 45.89
C PRO C 558 8.37 4.25 45.99
N VAL C 559 8.80 3.51 44.97
CA VAL C 559 8.72 2.06 45.00
C VAL C 559 10.06 1.43 44.62
N ASN C 560 10.17 0.14 44.87
CA ASN C 560 11.31 -0.63 44.45
C ASN C 560 10.90 -2.01 43.95
N TYR C 561 11.61 -2.48 42.92
CA TYR C 561 11.47 -3.86 42.46
C TYR C 561 12.79 -4.61 42.70
N LYS D 11 27.89 -16.04 21.50
CA LYS D 11 28.18 -15.67 20.08
C LYS D 11 27.43 -14.40 19.70
N PRO D 12 28.11 -13.47 18.98
CA PRO D 12 27.50 -12.20 18.55
C PRO D 12 26.24 -12.40 17.71
N THR D 13 25.24 -11.56 17.96
CA THR D 13 23.94 -11.66 17.30
C THR D 13 23.72 -10.56 16.26
N ALA D 14 22.55 -10.57 15.63
CA ALA D 14 22.16 -9.49 14.71
C ALA D 14 22.19 -8.11 15.39
N ALA D 15 22.00 -8.08 16.71
CA ALA D 15 22.07 -6.84 17.50
C ALA D 15 23.49 -6.26 17.45
N HIS D 16 24.48 -7.13 17.63
CA HIS D 16 25.89 -6.77 17.49
C HIS D 16 26.19 -6.31 16.07
N ALA D 17 25.75 -7.09 15.08
CA ALA D 17 25.99 -6.78 13.67
C ALA D 17 25.37 -5.44 13.28
N LEU D 18 24.18 -5.17 13.81
CA LEU D 18 23.47 -3.91 13.59
C LEU D 18 24.25 -2.70 14.11
N LEU D 19 24.62 -2.75 15.39
CA LEU D 19 25.37 -1.66 16.02
C LEU D 19 26.76 -1.48 15.40
N SER D 20 27.40 -2.59 15.05
CA SER D 20 28.69 -2.56 14.38
C SER D 20 28.62 -1.88 13.01
N ARG D 21 27.54 -2.13 12.26
CA ARG D 21 27.40 -1.52 10.94
C ARG D 21 27.05 -0.03 11.03
N LEU D 22 26.26 0.35 12.01
CA LEU D 22 25.97 1.78 12.23
C LEU D 22 27.28 2.50 12.55
N ARG D 23 28.10 1.88 13.41
CA ARG D 23 29.42 2.42 13.73
C ARG D 23 30.34 2.53 12.51
N ASP D 24 30.28 1.55 11.60
CA ASP D 24 31.04 1.63 10.33
C ASP D 24 30.64 2.88 9.51
N HIS D 25 29.37 3.28 9.62
CA HIS D 25 28.87 4.48 8.93
C HIS D 25 29.04 5.76 9.76
N GLY D 26 29.83 5.68 10.83
CA GLY D 26 30.20 6.86 11.64
C GLY D 26 29.27 7.23 12.78
N VAL D 27 28.26 6.41 13.02
CA VAL D 27 27.25 6.68 14.03
C VAL D 27 27.82 6.40 15.42
N GLY D 28 27.73 7.38 16.32
CA GLY D 28 28.21 7.22 17.70
C GLY D 28 27.10 7.24 18.74
N LYS D 29 25.90 7.62 18.32
CA LYS D 29 24.73 7.74 19.22
C LYS D 29 23.49 7.06 18.62
N VAL D 30 22.71 6.40 19.46
CA VAL D 30 21.38 5.91 19.07
C VAL D 30 20.37 6.52 20.03
N PHE D 31 19.50 7.37 19.53
CA PHE D 31 18.47 8.02 20.34
C PHE D 31 17.23 7.14 20.37
N GLY D 32 16.58 7.04 21.52
CA GLY D 32 15.32 6.30 21.55
C GLY D 32 14.78 5.88 22.89
N VAL D 33 13.80 4.99 22.82
CA VAL D 33 13.20 4.37 23.98
C VAL D 33 13.16 2.89 23.69
N VAL D 34 13.69 2.08 24.60
CA VAL D 34 13.78 0.62 24.40
C VAL D 34 12.62 -0.08 25.09
N GLY D 35 12.05 -1.08 24.42
CA GLY D 35 10.98 -1.91 24.97
C GLY D 35 11.45 -3.30 25.32
N ARG D 36 10.58 -4.28 25.14
CA ARG D 36 10.89 -5.66 25.53
C ARG D 36 11.97 -6.32 24.63
N GLU D 37 12.30 -5.66 23.52
CA GLU D 37 13.43 -6.06 22.69
C GLU D 37 14.75 -5.91 23.45
N ALA D 38 14.70 -5.34 24.65
CA ALA D 38 15.90 -5.27 25.50
C ALA D 38 16.46 -6.67 25.83
N ALA D 39 15.60 -7.68 25.78
CA ALA D 39 16.02 -9.07 25.93
C ALA D 39 16.89 -9.56 24.77
N SER D 40 16.92 -8.79 23.68
CA SER D 40 17.65 -9.16 22.47
C SER D 40 18.79 -8.19 22.17
N ILE D 41 18.73 -6.98 22.73
CA ILE D 41 19.74 -5.95 22.49
C ILE D 41 19.95 -5.10 23.76
N LEU D 42 21.18 -5.08 24.26
CA LEU D 42 21.52 -4.30 25.46
C LEU D 42 21.90 -2.87 25.15
N PHE D 43 22.65 -2.70 24.06
CA PHE D 43 23.26 -1.44 23.61
C PHE D 43 24.65 -1.18 24.21
N ASP D 44 25.26 -2.23 24.73
CA ASP D 44 26.67 -2.20 25.12
C ASP D 44 27.50 -3.15 24.26
N GLU D 45 26.88 -3.71 23.22
CA GLU D 45 27.53 -4.67 22.33
C GLU D 45 28.78 -4.12 21.65
N VAL D 46 28.73 -2.84 21.27
CA VAL D 46 29.78 -2.28 20.43
C VAL D 46 30.34 -1.00 21.05
N GLU D 47 31.65 -0.99 21.28
CA GLU D 47 32.33 0.20 21.80
C GLU D 47 32.25 1.34 20.78
N GLY D 48 32.03 2.55 21.26
CA GLY D 48 31.98 3.72 20.39
C GLY D 48 30.58 4.16 19.99
N ILE D 49 29.58 3.39 20.39
CA ILE D 49 28.19 3.74 20.09
C ILE D 49 27.35 3.63 21.37
N ASP D 50 26.79 4.77 21.77
CA ASP D 50 26.07 4.93 23.04
C ASP D 50 24.58 5.17 22.82
N PHE D 51 23.75 4.54 23.63
CA PHE D 51 22.31 4.80 23.62
C PHE D 51 22.00 6.10 24.37
N VAL D 52 21.12 6.91 23.77
CA VAL D 52 20.64 8.12 24.40
C VAL D 52 19.13 7.98 24.67
N LEU D 53 18.77 7.79 25.93
CA LEU D 53 17.39 7.53 26.34
C LEU D 53 16.59 8.83 26.47
N THR D 54 15.45 8.87 25.77
CA THR D 54 14.54 10.01 25.83
C THR D 54 13.27 9.60 26.57
N ARG D 55 12.40 10.58 26.86
CA ARG D 55 11.12 10.32 27.51
C ARG D 55 10.00 9.94 26.53
N HIS D 56 10.20 10.29 25.26
CA HIS D 56 9.24 10.01 24.20
C HIS D 56 10.02 9.79 22.90
N GLU D 57 9.53 8.91 22.03
CA GLU D 57 10.21 8.56 20.78
C GLU D 57 10.30 9.69 19.77
N PHE D 58 9.31 10.60 19.78
CA PHE D 58 9.36 11.78 18.92
C PHE D 58 10.65 12.55 19.14
N THR D 59 11.01 12.77 20.40
CA THR D 59 12.26 13.46 20.77
C THR D 59 13.50 12.76 20.18
N ALA D 60 13.54 11.43 20.27
CA ALA D 60 14.62 10.62 19.71
C ALA D 60 14.76 10.81 18.20
N GLY D 61 13.63 10.72 17.49
CA GLY D 61 13.62 10.88 16.04
C GLY D 61 14.10 12.25 15.60
N VAL D 62 13.60 13.30 16.24
CA VAL D 62 13.97 14.68 15.90
C VAL D 62 15.42 15.03 16.29
N ALA D 63 15.90 14.53 17.44
CA ALA D 63 17.30 14.73 17.82
C ALA D 63 18.24 14.12 16.79
N ALA D 64 17.91 12.93 16.29
CA ALA D 64 18.66 12.29 15.20
C ALA D 64 18.61 13.10 13.91
N ASP D 65 17.40 13.57 13.56
CA ASP D 65 17.19 14.44 12.39
C ASP D 65 18.10 15.68 12.42
N VAL D 66 18.10 16.38 13.54
CA VAL D 66 18.90 17.61 13.69
C VAL D 66 20.42 17.33 13.77
N LEU D 67 20.81 16.31 14.52
CA LEU D 67 22.21 15.89 14.53
C LEU D 67 22.69 15.56 13.10
N ALA D 68 21.85 14.88 12.32
CA ALA D 68 22.17 14.55 10.93
C ALA D 68 22.29 15.80 10.05
N ARG D 69 21.41 16.77 10.25
CA ARG D 69 21.43 18.02 9.48
C ARG D 69 22.73 18.79 9.70
N ILE D 70 23.09 19.00 10.96
CA ILE D 70 24.30 19.75 11.28
C ILE D 70 25.59 18.99 10.95
N THR D 71 25.66 17.71 11.29
CA THR D 71 26.88 16.93 10.97
C THR D 71 27.02 16.59 9.49
N GLY D 72 25.90 16.47 8.79
CA GLY D 72 25.90 16.01 7.40
C GLY D 72 26.18 14.52 7.29
N ARG D 73 26.00 13.79 8.39
CA ARG D 73 26.22 12.34 8.41
C ARG D 73 24.96 11.62 8.90
N PRO D 74 24.73 10.37 8.44
CA PRO D 74 23.59 9.59 8.90
C PRO D 74 23.58 9.43 10.41
N GLN D 75 22.39 9.53 11.01
CA GLN D 75 22.21 9.34 12.45
C GLN D 75 21.10 8.32 12.68
N ALA D 76 20.87 7.95 13.93
CA ALA D 76 20.03 6.79 14.20
C ALA D 76 19.11 6.98 15.38
N CYS D 77 17.90 6.42 15.26
CA CYS D 77 16.95 6.43 16.36
C CYS D 77 16.32 5.05 16.48
N TRP D 78 15.69 4.82 17.63
CA TRP D 78 15.23 3.49 18.02
C TRP D 78 13.88 3.56 18.72
N ALA D 79 12.99 2.61 18.41
CA ALA D 79 11.74 2.49 19.15
C ALA D 79 11.34 1.03 19.31
N THR D 80 10.43 0.76 20.23
CA THR D 80 9.94 -0.60 20.40
C THR D 80 8.85 -0.92 19.36
N LEU D 81 8.27 -2.12 19.46
CA LEU D 81 7.20 -2.50 18.55
C LEU D 81 5.93 -1.68 18.75
N GLY D 82 5.02 -1.75 17.77
CA GLY D 82 3.68 -1.18 17.91
C GLY D 82 3.69 0.32 18.16
N PRO D 83 3.25 0.74 19.36
CA PRO D 83 3.16 2.16 19.70
C PRO D 83 4.52 2.86 19.82
N GLY D 84 5.59 2.10 20.01
CA GLY D 84 6.94 2.68 19.97
C GLY D 84 7.21 3.21 18.56
N MET D 85 6.98 2.34 17.59
CA MET D 85 7.15 2.68 16.18
C MET D 85 6.22 3.82 15.76
N THR D 86 4.95 3.82 16.19
CA THR D 86 4.05 4.92 15.80
C THR D 86 4.45 6.26 16.42
N ASN D 87 4.93 6.23 17.66
CA ASN D 87 5.47 7.44 18.29
C ASN D 87 6.69 7.99 17.56
N LEU D 88 7.60 7.09 17.18
CA LEU D 88 8.79 7.44 16.40
C LEU D 88 8.41 8.03 15.03
N SER D 89 7.28 7.60 14.47
CA SER D 89 6.89 7.99 13.12
C SER D 89 6.75 9.52 12.91
N THR D 90 6.45 10.25 13.99
CA THR D 90 6.38 11.72 13.89
C THR D 90 7.79 12.31 13.74
N GLY D 91 8.77 11.65 14.37
CA GLY D 91 10.18 11.94 14.11
C GLY D 91 10.60 11.56 12.70
N ILE D 92 10.11 10.42 12.22
CA ILE D 92 10.40 9.95 10.85
C ILE D 92 9.80 10.92 9.81
N ALA D 93 8.58 11.36 10.07
CA ALA D 93 7.89 12.34 9.24
C ALA D 93 8.63 13.68 9.23
N THR D 94 9.22 14.04 10.38
CA THR D 94 10.06 15.24 10.49
C THR D 94 11.25 15.12 9.53
N SER D 95 11.91 13.97 9.56
CA SER D 95 13.05 13.72 8.69
C SER D 95 12.67 13.69 7.20
N VAL D 96 11.53 13.09 6.85
CA VAL D 96 11.17 12.97 5.43
C VAL D 96 10.83 14.34 4.82
N LEU D 97 10.11 15.15 5.58
CA LEU D 97 9.72 16.48 5.10
C LEU D 97 10.80 17.54 5.24
N ASP D 98 11.57 17.50 6.34
CA ASP D 98 12.61 18.52 6.59
C ASP D 98 13.92 18.16 5.90
N ARG D 99 14.06 16.89 5.51
CA ARG D 99 15.22 16.37 4.75
C ARG D 99 16.48 16.17 5.61
N SER D 100 16.64 14.96 6.15
CA SER D 100 17.84 14.61 6.88
C SER D 100 18.02 13.09 6.79
N PRO D 101 19.28 12.63 6.66
CA PRO D 101 19.58 11.20 6.57
C PRO D 101 19.47 10.47 7.92
N VAL D 102 18.27 10.01 8.26
CA VAL D 102 18.06 9.29 9.52
C VAL D 102 17.82 7.80 9.27
N ILE D 103 18.49 6.97 10.06
CA ILE D 103 18.23 5.53 10.08
C ILE D 103 17.33 5.24 11.28
N ALA D 104 16.09 4.86 10.99
CA ALA D 104 15.09 4.64 12.03
C ALA D 104 14.89 3.14 12.21
N LEU D 105 14.99 2.70 13.46
CA LEU D 105 14.98 1.28 13.79
C LEU D 105 13.87 1.03 14.79
N ALA D 106 13.07 -0.01 14.56
CA ALA D 106 12.04 -0.39 15.52
C ALA D 106 11.89 -1.89 15.62
N ALA D 107 11.71 -2.36 16.85
CA ALA D 107 11.45 -3.76 17.10
C ALA D 107 10.10 -4.19 16.54
N GLN D 108 9.93 -5.49 16.42
CA GLN D 108 8.70 -6.06 15.92
C GLN D 108 8.51 -7.39 16.64
N SER D 109 7.27 -7.90 16.64
CA SER D 109 6.95 -9.21 17.17
C SER D 109 7.86 -10.31 16.62
N GLU D 110 8.01 -11.38 17.40
CA GLU D 110 8.73 -12.57 16.94
C GLU D 110 8.22 -12.93 15.55
N SER D 111 9.15 -13.16 14.62
CA SER D 111 8.86 -13.38 13.20
C SER D 111 7.71 -14.36 12.93
N HIS D 112 7.71 -15.47 13.64
CA HIS D 112 6.64 -16.48 13.48
C HIS D 112 5.27 -16.05 14.06
N ASP D 113 5.25 -14.95 14.80
CA ASP D 113 4.05 -14.45 15.49
C ASP D 113 3.61 -13.09 14.94
N ILE D 114 4.06 -12.74 13.74
CA ILE D 114 3.66 -11.46 13.14
C ILE D 114 2.28 -11.61 12.50
N PHE D 115 1.28 -11.13 13.24
CA PHE D 115 -0.11 -11.06 12.80
C PHE D 115 -0.59 -9.66 13.16
N PRO D 116 -0.38 -8.68 12.24
CA PRO D 116 -0.69 -7.28 12.53
C PRO D 116 -2.14 -7.08 12.95
N ASN D 117 -2.34 -6.29 14.01
CA ASN D 117 -3.66 -6.00 14.60
C ASN D 117 -4.30 -7.20 15.34
N ASP D 118 -3.53 -8.27 15.54
CA ASP D 118 -4.01 -9.45 16.25
C ASP D 118 -3.04 -9.87 17.35
N THR D 119 -1.76 -9.99 17.02
CA THR D 119 -0.73 -10.23 18.03
C THR D 119 -0.53 -8.98 18.88
N HIS D 120 -0.36 -9.21 20.18
CA HIS D 120 -0.05 -8.16 21.15
C HIS D 120 1.05 -7.24 20.64
N GLN D 121 0.76 -5.94 20.62
CA GLN D 121 1.67 -4.88 20.14
C GLN D 121 2.12 -4.96 18.68
N CYS D 122 1.50 -5.82 17.88
CA CYS D 122 1.95 -6.05 16.51
C CYS D 122 1.18 -5.21 15.50
N LEU D 123 1.87 -4.27 14.87
CA LEU D 123 1.33 -3.46 13.80
C LEU D 123 2.16 -3.73 12.54
N ASP D 124 1.59 -3.45 11.38
CA ASP D 124 2.29 -3.60 10.11
C ASP D 124 3.21 -2.38 9.88
N SER D 125 4.33 -2.37 10.61
CA SER D 125 5.28 -1.25 10.62
C SER D 125 5.78 -0.79 9.26
N VAL D 126 6.16 -1.74 8.40
CA VAL D 126 6.69 -1.39 7.08
C VAL D 126 5.62 -0.67 6.25
N ALA D 127 4.39 -1.16 6.29
CA ALA D 127 3.27 -0.57 5.53
C ALA D 127 2.93 0.84 6.04
N ILE D 128 3.03 1.03 7.34
CA ILE D 128 2.76 2.32 7.99
C ILE D 128 3.84 3.36 7.69
N VAL D 129 5.10 2.91 7.63
CA VAL D 129 6.24 3.82 7.52
C VAL D 129 6.70 4.03 6.07
N ALA D 130 6.46 3.03 5.21
CA ALA D 130 6.86 3.15 3.79
C ALA D 130 6.41 4.46 3.10
N PRO D 131 5.15 4.91 3.31
CA PRO D 131 4.74 6.17 2.65
C PRO D 131 5.48 7.45 3.09
N MET D 132 6.19 7.39 4.22
CA MET D 132 6.88 8.54 4.79
C MET D 132 8.38 8.32 4.91
N SER D 133 8.95 7.48 4.04
CA SER D 133 10.37 7.15 4.15
C SER D 133 10.98 6.89 2.77
N LYS D 134 12.31 6.89 2.73
CA LYS D 134 13.06 6.65 1.51
C LYS D 134 13.16 5.16 1.23
N TYR D 135 12.96 4.35 2.28
CA TYR D 135 13.29 2.93 2.30
C TYR D 135 12.68 2.36 3.56
N ALA D 136 12.05 1.18 3.45
CA ALA D 136 11.46 0.49 4.60
C ALA D 136 11.41 -1.02 4.37
N VAL D 137 11.88 -1.77 5.36
CA VAL D 137 12.12 -3.20 5.21
C VAL D 137 11.98 -3.88 6.57
N GLU D 138 11.63 -5.15 6.55
CA GLU D 138 11.65 -5.98 7.74
C GLU D 138 12.73 -7.04 7.61
N LEU D 139 13.57 -7.12 8.65
CA LEU D 139 14.61 -8.15 8.75
C LEU D 139 13.99 -9.55 8.71
N GLN D 140 14.57 -10.44 7.92
CA GLN D 140 14.06 -11.80 7.77
C GLN D 140 15.11 -12.89 8.05
N ARG D 141 16.35 -12.61 7.68
CA ARG D 141 17.48 -13.51 7.92
C ARG D 141 18.55 -12.68 8.65
N PRO D 142 18.86 -13.02 9.91
CA PRO D 142 19.70 -12.20 10.81
C PRO D 142 20.97 -11.59 10.20
N HIS D 143 21.73 -12.38 9.45
CA HIS D 143 23.03 -11.94 8.93
C HIS D 143 22.92 -10.83 7.88
N GLU D 144 21.74 -10.68 7.30
CA GLU D 144 21.49 -9.70 6.25
C GLU D 144 21.34 -8.27 6.78
N ILE D 145 21.31 -8.12 8.09
CA ILE D 145 21.15 -6.80 8.73
C ILE D 145 22.22 -5.80 8.27
N THR D 146 23.43 -6.30 7.99
CA THR D 146 24.52 -5.50 7.46
C THR D 146 24.16 -4.88 6.11
N ASP D 147 23.65 -5.68 5.17
CA ASP D 147 23.25 -5.13 3.87
C ASP D 147 21.99 -4.26 3.97
N LEU D 148 21.12 -4.54 4.95
CA LEU D 148 19.91 -3.72 5.17
C LEU D 148 20.29 -2.33 5.64
N VAL D 149 21.21 -2.24 6.60
CA VAL D 149 21.78 -0.95 7.01
C VAL D 149 22.40 -0.19 5.83
N ASP D 150 23.21 -0.86 5.03
CA ASP D 150 23.85 -0.24 3.86
C ASP D 150 22.85 0.32 2.86
N SER D 151 21.81 -0.45 2.57
CA SER D 151 20.76 0.00 1.64
C SER D 151 19.94 1.14 2.26
N ALA D 152 19.74 1.08 3.57
CA ALA D 152 19.07 2.15 4.30
C ALA D 152 19.87 3.46 4.20
N VAL D 153 21.18 3.36 4.41
CA VAL D 153 22.06 4.53 4.29
C VAL D 153 22.09 5.08 2.86
N ASN D 154 22.21 4.17 1.88
CA ASN D 154 22.17 4.56 0.47
C ASN D 154 20.94 5.39 0.10
N ALA D 155 19.76 4.94 0.53
CA ALA D 155 18.53 5.63 0.19
C ALA D 155 18.36 6.93 0.97
N ALA D 156 18.79 6.92 2.24
CA ALA D 156 18.77 8.09 3.11
C ALA D 156 19.64 9.23 2.59
N MET D 157 20.76 8.89 1.96
CA MET D 157 21.74 9.88 1.49
C MET D 157 21.60 10.24 0.00
N THR D 158 20.43 9.96 -0.58
CA THR D 158 20.13 10.40 -1.94
C THR D 158 19.09 11.50 -1.87
N GLU D 159 19.34 12.63 -2.53
CA GLU D 159 18.37 13.73 -2.54
C GLU D 159 17.01 13.30 -3.12
N PRO D 160 15.89 13.75 -2.50
CA PRO D 160 15.88 14.52 -1.24
C PRO D 160 16.21 13.59 -0.07
N VAL D 161 17.18 13.99 0.74
CA VAL D 161 17.60 13.15 1.86
C VAL D 161 16.44 12.95 2.82
N GLY D 162 16.39 11.78 3.43
CA GLY D 162 15.30 11.44 4.34
C GLY D 162 15.62 10.19 5.11
N PRO D 163 14.63 9.67 5.85
CA PRO D 163 14.80 8.54 6.74
C PRO D 163 14.60 7.19 6.07
N SER D 164 15.34 6.20 6.55
CA SER D 164 15.18 4.83 6.11
C SER D 164 14.86 4.00 7.34
N PHE D 165 13.94 3.06 7.18
CA PHE D 165 13.36 2.33 8.28
C PHE D 165 13.65 0.83 8.20
N ILE D 166 14.11 0.26 9.31
CA ILE D 166 14.24 -1.18 9.40
C ILE D 166 13.44 -1.69 10.59
N SER D 167 12.53 -2.62 10.32
CA SER D 167 11.74 -3.30 11.35
C SER D 167 12.46 -4.59 11.77
N LEU D 168 12.56 -4.83 13.09
CA LEU D 168 13.41 -5.90 13.64
C LEU D 168 12.66 -6.91 14.53
N PRO D 169 12.19 -8.02 13.95
CA PRO D 169 11.55 -9.03 14.80
C PRO D 169 12.49 -9.47 15.92
N VAL D 170 12.00 -9.50 17.16
CA VAL D 170 12.88 -9.66 18.33
C VAL D 170 13.67 -10.97 18.35
N ASP D 171 13.07 -12.04 17.84
CA ASP D 171 13.74 -13.34 17.74
C ASP D 171 14.95 -13.28 16.82
N LEU D 172 14.78 -12.60 15.67
CA LEU D 172 15.86 -12.44 14.69
C LEU D 172 16.94 -11.46 15.17
N LEU D 173 16.52 -10.40 15.86
CA LEU D 173 17.46 -9.44 16.43
C LEU D 173 18.40 -10.11 17.43
N GLY D 174 17.89 -11.08 18.18
CA GLY D 174 18.68 -11.80 19.18
C GLY D 174 19.29 -13.08 18.67
N SER D 175 19.33 -13.26 17.35
CA SER D 175 19.84 -14.48 16.73
C SER D 175 21.24 -14.29 16.17
N SER D 176 22.06 -15.35 16.29
CA SER D 176 23.41 -15.37 15.75
C SER D 176 23.52 -16.22 14.49
N GLU D 177 22.39 -16.77 14.02
CA GLU D 177 22.36 -17.62 12.83
C GLU D 177 22.99 -16.92 11.62
N GLY D 178 24.05 -17.51 11.08
CA GLY D 178 24.71 -16.99 9.88
C GLY D 178 25.64 -15.81 10.12
N ILE D 179 25.78 -15.40 11.38
CA ILE D 179 26.64 -14.28 11.72
C ILE D 179 28.05 -14.73 12.11
N ASP D 180 29.04 -14.15 11.43
CA ASP D 180 30.45 -14.46 11.65
C ASP D 180 31.24 -13.15 11.66
N THR D 181 31.50 -12.62 12.85
CA THR D 181 32.21 -11.36 13.02
C THR D 181 33.74 -11.47 12.89
N THR D 182 34.24 -12.71 12.75
CA THR D 182 35.68 -12.93 12.55
C THR D 182 36.10 -12.51 11.13
N VAL D 183 35.13 -12.52 10.22
CA VAL D 183 35.32 -12.01 8.86
C VAL D 183 34.89 -10.55 8.86
N PRO D 184 35.85 -9.62 8.65
CA PRO D 184 35.54 -8.19 8.73
C PRO D 184 34.46 -7.75 7.73
N ASN D 185 33.66 -6.76 8.14
CA ASN D 185 32.66 -6.17 7.27
C ASN D 185 33.33 -5.56 6.04
N PRO D 186 32.65 -5.61 4.87
CA PRO D 186 33.09 -4.84 3.70
C PRO D 186 33.08 -3.33 4.02
N PRO D 187 33.85 -2.51 3.28
CA PRO D 187 33.85 -1.07 3.54
C PRO D 187 32.46 -0.43 3.51
N ALA D 188 32.27 0.59 4.33
CA ALA D 188 30.98 1.27 4.44
C ALA D 188 30.73 2.21 3.26
N ASN D 189 31.75 2.96 2.87
CA ASN D 189 31.65 3.89 1.75
C ASN D 189 30.48 4.89 1.89
N THR D 190 30.30 5.42 3.10
CA THR D 190 29.26 6.41 3.38
C THR D 190 29.49 7.64 2.50
N PRO D 191 28.46 8.08 1.76
CA PRO D 191 28.64 9.32 0.98
C PRO D 191 29.03 10.48 1.90
N ALA D 192 29.98 11.30 1.46
CA ALA D 192 30.43 12.47 2.22
C ALA D 192 29.41 13.59 2.16
N LYS D 193 28.68 13.66 1.05
CA LYS D 193 27.55 14.56 0.90
C LYS D 193 26.48 13.82 0.07
N PRO D 194 25.24 14.33 0.05
CA PRO D 194 24.19 13.59 -0.64
C PRO D 194 24.41 13.36 -2.14
N VAL D 195 24.07 12.15 -2.57
CA VAL D 195 23.96 11.78 -3.98
C VAL D 195 22.75 12.54 -4.54
N GLY D 196 22.89 13.09 -5.74
CA GLY D 196 21.77 13.81 -6.38
C GLY D 196 21.47 13.29 -7.77
N VAL D 197 20.40 13.77 -8.40
CA VAL D 197 20.22 13.48 -9.83
C VAL D 197 20.74 14.64 -10.64
N VAL D 198 21.10 14.31 -11.86
CA VAL D 198 21.70 15.25 -12.80
C VAL D 198 21.06 14.96 -14.15
N ALA D 199 20.47 15.98 -14.76
CA ALA D 199 19.90 15.85 -16.08
C ALA D 199 20.97 16.10 -17.13
N ASP D 200 20.92 15.31 -18.20
CA ASP D 200 21.69 15.58 -19.40
C ASP D 200 21.40 17.00 -19.90
N GLY D 201 22.45 17.75 -20.22
CA GLY D 201 22.32 19.10 -20.77
C GLY D 201 22.12 20.15 -19.71
N TRP D 202 22.41 19.83 -18.45
CA TRP D 202 22.21 20.80 -17.38
C TRP D 202 23.09 22.02 -17.56
N GLN D 203 24.30 21.81 -18.09
CA GLN D 203 25.23 22.89 -18.41
C GLN D 203 24.65 23.87 -19.42
N LYS D 204 23.94 23.35 -20.44
CA LYS D 204 23.26 24.21 -21.41
C LYS D 204 22.16 25.01 -20.73
N ALA D 205 21.39 24.36 -19.84
CA ALA D 205 20.39 25.06 -19.04
C ALA D 205 21.06 26.15 -18.18
N ALA D 206 22.19 25.81 -17.55
CA ALA D 206 22.96 26.78 -16.76
C ALA D 206 23.42 27.97 -17.61
N ASP D 207 23.81 27.71 -18.86
CA ASP D 207 24.19 28.76 -19.81
C ASP D 207 23.02 29.69 -20.14
N GLN D 208 21.83 29.10 -20.26
CA GLN D 208 20.61 29.89 -20.47
C GLN D 208 20.28 30.73 -19.23
N ALA D 209 20.53 30.19 -18.04
CA ALA D 209 20.36 30.94 -16.79
C ALA D 209 21.33 32.13 -16.72
N ALA D 210 22.56 31.91 -17.16
CA ALA D 210 23.57 32.98 -17.28
C ALA D 210 23.14 34.09 -18.24
N ALA D 211 22.57 33.73 -19.38
CA ALA D 211 22.06 34.71 -20.34
C ALA D 211 20.92 35.54 -19.73
N LEU D 212 20.04 34.89 -18.95
CA LEU D 212 18.97 35.61 -18.23
C LEU D 212 19.53 36.59 -17.20
N LEU D 213 20.64 36.20 -16.57
CA LEU D 213 21.32 37.04 -15.58
C LEU D 213 21.92 38.28 -16.22
N ALA D 214 22.60 38.09 -17.34
CA ALA D 214 23.17 39.20 -18.11
C ALA D 214 22.13 40.29 -18.40
N GLU D 215 20.92 39.87 -18.74
CA GLU D 215 19.83 40.76 -19.11
C GLU D 215 19.04 41.33 -17.92
N ALA D 216 19.23 40.76 -16.73
CA ALA D 216 18.49 41.19 -15.54
C ALA D 216 19.05 42.46 -14.89
N LYS D 217 18.14 43.36 -14.47
CA LYS D 217 18.53 44.56 -13.74
C LYS D 217 18.68 44.25 -12.24
N HIS D 218 17.69 43.53 -11.70
CA HIS D 218 17.66 43.22 -10.27
C HIS D 218 17.42 41.74 -10.02
N PRO D 219 18.48 40.91 -10.13
CA PRO D 219 18.34 39.49 -9.80
C PRO D 219 18.47 39.24 -8.29
N VAL D 220 17.84 38.18 -7.80
CA VAL D 220 18.05 37.71 -6.42
C VAL D 220 18.38 36.22 -6.36
N LEU D 221 19.17 35.84 -5.37
CA LEU D 221 19.40 34.43 -5.05
C LEU D 221 18.51 34.05 -3.87
N VAL D 222 17.64 33.08 -4.10
CA VAL D 222 16.80 32.52 -3.05
C VAL D 222 17.37 31.13 -2.73
N VAL D 223 17.99 31.04 -1.55
CA VAL D 223 18.81 29.88 -1.17
C VAL D 223 18.06 28.97 -0.19
N GLY D 224 18.03 27.68 -0.51
CA GLY D 224 17.49 26.64 0.38
C GLY D 224 18.58 25.75 0.97
N ALA D 225 18.23 24.95 1.97
CA ALA D 225 19.19 24.08 2.68
C ALA D 225 19.92 23.06 1.81
N ALA D 226 19.30 22.62 0.70
CA ALA D 226 19.97 21.73 -0.26
C ALA D 226 21.34 22.27 -0.68
N ALA D 227 21.45 23.58 -0.76
CA ALA D 227 22.69 24.24 -1.17
C ALA D 227 23.76 24.17 -0.08
N ILE D 228 23.33 24.18 1.18
CA ILE D 228 24.25 23.91 2.29
C ILE D 228 24.72 22.45 2.29
N ARG D 229 23.80 21.50 2.07
CA ARG D 229 24.17 20.07 2.01
C ARG D 229 25.19 19.76 0.92
N SER D 230 25.09 20.49 -0.17
CA SER D 230 25.98 20.38 -1.31
C SER D 230 27.36 20.95 -1.02
N GLY D 231 27.47 21.75 0.04
CA GLY D 231 28.73 22.42 0.36
C GLY D 231 28.98 23.64 -0.51
N ALA D 232 27.92 24.32 -0.92
CA ALA D 232 28.02 25.43 -1.87
C ALA D 232 27.97 26.84 -1.23
N VAL D 233 27.96 26.91 0.10
CA VAL D 233 27.87 28.19 0.80
C VAL D 233 29.02 29.20 0.47
N PRO D 234 30.29 28.79 0.65
CA PRO D 234 31.35 29.72 0.26
C PRO D 234 31.28 30.14 -1.22
N ALA D 235 30.94 29.21 -2.10
CA ALA D 235 30.85 29.49 -3.54
C ALA D 235 29.69 30.43 -3.90
N ILE D 236 28.53 30.21 -3.29
CA ILE D 236 27.39 31.10 -3.47
C ILE D 236 27.71 32.51 -2.96
N ARG D 237 28.40 32.58 -1.81
CA ARG D 237 28.81 33.86 -1.24
C ARG D 237 29.75 34.63 -2.16
N ALA D 238 30.77 33.94 -2.69
CA ALA D 238 31.72 34.55 -3.62
C ALA D 238 31.07 35.02 -4.93
N LEU D 239 30.05 34.29 -5.40
CA LEU D 239 29.29 34.66 -6.59
C LEU D 239 28.45 35.92 -6.35
N ALA D 240 27.74 35.94 -5.22
CA ALA D 240 26.86 37.04 -4.89
C ALA D 240 27.65 38.31 -4.63
N GLU D 241 28.79 38.17 -3.96
CA GLU D 241 29.67 39.28 -3.66
C GLU D 241 30.25 39.95 -4.90
N ARG D 242 30.70 39.14 -5.85
CA ARG D 242 31.30 39.63 -7.10
C ARG D 242 30.29 40.35 -8.00
N LEU D 243 29.09 39.79 -8.10
CA LEU D 243 28.07 40.34 -9.00
C LEU D 243 27.05 41.22 -8.32
N ASN D 244 27.18 41.41 -7.01
CA ASN D 244 26.31 42.28 -6.22
C ASN D 244 24.84 41.82 -6.21
N ILE D 245 24.65 40.51 -6.02
CA ILE D 245 23.32 39.92 -5.99
C ILE D 245 22.89 39.65 -4.54
N PRO D 246 21.73 40.21 -4.13
CA PRO D 246 21.11 39.95 -2.82
C PRO D 246 20.81 38.46 -2.61
N VAL D 247 20.96 38.03 -1.36
CA VAL D 247 20.69 36.66 -0.95
C VAL D 247 19.52 36.64 0.04
N ILE D 248 18.44 35.97 -0.36
CA ILE D 248 17.26 35.77 0.48
C ILE D 248 17.23 34.26 0.75
N THR D 249 16.80 33.85 1.94
CA THR D 249 16.82 32.44 2.30
C THR D 249 15.46 31.90 2.69
N THR D 250 15.35 30.57 2.75
CA THR D 250 14.24 29.90 3.41
C THR D 250 14.43 30.01 4.92
N TYR D 251 13.46 29.54 5.71
CA TYR D 251 13.56 29.50 7.18
C TYR D 251 14.87 28.89 7.65
N ILE D 252 15.29 27.83 6.97
CA ILE D 252 16.38 27.03 7.51
C ILE D 252 17.76 27.24 6.86
N ALA D 253 17.82 28.08 5.82
CA ALA D 253 19.09 28.47 5.22
C ALA D 253 19.60 29.85 5.70
N LYS D 254 19.01 30.37 6.77
CA LYS D 254 19.52 31.58 7.42
C LYS D 254 20.93 31.31 7.92
N GLY D 255 21.83 32.25 7.66
CA GLY D 255 23.21 32.10 8.11
C GLY D 255 24.20 31.76 7.02
N VAL D 256 23.73 31.63 5.78
CA VAL D 256 24.62 31.37 4.65
C VAL D 256 25.49 32.60 4.37
N LEU D 257 25.00 33.77 4.77
CA LEU D 257 25.80 34.99 4.87
C LEU D 257 25.86 35.41 6.35
N PRO D 258 26.98 36.02 6.78
CA PRO D 258 27.09 36.44 8.18
C PRO D 258 26.11 37.57 8.51
N VAL D 259 25.72 37.66 9.79
CA VAL D 259 24.89 38.77 10.25
C VAL D 259 25.56 40.10 9.84
N GLY D 260 24.76 41.01 9.30
CA GLY D 260 25.26 42.33 8.92
C GLY D 260 25.93 42.42 7.56
N HIS D 261 25.98 41.29 6.84
CA HIS D 261 26.47 41.29 5.47
C HIS D 261 25.52 42.11 4.62
N GLU D 262 26.07 42.97 3.77
CA GLU D 262 25.27 43.87 2.91
C GLU D 262 24.26 43.15 2.01
N LEU D 263 24.60 41.92 1.58
CA LEU D 263 23.72 41.16 0.69
C LEU D 263 22.82 40.18 1.46
N ASN D 264 22.90 40.22 2.79
CA ASN D 264 22.09 39.35 3.64
C ASN D 264 20.70 39.95 3.80
N TYR D 265 19.83 39.71 2.82
CA TYR D 265 18.49 40.29 2.80
C TYR D 265 17.50 39.59 3.74
N GLY D 266 17.90 38.45 4.27
CA GLY D 266 17.13 37.77 5.32
C GLY D 266 16.18 36.70 4.80
N ALA D 267 15.34 36.20 5.70
CA ALA D 267 14.39 35.16 5.38
C ALA D 267 13.01 35.77 5.20
N VAL D 268 12.16 35.08 4.46
CA VAL D 268 10.80 35.55 4.26
C VAL D 268 9.81 34.57 4.85
N THR D 269 8.67 35.09 5.27
CA THR D 269 7.52 34.28 5.67
C THR D 269 6.27 35.04 5.28
N GLY D 270 5.18 34.32 5.01
CA GLY D 270 3.92 34.93 4.58
C GLY D 270 3.34 35.86 5.63
N TYR D 271 3.76 35.66 6.87
CA TYR D 271 3.23 36.45 7.99
C TYR D 271 3.96 37.77 8.13
N MET D 272 5.03 37.97 7.35
CA MET D 272 5.92 39.12 7.59
C MET D 272 5.30 40.50 7.42
N ASP D 273 4.39 40.64 6.44
CA ASP D 273 3.66 41.89 6.23
C ASP D 273 2.81 42.26 7.45
N GLY D 274 1.99 41.32 7.90
CA GLY D 274 1.20 41.47 9.12
C GLY D 274 2.03 41.82 10.35
N ILE D 275 3.14 41.11 10.54
CA ILE D 275 4.00 41.28 11.72
C ILE D 275 4.65 42.66 11.81
N LEU D 276 5.24 43.13 10.71
CA LEU D 276 5.88 44.44 10.70
C LEU D 276 4.90 45.60 10.48
N ASN D 277 3.66 45.27 10.09
CA ASN D 277 2.67 46.27 9.68
C ASN D 277 3.32 47.19 8.63
N PHE D 278 3.67 46.58 7.49
CA PHE D 278 4.54 47.18 6.49
C PHE D 278 4.46 46.35 5.20
N PRO D 279 4.54 47.00 4.02
CA PRO D 279 4.66 46.29 2.74
C PRO D 279 6.05 45.66 2.55
N ALA D 280 6.31 44.61 3.33
CA ALA D 280 7.63 43.97 3.40
C ALA D 280 7.95 43.13 2.17
N LEU D 281 7.05 42.22 1.81
CA LEU D 281 7.23 41.35 0.64
C LEU D 281 7.27 42.12 -0.68
N GLN D 282 6.42 43.13 -0.79
CA GLN D 282 6.42 44.05 -1.93
C GLN D 282 7.75 44.82 -2.04
N THR D 283 8.24 45.32 -0.91
CA THR D 283 9.54 46.01 -0.84
C THR D 283 10.69 45.08 -1.25
N MET D 284 10.62 43.84 -0.78
CA MET D 284 11.60 42.80 -1.08
C MET D 284 11.62 42.38 -2.55
N PHE D 285 10.44 42.08 -3.09
CA PHE D 285 10.35 41.45 -4.42
C PHE D 285 9.81 42.29 -5.60
N ALA D 286 9.11 43.39 -5.33
CA ALA D 286 8.44 44.15 -6.42
C ALA D 286 9.32 44.53 -7.63
N PRO D 287 10.53 45.07 -7.41
CA PRO D 287 11.37 45.42 -8.57
C PRO D 287 12.25 44.29 -9.15
N VAL D 288 12.29 43.15 -8.45
CA VAL D 288 13.13 42.02 -8.87
C VAL D 288 12.65 41.48 -10.23
N ASP D 289 13.57 41.23 -11.16
CA ASP D 289 13.16 40.70 -12.47
C ASP D 289 13.65 39.28 -12.77
N LEU D 290 14.43 38.70 -11.86
CA LEU D 290 14.94 37.33 -12.03
C LEU D 290 15.19 36.69 -10.67
N VAL D 291 14.57 35.53 -10.45
CA VAL D 291 14.70 34.81 -9.18
C VAL D 291 15.41 33.48 -9.45
N LEU D 292 16.62 33.34 -8.92
CA LEU D 292 17.31 32.06 -9.00
C LEU D 292 17.10 31.33 -7.69
N THR D 293 16.28 30.28 -7.73
CA THR D 293 16.02 29.47 -6.55
C THR D 293 17.07 28.37 -6.49
N VAL D 294 18.12 28.64 -5.70
CA VAL D 294 19.29 27.79 -5.61
C VAL D 294 19.10 26.71 -4.53
N GLY D 295 18.94 25.46 -4.97
CA GLY D 295 18.61 24.35 -4.09
C GLY D 295 17.15 24.38 -3.69
N TYR D 296 16.25 24.65 -4.64
CA TYR D 296 14.84 24.84 -4.34
C TYR D 296 14.14 23.58 -3.83
N ASP D 297 13.35 23.74 -2.77
CA ASP D 297 12.54 22.66 -2.22
C ASP D 297 11.24 23.26 -1.68
N TYR D 298 10.13 22.90 -2.32
CA TYR D 298 8.79 23.34 -1.93
C TYR D 298 8.49 23.07 -0.47
N ALA D 299 9.11 22.01 0.09
CA ALA D 299 8.88 21.61 1.47
C ALA D 299 9.36 22.63 2.49
N GLU D 300 10.31 23.49 2.09
CA GLU D 300 10.79 24.57 2.96
C GLU D 300 9.76 25.70 3.10
N ASP D 301 8.68 25.60 2.32
CA ASP D 301 7.53 26.52 2.38
C ASP D 301 7.79 27.97 1.95
N LEU D 302 8.84 28.17 1.16
CA LEU D 302 8.96 29.40 0.39
C LEU D 302 8.35 29.06 -0.97
N ARG D 303 7.09 29.44 -1.14
CA ARG D 303 6.32 29.11 -2.31
CA ARG D 303 6.30 29.11 -2.31
C ARG D 303 6.50 30.16 -3.41
N PRO D 304 6.29 29.78 -4.69
CA PRO D 304 6.38 30.81 -5.75
C PRO D 304 5.52 32.06 -5.51
N SER D 305 4.33 31.88 -4.93
CA SER D 305 3.43 32.99 -4.65
C SER D 305 4.09 34.09 -3.81
N MET D 306 5.10 33.69 -3.02
CA MET D 306 5.77 34.64 -2.14
CA MET D 306 5.85 34.59 -2.14
C MET D 306 6.67 35.65 -2.88
N TRP D 307 7.26 35.24 -3.99
CA TRP D 307 8.13 36.15 -4.76
C TRP D 307 7.40 36.80 -5.92
N GLN D 308 6.16 36.39 -6.17
CA GLN D 308 5.36 36.90 -7.27
C GLN D 308 4.62 38.18 -6.86
N LYS D 309 5.42 39.24 -6.66
CA LYS D 309 4.95 40.58 -6.27
C LYS D 309 5.51 41.58 -7.28
N GLY D 310 4.72 42.60 -7.61
CA GLY D 310 5.19 43.66 -8.51
C GLY D 310 5.31 43.16 -9.94
N ILE D 311 6.47 43.43 -10.56
CA ILE D 311 6.69 43.10 -11.96
C ILE D 311 6.84 41.60 -12.23
N GLU D 312 6.60 41.21 -13.48
CA GLU D 312 6.86 39.86 -13.98
C GLU D 312 8.33 39.50 -13.84
N LYS D 313 8.58 38.27 -13.40
CA LYS D 313 9.92 37.78 -13.14
C LYS D 313 10.22 36.54 -13.96
N LYS D 314 11.48 36.40 -14.36
CA LYS D 314 11.97 35.12 -14.85
C LYS D 314 12.44 34.31 -13.63
N THR D 315 12.37 32.98 -13.74
CA THR D 315 12.81 32.09 -12.64
C THR D 315 13.75 31.00 -13.17
N VAL D 316 14.78 30.70 -12.38
CA VAL D 316 15.72 29.60 -12.63
C VAL D 316 15.68 28.70 -11.40
N ARG D 317 15.32 27.44 -11.62
CA ARG D 317 15.33 26.46 -10.55
C ARG D 317 16.63 25.67 -10.64
N ILE D 318 17.33 25.52 -9.53
CA ILE D 318 18.52 24.66 -9.45
C ILE D 318 18.31 23.68 -8.30
N SER D 319 18.36 22.39 -8.61
CA SER D 319 18.09 21.35 -7.62
C SER D 319 18.67 20.00 -8.04
N PRO D 320 19.21 19.22 -7.07
CA PRO D 320 19.65 17.85 -7.37
C PRO D 320 18.48 16.86 -7.44
N THR D 321 17.32 17.33 -7.90
CA THR D 321 16.11 16.52 -8.07
C THR D 321 15.31 17.05 -9.26
N VAL D 322 14.55 16.16 -9.89
CA VAL D 322 13.62 16.55 -10.94
C VAL D 322 12.43 17.24 -10.26
N ASN D 323 11.91 18.30 -10.90
CA ASN D 323 10.80 19.10 -10.35
C ASN D 323 9.59 18.22 -10.01
N PRO D 324 9.27 18.09 -8.70
CA PRO D 324 8.13 17.28 -8.27
C PRO D 324 6.77 17.97 -8.37
N ILE D 325 6.78 19.28 -8.57
CA ILE D 325 5.57 20.09 -8.48
C ILE D 325 5.38 21.04 -9.69
N PRO D 326 5.40 20.52 -10.93
CA PRO D 326 5.18 21.38 -12.11
C PRO D 326 3.80 22.07 -12.14
N ARG D 327 2.82 21.51 -11.43
CA ARG D 327 1.53 22.19 -11.24
C ARG D 327 1.71 23.55 -10.58
N VAL D 328 2.69 23.65 -9.68
CA VAL D 328 2.91 24.85 -8.86
C VAL D 328 4.05 25.74 -9.37
N TYR D 329 5.14 25.12 -9.81
CA TYR D 329 6.33 25.88 -10.18
C TYR D 329 6.82 25.39 -11.54
N ARG D 330 6.71 26.26 -12.53
CA ARG D 330 7.20 25.99 -13.88
C ARG D 330 8.35 26.94 -14.15
N PRO D 331 9.58 26.59 -13.71
CA PRO D 331 10.67 27.55 -13.95
C PRO D 331 10.90 27.84 -15.43
N ASP D 332 11.35 29.06 -15.75
CA ASP D 332 11.76 29.41 -17.10
C ASP D 332 12.96 28.58 -17.52
N VAL D 333 13.85 28.35 -16.56
CA VAL D 333 15.02 27.49 -16.76
C VAL D 333 15.10 26.53 -15.57
N ASP D 334 15.20 25.23 -15.84
CA ASP D 334 15.30 24.22 -14.78
C ASP D 334 16.63 23.49 -14.91
N VAL D 335 17.50 23.68 -13.91
CA VAL D 335 18.85 23.11 -13.92
C VAL D 335 18.90 21.98 -12.89
N VAL D 336 18.91 20.75 -13.38
CA VAL D 336 18.84 19.58 -12.50
C VAL D 336 20.25 19.03 -12.38
N THR D 337 20.88 19.31 -11.23
CA THR D 337 22.28 18.98 -11.01
C THR D 337 22.67 19.28 -9.56
N ASP D 338 23.89 18.92 -9.18
CA ASP D 338 24.43 19.24 -7.87
C ASP D 338 24.56 20.76 -7.75
N VAL D 339 24.10 21.30 -6.63
CA VAL D 339 24.14 22.74 -6.42
C VAL D 339 25.55 23.34 -6.57
N LEU D 340 26.55 22.72 -5.95
CA LEU D 340 27.93 23.18 -6.07
C LEU D 340 28.45 23.10 -7.52
N ALA D 341 28.16 22.00 -8.21
CA ALA D 341 28.54 21.86 -9.62
C ALA D 341 27.94 22.99 -10.46
N PHE D 342 26.67 23.32 -10.19
CA PHE D 342 26.03 24.42 -10.87
C PHE D 342 26.77 25.73 -10.63
N VAL D 343 27.08 26.02 -9.37
CA VAL D 343 27.71 27.29 -9.01
C VAL D 343 29.09 27.42 -9.66
N GLU D 344 29.87 26.34 -9.65
CA GLU D 344 31.18 26.33 -10.30
C GLU D 344 31.10 26.53 -11.81
N HIS D 345 30.13 25.89 -12.46
CA HIS D 345 29.90 26.12 -13.89
C HIS D 345 29.46 27.56 -14.14
N PHE D 346 28.53 28.03 -13.29
CA PHE D 346 27.93 29.33 -13.41
C PHE D 346 28.96 30.46 -13.22
N GLU D 347 29.97 30.21 -12.39
CA GLU D 347 31.09 31.13 -12.21
C GLU D 347 31.84 31.37 -13.52
N THR D 348 32.11 30.29 -14.26
CA THR D 348 32.77 30.35 -15.56
C THR D 348 31.89 31.08 -16.59
N ALA D 349 30.60 30.72 -16.63
CA ALA D 349 29.67 31.32 -17.59
C ALA D 349 29.47 32.82 -17.39
N THR D 350 29.64 33.29 -16.16
CA THR D 350 29.39 34.70 -15.80
C THR D 350 30.64 35.47 -15.37
N ALA D 351 31.81 34.92 -15.67
CA ALA D 351 33.10 35.52 -15.26
C ALA D 351 33.26 36.99 -15.71
N SER D 352 32.75 37.32 -16.89
CA SER D 352 33.01 38.63 -17.50
C SER D 352 31.86 39.62 -17.29
N PHE D 353 30.85 39.21 -16.53
CA PHE D 353 29.68 40.06 -16.29
C PHE D 353 30.07 41.22 -15.40
N GLY D 354 29.35 42.34 -15.53
CA GLY D 354 29.57 43.48 -14.67
C GLY D 354 28.63 43.41 -13.49
N ALA D 355 29.10 43.78 -12.31
CA ALA D 355 28.27 43.84 -11.11
C ALA D 355 26.93 44.54 -11.36
N LYS D 356 25.87 44.03 -10.72
CA LYS D 356 24.54 44.60 -10.84
C LYS D 356 24.32 45.75 -9.85
N GLN D 357 23.28 46.54 -10.11
CA GLN D 357 22.76 47.46 -9.11
C GLN D 357 21.65 46.74 -8.37
N ARG D 358 21.65 46.81 -7.04
CA ARG D 358 20.57 46.19 -6.30
C ARG D 358 19.51 47.21 -5.93
N HIS D 359 18.27 46.75 -5.80
CA HIS D 359 17.14 47.61 -5.47
C HIS D 359 17.18 48.01 -3.99
N ASP D 360 16.44 49.07 -3.67
CA ASP D 360 16.46 49.64 -2.33
C ASP D 360 15.52 48.88 -1.40
N ILE D 361 16.06 48.31 -0.33
CA ILE D 361 15.23 47.74 0.73
C ILE D 361 15.44 48.47 2.07
N GLU D 362 16.09 49.64 2.02
CA GLU D 362 16.41 50.40 3.24
C GLU D 362 15.19 50.74 4.10
N PRO D 363 14.08 51.22 3.48
CA PRO D 363 12.84 51.37 4.25
C PRO D 363 12.44 50.14 5.06
N LEU D 364 12.61 48.94 4.48
CA LEU D 364 12.30 47.69 5.17
C LEU D 364 13.30 47.39 6.30
N ARG D 365 14.58 47.60 6.02
CA ARG D 365 15.65 47.41 7.02
C ARG D 365 15.50 48.38 8.20
N ALA D 366 14.85 49.52 7.94
CA ALA D 366 14.62 50.51 8.98
C ALA D 366 13.49 50.07 9.89
N ARG D 367 12.46 49.44 9.31
CA ARG D 367 11.30 48.96 10.05
C ARG D 367 11.62 47.74 10.92
N ILE D 368 12.52 46.89 10.43
CA ILE D 368 12.99 45.73 11.18
C ILE D 368 13.87 46.17 12.34
N ALA D 369 14.82 47.07 12.06
CA ALA D 369 15.69 47.63 13.10
C ALA D 369 14.86 48.34 14.19
N GLU D 370 13.88 49.15 13.78
CA GLU D 370 13.04 49.88 14.73
C GLU D 370 12.17 48.93 15.55
N PHE D 371 11.69 47.87 14.89
CA PHE D 371 10.84 46.84 15.50
C PHE D 371 11.58 46.10 16.61
N LEU D 372 12.81 45.69 16.33
CA LEU D 372 13.63 44.93 17.28
C LEU D 372 14.01 45.75 18.51
N ALA D 373 14.17 47.06 18.31
CA ALA D 373 14.54 47.99 19.38
C ALA D 373 13.34 48.52 20.19
N ASP D 374 12.12 48.10 19.84
CA ASP D 374 10.87 48.54 20.49
C ASP D 374 11.03 48.69 22.01
N PRO D 375 11.06 49.96 22.50
CA PRO D 375 11.29 50.22 23.93
C PRO D 375 10.02 50.28 24.78
N GLU D 376 8.86 50.12 24.15
CA GLU D 376 7.59 50.19 24.87
C GLU D 376 7.44 49.04 25.86
N THR D 377 6.63 49.28 26.88
CA THR D 377 6.27 48.27 27.84
C THR D 377 4.79 47.96 27.58
N TYR D 378 4.34 46.77 27.93
CA TYR D 378 2.98 46.34 27.63
C TYR D 378 2.28 45.80 28.86
N GLU D 379 0.95 45.85 28.83
CA GLU D 379 0.14 45.52 30.00
C GLU D 379 0.12 44.04 30.32
N ASP D 380 0.12 43.19 29.29
CA ASP D 380 -0.12 41.76 29.49
C ASP D 380 1.10 40.88 29.22
N GLY D 381 2.30 41.42 29.42
CA GLY D 381 3.55 40.70 29.19
C GLY D 381 4.37 41.34 28.10
N MET D 382 5.45 40.68 27.70
CA MET D 382 6.30 41.19 26.61
C MET D 382 5.67 40.91 25.25
N ARG D 383 6.27 41.48 24.21
CA ARG D 383 5.93 41.15 22.83
C ARG D 383 7.09 40.35 22.23
N VAL D 384 6.77 39.42 21.33
CA VAL D 384 7.77 38.42 20.88
C VAL D 384 9.02 39.02 20.22
N HIS D 385 8.87 40.14 19.50
CA HIS D 385 10.04 40.79 18.89
C HIS D 385 11.07 41.29 19.92
N GLN D 386 10.58 41.69 21.10
CA GLN D 386 11.46 42.08 22.19
C GLN D 386 12.19 40.87 22.78
N VAL D 387 11.48 39.74 22.84
CA VAL D 387 12.05 38.49 23.35
C VAL D 387 13.21 38.04 22.47
N ILE D 388 12.97 38.01 21.16
CA ILE D 388 14.00 37.60 20.20
C ILE D 388 15.18 38.59 20.14
N ASP D 389 14.90 39.88 20.21
CA ASP D 389 15.97 40.89 20.32
C ASP D 389 16.89 40.64 21.53
N SER D 390 16.30 40.33 22.69
CA SER D 390 17.09 40.02 23.88
C SER D 390 17.94 38.78 23.68
N MET D 391 17.34 37.73 23.09
CA MET D 391 18.05 36.48 22.77
C MET D 391 19.21 36.72 21.83
N ASN D 392 19.01 37.55 20.78
CA ASN D 392 20.08 37.92 19.84
C ASN D 392 21.24 38.61 20.55
N THR D 393 20.91 39.55 21.44
CA THR D 393 21.92 40.31 22.18
C THR D 393 22.83 39.37 22.98
N VAL D 394 22.21 38.49 23.77
CA VAL D 394 22.97 37.60 24.65
C VAL D 394 23.67 36.47 23.86
N MET D 395 23.04 36.01 22.77
CA MET D 395 23.70 35.05 21.87
C MET D 395 24.97 35.65 21.26
N GLU D 396 24.90 36.91 20.84
CA GLU D 396 26.07 37.58 20.26
C GLU D 396 27.20 37.71 21.29
N GLU D 397 26.84 37.93 22.55
CA GLU D 397 27.79 37.97 23.68
C GLU D 397 28.37 36.59 24.00
N ALA D 398 27.52 35.59 24.18
CA ALA D 398 27.96 34.24 24.60
C ALA D 398 28.77 33.47 23.55
N ALA D 399 28.46 33.68 22.28
CA ALA D 399 29.03 32.88 21.20
C ALA D 399 30.26 33.51 20.58
N GLU D 400 31.21 32.67 20.15
CA GLU D 400 32.28 33.13 19.28
C GLU D 400 31.67 33.58 17.95
N PRO D 401 32.36 34.48 17.22
CA PRO D 401 31.88 34.86 15.89
C PRO D 401 31.72 33.64 14.98
N GLY D 402 30.61 33.60 14.24
CA GLY D 402 30.27 32.47 13.39
C GLY D 402 29.83 31.23 14.12
N GLU D 403 29.45 31.37 15.40
CA GLU D 403 29.02 30.24 16.23
C GLU D 403 27.69 30.51 16.92
N GLY D 404 27.13 29.49 17.54
CA GLY D 404 25.86 29.62 18.25
C GLY D 404 24.71 29.09 17.42
N THR D 405 23.69 28.60 18.12
CA THR D 405 22.45 28.11 17.50
C THR D 405 21.25 28.64 18.26
N ILE D 406 20.30 29.22 17.52
CA ILE D 406 18.97 29.52 18.06
C ILE D 406 17.98 28.53 17.44
N VAL D 407 17.20 27.88 18.30
CA VAL D 407 16.23 26.88 17.87
C VAL D 407 14.85 27.45 18.15
N SER D 408 13.94 27.30 17.18
CA SER D 408 12.55 27.67 17.39
C SER D 408 11.57 26.48 17.26
N ASP D 409 10.70 26.34 18.25
CA ASP D 409 9.58 25.40 18.15
C ASP D 409 8.57 26.01 17.18
N ILE D 410 7.34 25.48 17.15
CA ILE D 410 6.35 25.87 16.16
C ILE D 410 5.23 26.66 16.81
N GLY D 411 4.88 27.80 16.20
CA GLY D 411 3.76 28.61 16.66
C GLY D 411 3.84 29.97 15.97
N PHE D 412 2.95 30.88 16.34
CA PHE D 412 3.00 32.26 15.81
C PHE D 412 4.37 32.90 16.06
N PHE D 413 4.90 32.69 17.27
CA PHE D 413 6.23 33.18 17.65
C PHE D 413 7.36 32.75 16.71
N ARG D 414 7.19 31.61 16.01
CA ARG D 414 8.24 31.03 15.17
C ARG D 414 8.58 31.95 14.01
N HIS D 415 7.56 32.63 13.50
CA HIS D 415 7.74 33.56 12.38
C HIS D 415 8.51 34.80 12.76
N TYR D 416 8.48 35.16 14.04
CA TYR D 416 9.36 36.21 14.56
C TYR D 416 10.79 35.71 14.60
N GLY D 417 10.98 34.43 14.92
CA GLY D 417 12.31 33.81 14.90
C GLY D 417 12.86 33.76 13.49
N VAL D 418 12.00 33.40 12.54
CA VAL D 418 12.39 33.37 11.12
C VAL D 418 12.84 34.75 10.65
N LEU D 419 12.07 35.78 11.00
CA LEU D 419 12.37 37.14 10.57
C LEU D 419 13.55 37.80 11.29
N PHE D 420 13.64 37.58 12.60
CA PHE D 420 14.51 38.41 13.45
C PHE D 420 15.69 37.69 14.09
N ALA D 421 15.57 36.37 14.31
CA ALA D 421 16.62 35.66 15.06
C ALA D 421 17.96 35.70 14.37
N ARG D 422 19.01 35.83 15.19
CA ARG D 422 20.38 35.92 14.73
C ARG D 422 20.86 34.59 14.17
N ALA D 423 21.53 34.62 13.03
CA ALA D 423 22.16 33.41 12.46
C ALA D 423 23.47 33.77 11.82
N ASP D 424 24.58 33.44 12.47
CA ASP D 424 25.89 33.82 11.98
C ASP D 424 26.65 32.66 11.33
N GLN D 425 25.96 31.54 11.10
CA GLN D 425 26.52 30.40 10.39
C GLN D 425 25.38 29.59 9.76
N PRO D 426 25.68 28.74 8.77
CA PRO D 426 24.64 27.83 8.27
C PRO D 426 24.09 26.95 9.40
N PHE D 427 22.77 26.83 9.46
CA PHE D 427 22.06 26.13 10.54
C PHE D 427 22.28 26.84 11.88
N GLY D 428 22.45 28.16 11.82
CA GLY D 428 22.59 29.00 13.02
C GLY D 428 21.24 29.32 13.61
N PHE D 429 20.20 29.21 12.78
CA PHE D 429 18.82 29.23 13.22
C PHE D 429 18.15 27.96 12.75
N LEU D 430 17.57 27.21 13.70
CA LEU D 430 16.93 25.95 13.37
C LEU D 430 15.45 25.99 13.69
N THR D 431 14.65 25.53 12.73
CA THR D 431 13.26 25.25 12.98
C THR D 431 12.82 24.14 12.02
N SER D 432 11.58 23.68 12.15
CA SER D 432 11.03 22.65 11.27
C SER D 432 10.15 23.30 10.22
N ALA D 433 10.65 23.39 9.00
CA ALA D 433 9.95 24.06 7.89
C ALA D 433 9.00 23.15 7.09
N GLY D 434 9.36 21.88 6.95
CA GLY D 434 8.53 20.92 6.19
C GLY D 434 7.46 20.22 7.00
N CYS D 435 7.83 19.61 8.12
CA CYS D 435 6.88 18.91 8.98
C CYS D 435 6.16 19.85 9.98
N SER D 436 6.91 20.77 10.59
CA SER D 436 6.40 21.71 11.62
C SER D 436 5.56 21.07 12.72
N SER D 437 6.09 19.98 13.30
CA SER D 437 5.44 19.41 14.47
C SER D 437 5.73 20.31 15.66
N PHE D 438 4.70 20.72 16.39
CA PHE D 438 4.94 21.37 17.68
C PHE D 438 5.61 20.39 18.66
N GLY D 439 6.36 20.90 19.63
CA GLY D 439 7.17 20.06 20.51
C GLY D 439 8.56 19.80 19.96
N TYR D 440 8.80 20.26 18.74
CA TYR D 440 10.08 20.13 18.00
C TYR D 440 11.28 20.70 18.75
N GLY D 441 11.04 21.77 19.50
CA GLY D 441 12.11 22.57 20.09
C GLY D 441 13.11 21.85 20.98
N ILE D 442 12.63 21.10 21.97
CA ILE D 442 13.53 20.39 22.89
C ILE D 442 14.47 19.41 22.16
N PRO D 443 13.93 18.45 21.37
CA PRO D 443 14.85 17.54 20.66
C PRO D 443 15.84 18.21 19.70
N ALA D 444 15.39 19.25 19.01
CA ALA D 444 16.27 19.98 18.09
C ALA D 444 17.41 20.66 18.84
N ALA D 445 17.11 21.21 20.02
CA ALA D 445 18.14 21.81 20.89
C ALA D 445 19.13 20.75 21.37
N ILE D 446 18.62 19.56 21.76
CA ILE D 446 19.46 18.43 22.13
C ILE D 446 20.42 18.06 20.99
N GLY D 447 19.85 17.81 19.81
CA GLY D 447 20.64 17.57 18.60
C GLY D 447 21.66 18.65 18.29
N ALA D 448 21.25 19.91 18.42
CA ALA D 448 22.14 21.05 18.13
C ALA D 448 23.27 21.18 19.15
N GLN D 449 22.96 21.01 20.43
CA GLN D 449 23.97 21.08 21.49
C GLN D 449 24.99 19.94 21.40
N MET D 450 24.52 18.73 21.06
CA MET D 450 25.39 17.59 20.85
C MET D 450 26.29 17.75 19.61
N ALA D 451 25.75 18.38 18.57
CA ALA D 451 26.51 18.65 17.35
C ALA D 451 27.56 19.74 17.56
N ARG D 452 27.27 20.67 18.46
CA ARG D 452 28.11 21.83 18.72
C ARG D 452 28.33 21.99 20.23
N PRO D 453 29.09 21.06 20.85
CA PRO D 453 29.20 20.99 22.31
C PRO D 453 29.79 22.23 22.98
N ASP D 454 30.62 22.96 22.24
CA ASP D 454 31.28 24.14 22.78
C ASP D 454 30.61 25.46 22.37
N GLN D 455 29.40 25.36 21.81
CA GLN D 455 28.65 26.55 21.36
C GLN D 455 27.37 26.77 22.18
N PRO D 456 26.97 28.04 22.37
CA PRO D 456 25.70 28.30 23.07
C PRO D 456 24.51 27.85 22.22
N THR D 457 23.52 27.25 22.87
CA THR D 457 22.31 26.80 22.21
C THR D 457 21.17 27.44 22.97
N PHE D 458 20.40 28.30 22.30
CA PHE D 458 19.16 28.85 22.87
C PHE D 458 17.94 28.25 22.17
N LEU D 459 16.90 27.97 22.94
CA LEU D 459 15.61 27.54 22.41
C LEU D 459 14.51 28.54 22.77
N ILE D 460 13.66 28.88 21.78
CA ILE D 460 12.41 29.57 22.03
C ILE D 460 11.23 28.66 21.62
N ALA D 461 10.25 28.55 22.52
CA ALA D 461 9.05 27.76 22.30
C ALA D 461 7.86 28.47 22.92
N GLY D 462 6.66 28.16 22.43
CA GLY D 462 5.42 28.68 22.99
C GLY D 462 4.83 27.65 23.95
N ASP D 463 3.88 28.07 24.77
CA ASP D 463 3.33 27.17 25.79
C ASP D 463 2.64 25.94 25.18
N GLY D 464 1.92 26.14 24.07
CA GLY D 464 1.20 25.06 23.40
C GLY D 464 2.14 23.97 22.92
N GLY D 465 3.10 24.35 22.09
CA GLY D 465 4.10 23.44 21.54
C GLY D 465 5.07 22.90 22.57
N PHE D 466 5.58 23.76 23.45
CA PHE D 466 6.52 23.32 24.48
C PHE D 466 5.90 22.23 25.36
N HIS D 467 4.68 22.47 25.84
CA HIS D 467 4.08 21.54 26.78
C HIS D 467 3.68 20.21 26.15
N SER D 468 3.51 20.21 24.82
CA SER D 468 3.18 18.98 24.11
C SER D 468 4.31 17.96 24.23
N ASN D 469 5.52 18.46 24.49
CA ASN D 469 6.72 17.63 24.56
C ASN D 469 7.70 18.03 25.70
N SER D 470 7.16 18.53 26.81
CA SER D 470 7.97 19.13 27.88
C SER D 470 8.69 18.13 28.77
N SER D 471 8.23 16.88 28.76
CA SER D 471 8.78 15.85 29.62
C SER D 471 10.25 15.57 29.40
N ASP D 472 10.73 15.82 28.17
CA ASP D 472 12.14 15.63 27.85
C ASP D 472 13.04 16.72 28.41
N LEU D 473 12.47 17.64 29.20
CA LEU D 473 13.28 18.48 30.08
C LEU D 473 14.19 17.62 30.96
N GLU D 474 13.69 16.48 31.42
CA GLU D 474 14.46 15.56 32.27
C GLU D 474 15.67 14.98 31.52
N THR D 475 15.53 14.78 30.22
CA THR D 475 16.62 14.28 29.37
C THR D 475 17.72 15.33 29.27
N ILE D 476 17.32 16.59 29.09
CA ILE D 476 18.26 17.69 29.01
C ILE D 476 19.07 17.79 30.32
N ALA D 477 18.39 17.65 31.46
CA ALA D 477 19.05 17.63 32.77
C ALA D 477 19.96 16.40 32.92
N ARG D 478 19.46 15.22 32.54
CA ARG D 478 20.22 13.96 32.64
C ARG D 478 21.51 14.00 31.83
N LEU D 479 21.44 14.50 30.60
CA LEU D 479 22.61 14.63 29.75
C LEU D 479 23.42 15.89 30.09
N ASN D 480 22.90 16.70 31.01
CA ASN D 480 23.50 17.99 31.38
C ASN D 480 23.90 18.84 30.17
N LEU D 481 22.97 19.00 29.23
CA LEU D 481 23.21 19.88 28.08
C LEU D 481 22.82 21.29 28.47
N PRO D 482 23.80 22.22 28.41
CA PRO D 482 23.58 23.60 28.88
C PRO D 482 22.73 24.46 27.94
N ILE D 483 21.60 23.92 27.52
CA ILE D 483 20.64 24.63 26.66
C ILE D 483 19.88 25.66 27.49
N VAL D 484 19.74 26.88 26.96
CA VAL D 484 18.89 27.91 27.57
C VAL D 484 17.57 28.00 26.81
N THR D 485 16.47 27.66 27.49
CA THR D 485 15.12 27.65 26.91
C THR D 485 14.31 28.88 27.35
N VAL D 486 13.71 29.56 26.37
CA VAL D 486 12.71 30.59 26.65
C VAL D 486 11.32 30.09 26.27
N VAL D 487 10.41 30.06 27.23
CA VAL D 487 9.03 29.71 26.96
C VAL D 487 8.18 30.97 26.92
N VAL D 488 7.64 31.29 25.75
CA VAL D 488 6.72 32.41 25.61
C VAL D 488 5.28 31.92 25.84
N ASN D 489 4.67 32.42 26.93
CA ASN D 489 3.40 31.86 27.43
C ASN D 489 2.21 32.79 27.30
N ASN D 490 1.18 32.37 26.56
CA ASN D 490 -0.09 33.09 26.51
C ASN D 490 -1.33 32.23 26.77
N ASP D 491 -1.12 31.06 27.38
CA ASP D 491 -2.19 30.12 27.73
C ASP D 491 -3.08 29.76 26.54
N THR D 492 -2.48 29.71 25.34
CA THR D 492 -3.23 29.55 24.10
C THR D 492 -2.38 28.89 23.03
N ASN D 493 -3.01 28.07 22.18
CA ASN D 493 -2.44 27.76 20.87
C ASN D 493 -2.72 28.95 19.97
N GLY D 494 -1.81 29.92 20.02
CA GLY D 494 -2.05 31.27 19.51
C GLY D 494 -2.24 31.39 18.00
N LEU D 495 -1.34 30.76 17.24
CA LEU D 495 -1.43 30.74 15.79
C LEU D 495 -2.79 30.21 15.33
N ILE D 496 -3.30 29.22 16.07
CA ILE D 496 -4.58 28.59 15.74
C ILE D 496 -5.74 29.55 16.00
N GLU D 497 -5.66 30.35 17.06
CA GLU D 497 -6.66 31.40 17.31
C GLU D 497 -6.64 32.43 16.16
N LEU D 498 -5.45 32.79 15.68
CA LEU D 498 -5.33 33.63 14.49
C LEU D 498 -6.08 33.02 13.28
N TYR D 499 -5.81 31.74 13.00
CA TYR D 499 -6.52 31.05 11.91
C TYR D 499 -8.03 31.05 12.08
N GLN D 500 -8.51 30.84 13.30
CA GLN D 500 -9.94 30.92 13.60
C GLN D 500 -10.50 32.27 13.16
N ASN D 501 -9.75 33.34 13.48
CA ASN D 501 -10.14 34.71 13.16
C ASN D 501 -10.09 35.05 11.67
N ILE D 502 -9.03 34.60 10.99
CA ILE D 502 -8.92 34.69 9.53
C ILE D 502 -10.10 34.01 8.83
N GLY D 503 -10.46 32.81 9.27
CA GLY D 503 -11.49 32.04 8.61
C GLY D 503 -12.94 32.39 8.97
N HIS D 504 -13.16 32.74 10.23
CA HIS D 504 -14.52 32.88 10.77
C HIS D 504 -14.83 34.27 11.36
N HIS D 505 -13.82 35.14 11.41
CA HIS D 505 -13.90 36.48 12.02
C HIS D 505 -14.25 36.51 13.51
N ARG D 506 -14.00 35.38 14.18
CA ARG D 506 -14.13 35.25 15.63
C ARG D 506 -13.38 34.02 16.14
N SER D 507 -13.14 33.98 17.45
CA SER D 507 -12.46 32.89 18.13
C SER D 507 -13.45 31.86 18.66
N HIS D 508 -12.93 30.68 18.98
CA HIS D 508 -13.69 29.69 19.72
C HIS D 508 -12.76 29.01 20.72
N ASP D 509 -12.87 29.47 21.97
CA ASP D 509 -11.93 29.11 23.03
C ASP D 509 -11.77 27.61 23.36
N PRO D 510 -12.88 26.83 23.36
CA PRO D 510 -12.69 25.39 23.63
C PRO D 510 -11.68 24.69 22.69
N ALA D 511 -11.37 25.30 21.56
CA ALA D 511 -10.47 24.74 20.55
C ALA D 511 -9.01 25.23 20.63
N VAL D 512 -8.76 26.30 21.41
CA VAL D 512 -7.43 26.92 21.49
C VAL D 512 -6.89 27.30 22.88
N LYS D 513 -7.77 27.43 23.89
CA LYS D 513 -7.36 27.97 25.20
C LYS D 513 -7.01 26.91 26.22
N PHE D 514 -5.94 27.17 26.96
CA PHE D 514 -5.53 26.34 28.08
C PHE D 514 -5.74 27.05 29.43
N GLY D 515 -5.61 26.28 30.50
CA GLY D 515 -5.43 26.83 31.84
C GLY D 515 -3.97 27.20 32.04
N GLY D 516 -3.64 27.66 33.24
CA GLY D 516 -2.26 28.06 33.53
C GLY D 516 -1.34 26.87 33.77
N VAL D 517 -0.14 26.97 33.21
CA VAL D 517 0.95 26.04 33.53
C VAL D 517 2.10 26.87 34.03
N ASP D 518 2.66 26.48 35.17
CA ASP D 518 3.83 27.18 35.71
C ASP D 518 5.07 26.47 35.15
N PHE D 519 5.70 27.09 34.15
CA PHE D 519 6.81 26.46 33.43
C PHE D 519 8.12 26.52 34.21
N VAL D 520 8.21 27.49 35.11
CA VAL D 520 9.33 27.59 36.04
C VAL D 520 9.31 26.39 36.99
N ALA D 521 8.17 26.15 37.62
CA ALA D 521 8.00 25.00 38.52
C ALA D 521 8.09 23.66 37.77
N LEU D 522 7.60 23.66 36.53
CA LEU D 522 7.70 22.50 35.64
C LEU D 522 9.15 22.12 35.38
N ALA D 523 9.97 23.11 35.02
CA ALA D 523 11.38 22.89 34.76
C ALA D 523 12.08 22.35 36.00
N GLU D 524 11.78 22.95 37.15
CA GLU D 524 12.45 22.57 38.39
C GLU D 524 12.05 21.19 38.88
N ALA D 525 10.82 20.77 38.58
CA ALA D 525 10.38 19.40 38.87
C ALA D 525 11.21 18.38 38.09
N ASN D 526 11.74 18.80 36.94
CA ASN D 526 12.55 17.97 36.05
C ASN D 526 14.05 18.10 36.34
N GLY D 527 14.38 18.88 37.36
CA GLY D 527 15.78 19.10 37.75
C GLY D 527 16.48 20.18 36.95
N VAL D 528 15.70 21.04 36.29
CA VAL D 528 16.26 22.14 35.49
C VAL D 528 15.99 23.47 36.20
N ASP D 529 17.04 24.25 36.44
CA ASP D 529 16.91 25.57 37.07
C ASP D 529 16.12 26.50 36.16
N ALA D 530 15.28 27.34 36.74
CA ALA D 530 14.39 28.21 35.95
C ALA D 530 14.03 29.52 36.65
N THR D 531 13.59 30.49 35.85
CA THR D 531 13.13 31.79 36.36
C THR D 531 12.07 32.43 35.45
N ARG D 532 11.30 33.37 36.01
CA ARG D 532 10.32 34.13 35.23
CA ARG D 532 10.31 34.14 35.24
C ARG D 532 10.89 35.50 34.88
N ALA D 533 10.67 35.93 33.63
CA ALA D 533 11.15 37.24 33.18
C ALA D 533 10.01 37.97 32.49
N THR D 534 9.70 39.19 32.95
CA THR D 534 8.47 39.88 32.53
C THR D 534 8.74 41.13 31.70
N ASN D 535 10.02 41.45 31.53
CA ASN D 535 10.46 42.61 30.75
C ASN D 535 11.86 42.41 30.21
N ARG D 536 12.31 43.33 29.36
CA ARG D 536 13.63 43.28 28.75
C ARG D 536 14.76 43.10 29.77
N GLU D 537 14.70 43.86 30.87
CA GLU D 537 15.78 43.82 31.85
C GLU D 537 15.84 42.47 32.55
N GLU D 538 14.69 41.96 33.00
CA GLU D 538 14.65 40.65 33.63
C GLU D 538 15.08 39.55 32.65
N LEU D 539 14.70 39.71 31.38
CA LEU D 539 14.98 38.69 30.36
C LEU D 539 16.46 38.63 29.99
N LEU D 540 17.06 39.80 29.76
CA LEU D 540 18.51 39.88 29.56
C LEU D 540 19.30 39.26 30.72
N ALA D 541 18.90 39.55 31.95
CA ALA D 541 19.58 39.02 33.13
C ALA D 541 19.45 37.50 33.19
N ALA D 542 18.24 37.01 32.96
CA ALA D 542 17.95 35.58 32.94
C ALA D 542 18.78 34.84 31.88
N LEU D 543 18.89 35.42 30.69
CA LEU D 543 19.59 34.80 29.57
C LEU D 543 21.10 34.76 29.82
N ARG D 544 21.65 35.87 30.32
CA ARG D 544 23.07 35.96 30.65
C ARG D 544 23.46 34.98 31.76
N LYS D 545 22.62 34.89 32.79
CA LYS D 545 22.79 33.91 33.85
C LYS D 545 22.81 32.51 33.23
N GLY D 546 21.79 32.21 32.43
CA GLY D 546 21.65 30.91 31.78
C GLY D 546 22.82 30.58 30.90
N ALA D 547 23.27 31.56 30.12
CA ALA D 547 24.35 31.37 29.17
C ALA D 547 25.68 30.96 29.82
N GLU D 548 25.91 31.41 31.06
CA GLU D 548 27.15 31.11 31.77
C GLU D 548 26.98 30.07 32.87
N LEU D 549 25.79 29.48 32.97
CA LEU D 549 25.45 28.60 34.09
C LEU D 549 26.16 27.23 34.07
N GLY D 550 26.52 26.75 32.88
CA GLY D 550 27.15 25.45 32.75
C GLY D 550 26.21 24.29 32.99
N ARG D 551 24.91 24.61 33.07
CA ARG D 551 23.82 23.65 33.23
C ARG D 551 22.67 24.18 32.39
N PRO D 552 21.67 23.33 32.06
CA PRO D 552 20.47 23.84 31.41
C PRO D 552 19.69 24.87 32.26
N PHE D 553 19.02 25.81 31.59
CA PHE D 553 18.27 26.87 32.25
C PHE D 553 16.99 27.16 31.46
N LEU D 554 15.88 27.34 32.17
CA LEU D 554 14.60 27.71 31.52
C LEU D 554 14.06 29.05 32.00
N ILE D 555 13.57 29.83 31.04
CA ILE D 555 13.03 31.16 31.32
C ILE D 555 11.60 31.22 30.82
N GLU D 556 10.65 31.44 31.73
CA GLU D 556 9.26 31.67 31.32
C GLU D 556 9.01 33.16 31.14
N VAL D 557 8.43 33.50 30.00
CA VAL D 557 8.09 34.88 29.66
C VAL D 557 6.63 34.97 29.24
N PRO D 558 5.79 35.68 30.04
CA PRO D 558 4.43 35.94 29.58
C PRO D 558 4.43 36.84 28.34
N VAL D 559 3.62 36.50 27.34
CA VAL D 559 3.48 37.30 26.12
C VAL D 559 2.02 37.49 25.71
N ASN D 560 1.80 38.40 24.77
CA ASN D 560 0.49 38.59 24.15
C ASN D 560 0.67 38.97 22.67
N TYR D 561 -0.37 38.74 21.88
CA TYR D 561 -0.32 39.04 20.45
C TYR D 561 -1.37 40.09 20.03
MG MG E . -17.68 -7.94 -32.54
K K F . -34.60 -32.40 -23.63
K K G . -4.00 -13.72 -24.30
N1' TP9 H . -10.39 -5.21 -22.12
C2' TP9 H . -10.81 -6.17 -21.27
CM2 TP9 H . -9.83 -7.14 -20.67
N3' TP9 H . -12.13 -6.27 -20.95
C4' TP9 H . -13.03 -5.40 -21.45
N4' TP9 H . -14.33 -5.53 -21.08
C5' TP9 H . -12.60 -4.41 -22.34
C6' TP9 H . -11.24 -4.33 -22.66
C7' TP9 H . -13.54 -3.39 -22.96
N3 TP9 H . -14.46 -4.10 -23.81
S1 TP9 H . -16.83 -5.18 -24.73
C5 TP9 H . -15.37 -5.14 -25.61
C4 TP9 H . -14.34 -4.49 -25.09
CM4 TP9 H . -13.08 -4.17 -25.86
C6 TP9 H . -15.25 -5.84 -26.95
C7 TP9 H . -16.55 -6.48 -27.44
O7 TP9 H . -16.35 -6.94 -28.79
PA TP9 H . -16.94 -8.36 -29.25
O1A TP9 H . -16.70 -8.52 -30.74
O2A TP9 H . -16.48 -9.44 -28.31
O3A TP9 H . -18.53 -8.15 -28.97
PB TP9 H . -19.50 -7.08 -29.69
O1B TP9 H . -20.79 -7.85 -29.73
O2B TP9 H . -19.60 -5.89 -28.78
O3B TP9 H . -18.90 -6.82 -31.06
O1 TAR I . -16.67 -2.57 -20.34
O11 TAR I . -16.59 -4.29 -21.75
C1 TAR I . -17.12 -3.63 -20.82
C2 TAR I . -18.44 -4.20 -20.23
O2 TAR I . -19.17 -4.90 -21.24
C3 TAR I . -19.33 -3.09 -19.65
O3 TAR I . -19.22 -1.93 -20.49
C4 TAR I . -20.81 -3.53 -19.57
O4 TAR I . -21.08 -4.66 -19.13
O41 TAR I . -21.65 -2.69 -19.95
MG MG J . 8.01 -25.68 -26.79
K K K . 22.83 -7.53 -47.19
N1' TP9 L . 3.87 -17.36 -17.72
C2' TP9 L . 4.36 -16.18 -18.15
CM2 TP9 L . 3.45 -15.01 -18.42
N3' TP9 L . 5.70 -16.03 -18.36
C4' TP9 L . 6.54 -17.05 -18.14
N4' TP9 L . 7.88 -16.84 -18.36
C5' TP9 L . 6.05 -18.28 -17.68
C6' TP9 L . 4.66 -18.41 -17.47
C7' TP9 L . 6.95 -19.46 -17.38
N3 TP9 L . 7.59 -19.89 -18.60
S1 TP9 L . 9.49 -20.31 -20.55
C5 TP9 L . 7.90 -20.94 -20.59
C4 TP9 L . 7.11 -20.72 -19.53
CM4 TP9 L . 5.76 -21.36 -19.34
C6 TP9 L . 7.35 -21.70 -21.78
C7 TP9 L . 8.38 -21.93 -22.87
O7 TP9 L . 7.82 -22.85 -23.82
PA TP9 L . 7.99 -22.59 -25.39
O1A TP9 L . 7.31 -23.72 -26.13
O2A TP9 L . 7.64 -21.15 -25.72
O3A TP9 L . 9.58 -22.68 -25.55
PB TP9 L . 10.48 -23.98 -25.17
O1B TP9 L . 11.60 -23.85 -26.16
O2B TP9 L . 10.88 -23.78 -23.72
O3B TP9 L . 9.58 -25.17 -25.38
C1 GOL M . 25.35 -30.61 -31.43
O1 GOL M . 25.23 -31.31 -30.21
C2 GOL M . 26.79 -30.71 -31.93
O2 GOL M . 27.51 -29.56 -31.54
C3 GOL M . 26.82 -30.82 -33.45
O3 GOL M . 28.00 -30.23 -33.93
MG MG N . 9.55 2.97 36.78
K K O . -18.82 2.42 49.56
K K P . 4.28 13.55 24.52
C8 TP8 Q . 6.56 -2.26 27.45
C5 TP8 Q . 7.86 0.69 29.74
C4 TP8 Q . 8.32 0.93 28.35
N3 TP8 Q . 7.91 -0.05 27.51
C2 TP8 Q . 7.16 -1.03 28.07
C6 TP8 Q . 8.10 1.54 30.95
O3C TP8 Q . 5.89 -7.72 27.73
PC TP8 Q . 4.85 -6.64 27.57
O1C TP8 Q . 4.34 -6.45 26.17
O2C TP8 Q . 3.76 -6.64 28.63
O10 TP8 Q . 5.66 -5.27 27.90
C10 TP8 Q . 6.65 -4.73 27.03
C9 TP8 Q . 7.17 -3.44 27.63
O8 TP8 Q . 5.54 -2.19 26.77
C7, TP8 Q . 8.23 0.01 26.09
C5, TP8 Q . 7.34 1.06 25.44
C4, TP8 Q . 5.95 1.12 25.62
N4, TP8 Q . 5.27 0.25 26.40
N3, TP8 Q . 5.22 2.08 25.01
C2, TP8 Q . 5.82 2.99 24.22
CM2 TP8 Q . 5.00 4.05 23.52
N1, TP8 Q . 7.16 2.95 24.03
C6, TP8 Q . 7.92 2.02 24.63
CM4 TP8 Q . 9.15 2.14 27.98
S1 TP8 Q . 6.93 -0.77 29.77
C7 TP8 Q . 7.82 0.85 32.26
O7 TP8 Q . 8.30 1.76 33.24
PA TP8 Q . 7.31 2.44 34.30
O1A TP8 Q . 8.15 3.37 35.14
O2A TP8 Q . 6.12 3.02 33.57
O3A TP8 Q . 6.79 1.15 35.13
PB TP8 Q . 7.70 -0.04 35.72
O2B TP8 Q . 7.94 -1.03 34.59
O3B TP8 Q . 8.96 0.66 36.19
O1B TP8 Q . 6.81 -0.59 36.80
N1' TP9 R . 6.98 3.29 24.19
C2' TP9 R . 5.65 3.04 24.03
CM2 TP9 R . 4.81 4.02 23.27
N3' TP9 R . 5.09 1.92 24.53
C4' TP9 R . 5.84 1.03 25.21
N4' TP9 R . 5.25 -0.09 25.71
C5' TP9 R . 7.20 1.27 25.37
C6' TP9 R . 7.76 2.44 24.87
C7' TP9 R . 8.09 0.31 26.14
N3 TP9 R . 7.54 0.49 27.49
S1 TP9 R . 5.90 0.09 29.60
C5 TP9 R . 7.19 1.20 29.57
C4 TP9 R . 7.97 1.23 28.51
CM4 TP9 R . 9.25 2.02 28.39
C6 TP9 R . 7.38 2.14 30.73
C7 TP9 R . 8.00 1.42 31.91
O7 TP9 R . 8.36 2.38 32.89
PA TP9 R . 7.36 2.82 34.07
O1A TP9 R . 8.17 3.61 35.06
O2A TP9 R . 6.13 3.47 33.47
O3A TP9 R . 6.88 1.41 34.70
PB TP9 R . 7.86 0.37 35.47
O1B TP9 R . 6.98 -0.21 36.55
O2B TP9 R . 8.26 -0.65 34.42
O3B TP9 R . 9.00 1.22 35.97
MG MG S . 0.81 30.18 23.12
K K T . 31.23 37.03 21.72
N1' TP9 U . -0.02 19.05 16.40
C2' TP9 U . 1.27 18.90 15.98
CM2 TP9 U . 2.05 17.65 16.30
N3' TP9 U . 1.86 19.87 15.26
C4' TP9 U . 1.21 21.02 14.95
N4' TP9 U . 1.87 21.95 14.22
C5' TP9 U . -0.12 21.20 15.37
C6' TP9 U . -0.72 20.17 16.12
C7' TP9 U . -0.91 22.44 15.03
N3 TP9 U . -0.27 23.62 15.59
S1 TP9 U . 1.17 25.95 15.92
C5 TP9 U . 0.25 25.21 17.13
C4 TP9 U . -0.47 24.13 16.81
CM4 TP9 U . -1.45 23.49 17.75
C6 TP9 U . 0.23 25.72 18.55
C7 TP9 U . 1.24 26.83 18.80
O7 TP9 U . 0.99 27.38 20.09
PA TP9 U . 2.21 27.87 21.01
O1A TP9 U . 1.67 28.22 22.37
O2A TP9 U . 3.33 26.84 20.95
O3A TP9 U . 2.73 29.17 20.20
PB TP9 U . 1.81 30.43 19.75
O1B TP9 U . 2.83 31.53 19.54
O2B TP9 U . 1.12 30.04 18.47
O3B TP9 U . 0.86 30.63 20.92
O1 TAR V . 0.60 25.25 12.38
O11 TAR V . 1.91 23.47 12.09
C1 TAR V . 1.63 24.67 11.95
C2 TAR V . 2.67 25.54 11.20
O2 TAR V . 3.01 26.66 12.02
C3 TAR V . 2.13 26.01 9.84
O3 TAR V . 0.70 26.12 9.87
C4 TAR V . 2.76 27.35 9.38
O4 TAR V . 3.86 27.69 9.83
O41 TAR V . 2.10 28.02 8.54
#